data_5JHD
#
_entry.id   5JHD
#
_cell.length_a   49.710
_cell.length_b   101.840
_cell.length_c   113.550
_cell.angle_alpha   99.380
_cell.angle_beta   92.600
_cell.angle_gamma   103.450
#
_symmetry.space_group_name_H-M   'P 1'
#
loop_
_entity.id
_entity.type
_entity.pdbx_description
1 polymer 'HLA class I histocompatibility antigen, A-2 alpha chain'
2 polymer Beta-2-microglobulin
3 polymer 'Influenza M1(58-66) peptide'
4 polymer 'TCRalpha chain'
5 polymer 'TCRbeta chain'
6 non-polymer '{[-(BIS-CARBOXYMETHYL-AMINO)-ETHYL]-CARBOXYMETHYL-AMINO}-ACETIC ACID'
7 water water
#
loop_
_entity_poly.entity_id
_entity_poly.type
_entity_poly.pdbx_seq_one_letter_code
_entity_poly.pdbx_strand_id
1 'polypeptide(L)'
;GSHSMRYFFTSVSRPGRGEPRFIAVGYVDDTQFVRFDSDAASQRMEPRAPWIEQEGPEYWDGETRKVKAHSQTHRVDLGT
LRGYYNQSEAGSHTVQRMYGCDVGSDWRFLRGYHQYAYDGKDYIALKEDLRSWTAADMAAQTTKHKWEAAHVAEQLRAYL
EGTCVEWLRRYLENGKETLQRTDAPKTHMTHHAVSDHEATLRCWALSFYPAEITLTWQRDGEDQTQDTELVETRPAGDGT
FQKWAAVVVPSGQEQRYTCHVQHEGLPKPLTLRWEA
;
A,F
2 'polypeptide(L)'
;MIQRTPKIQVYSRHPAENGKSNFLNCYVSGFHPSDIEVDLLKNGERIEKVEHSDLSFSKDWSFYLLYYTEFTPTEKDEYA
CRVNHVTLSQPKIVKWDRDM
;
B,G
3 'polypeptide(L)' GILGFVFTL C,H
4 'polypeptide(L)'
;MIQTVTQSQPEMSVQEAETVTLSCTYDTSESDYYLFWYKQPPSRQMILVIRQEAYKQQNATENRFSVNFQKAAKSFSLKI
SDSQLGDAAMYFCAWGVNAGGTSYGKLTFGQGTILTVHPNIQNPDPAVYQLRDSKSSDKSVCLFTDFDSQTNVSQSKDSD
VYITDKCVLDMRSMDFKSNSAVAWSNKSDFACANAFNNSIIPEDTFFPSPESS
;
D,I
5 'polypeptide(L)'
;MIGGITQSPKYLFRKEGQNVTLSCEQNLNHDAMYWYRQDPGQGLRLIYYSQIVNDFQKGDIAEGYSVSREKKESFPLTVT
SAQKNPTAFYLCASSIGVYGYTFGSGTRLTVVEDLKNVFPPEVAVFEPSEAEISHTQKATLVCLATGFYPDHVELSWWVN
GKEVHSGVCTDPQPLKEQPALNDSRYALSSRLRVSATFWQNPRNHFRCQVQFYGLSENDEWTQDRAKPVTQIVSAEAWGR
AD
;
E,J
#
loop_
_chem_comp.id
_chem_comp.type
_chem_comp.name
_chem_comp.formula
EDT non-polymer '{[-(BIS-CARBOXYMETHYL-AMINO)-ETHYL]-CARBOXYMETHYL-AMINO}-ACETIC ACID' 'C10 H16 N2 O8'
#
# COMPACT_ATOMS: atom_id res chain seq x y z
N GLY A 1 -15.98 8.79 40.81
CA GLY A 1 -14.58 8.55 41.28
C GLY A 1 -13.56 9.19 40.36
N SER A 2 -12.30 8.76 40.50
CA SER A 2 -11.25 9.29 39.65
C SER A 2 -11.49 8.92 38.19
N HIS A 3 -10.95 9.73 37.29
CA HIS A 3 -11.02 9.46 35.87
C HIS A 3 -9.73 9.93 35.22
N SER A 4 -9.53 9.52 33.97
CA SER A 4 -8.31 9.89 33.26
C SER A 4 -8.56 9.86 31.76
N MET A 5 -7.78 10.67 31.05
CA MET A 5 -7.68 10.59 29.60
C MET A 5 -6.21 10.45 29.26
N ARG A 6 -5.87 9.44 28.47
CA ARG A 6 -4.49 9.21 28.07
C ARG A 6 -4.43 8.93 26.57
N TYR A 7 -3.41 9.46 25.93
CA TYR A 7 -3.11 9.18 24.53
C TYR A 7 -1.77 8.46 24.45
N PHE A 8 -1.75 7.33 23.76
CA PHE A 8 -0.56 6.50 23.62
C PHE A 8 -0.09 6.53 22.17
N PHE A 9 1.18 6.83 21.96
CA PHE A 9 1.75 6.95 20.62
C PHE A 9 2.93 6.00 20.48
N THR A 10 2.98 5.29 19.35
CA THR A 10 4.05 4.34 19.08
C THR A 10 4.59 4.59 17.68
N SER A 11 5.91 4.76 17.57
CA SER A 11 6.58 4.95 16.30
C SER A 11 7.68 3.91 16.17
N VAL A 12 7.69 3.20 15.05
CA VAL A 12 8.63 2.11 14.81
C VAL A 12 9.25 2.32 13.45
N SER A 13 10.58 2.48 13.42
CA SER A 13 11.28 2.60 12.15
C SER A 13 11.33 1.27 11.43
N ARG A 14 11.33 1.33 10.09
CA ARG A 14 11.35 0.14 9.24
C ARG A 14 12.32 0.39 8.09
N PRO A 15 13.62 0.45 8.40
CA PRO A 15 14.61 0.71 7.34
C PRO A 15 14.55 -0.32 6.23
N GLY A 16 14.62 0.15 4.99
CA GLY A 16 14.55 -0.72 3.84
C GLY A 16 13.16 -1.27 3.56
N ARG A 17 12.17 -0.92 4.38
CA ARG A 17 10.80 -1.34 4.16
C ARG A 17 9.83 -0.20 3.89
N GLY A 18 10.05 0.96 4.49
CA GLY A 18 9.23 2.13 4.19
C GLY A 18 9.25 3.12 5.33
N GLU A 19 8.23 3.99 5.33
CA GLU A 19 8.12 4.97 6.39
C GLU A 19 7.93 4.25 7.72
N PRO A 20 8.29 4.90 8.83
CA PRO A 20 8.08 4.27 10.14
C PRO A 20 6.60 4.08 10.41
N ARG A 21 6.28 2.98 11.09
CA ARG A 21 4.91 2.76 11.55
C ARG A 21 4.56 3.78 12.62
N PHE A 22 3.32 4.27 12.58
CA PHE A 22 2.84 5.18 13.60
C PHE A 22 1.43 4.79 14.03
N ILE A 23 1.23 4.63 15.33
CA ILE A 23 -0.08 4.32 15.88
C ILE A 23 -0.35 5.27 17.05
N ALA A 24 -1.53 5.88 17.03
CA ALA A 24 -2.03 6.68 18.13
C ALA A 24 -3.33 6.07 18.61
N VAL A 25 -3.49 5.95 19.93
CA VAL A 25 -4.74 5.50 20.53
C VAL A 25 -5.02 6.38 21.73
N GLY A 26 -6.29 6.74 21.90
CA GLY A 26 -6.72 7.57 23.01
C GLY A 26 -7.67 6.78 23.90
N TYR A 27 -7.50 6.94 25.21
CA TYR A 27 -8.30 6.24 26.19
C TYR A 27 -8.95 7.23 27.15
N VAL A 28 -10.17 6.93 27.56
CA VAL A 28 -10.79 7.51 28.75
C VAL A 28 -10.93 6.37 29.75
N ASP A 29 -10.16 6.42 30.82
CA ASP A 29 -10.10 5.32 31.80
C ASP A 29 -9.66 4.07 31.04
N ASP A 30 -10.38 2.94 31.14
CA ASP A 30 -10.02 1.70 30.47
C ASP A 30 -10.80 1.52 29.18
N THR A 31 -11.19 2.60 28.52
CA THR A 31 -12.01 2.56 27.32
C THR A 31 -11.33 3.36 26.22
N GLN A 32 -11.03 2.70 25.10
CA GLN A 32 -10.48 3.38 23.95
C GLN A 32 -11.59 4.02 23.14
N PHE A 33 -11.34 5.23 22.62
CA PHE A 33 -12.35 5.93 21.84
C PHE A 33 -11.86 6.48 20.50
N VAL A 34 -10.55 6.56 20.25
CA VAL A 34 -10.04 7.02 18.96
C VAL A 34 -8.74 6.31 18.64
N ARG A 35 -8.40 6.28 17.35
CA ARG A 35 -7.14 5.71 16.90
C ARG A 35 -6.69 6.40 15.63
N PHE A 36 -5.39 6.32 15.37
CA PHE A 36 -4.84 6.69 14.08
C PHE A 36 -3.79 5.64 13.73
N ASP A 37 -3.88 5.10 12.51
CA ASP A 37 -3.01 4.02 12.06
C ASP A 37 -2.36 4.44 10.75
N SER A 38 -1.04 4.63 10.78
CA SER A 38 -0.32 4.98 9.56
C SER A 38 -0.50 3.95 8.46
N ASP A 39 -0.70 2.68 8.83
CA ASP A 39 -0.81 1.61 7.86
C ASP A 39 -2.24 1.38 7.38
N ALA A 40 -3.20 2.16 7.87
CA ALA A 40 -4.58 2.01 7.45
C ALA A 40 -4.85 2.89 6.22
N ALA A 41 -6.01 2.64 5.59
CA ALA A 41 -6.33 3.33 4.34
C ALA A 41 -6.92 4.72 4.58
N SER A 42 -7.59 4.94 5.71
CA SER A 42 -8.29 6.22 5.90
C SER A 42 -7.32 7.37 6.07
N GLN A 43 -6.20 7.15 6.77
CA GLN A 43 -5.24 8.22 7.06
C GLN A 43 -5.90 9.37 7.82
N ARG A 44 -6.91 9.04 8.63
CA ARG A 44 -7.58 10.02 9.47
C ARG A 44 -7.74 9.47 10.89
N MET A 45 -7.97 10.37 11.82
CA MET A 45 -8.34 9.95 13.17
C MET A 45 -9.71 9.31 13.12
N GLU A 46 -9.83 8.10 13.68
CA GLU A 46 -11.05 7.32 13.54
C GLU A 46 -11.72 7.13 14.91
N PRO A 47 -13.05 7.14 14.96
CA PRO A 47 -13.73 6.83 16.22
C PRO A 47 -13.62 5.36 16.58
N ARG A 48 -13.50 5.08 17.89
CA ARG A 48 -13.48 3.71 18.39
C ARG A 48 -14.48 3.50 19.52
N ALA A 49 -15.33 4.48 19.80
CA ALA A 49 -16.41 4.34 20.75
C ALA A 49 -17.65 5.01 20.15
N PRO A 50 -18.85 4.52 20.47
CA PRO A 50 -20.04 5.14 19.88
C PRO A 50 -20.26 6.57 20.35
N TRP A 51 -19.84 6.91 21.56
CA TRP A 51 -20.11 8.23 22.11
C TRP A 51 -19.18 9.32 21.57
N ILE A 52 -18.13 8.96 20.84
CA ILE A 52 -17.28 9.95 20.19
C ILE A 52 -17.72 10.22 18.76
N GLU A 53 -18.56 9.35 18.20
CA GLU A 53 -19.02 9.54 16.83
C GLU A 53 -19.93 10.75 16.69
N GLN A 54 -20.56 11.21 17.78
CA GLN A 54 -21.44 12.37 17.71
C GLN A 54 -20.68 13.66 17.44
N GLU A 55 -19.35 13.66 17.57
CA GLU A 55 -18.57 14.85 17.28
C GLU A 55 -18.69 15.22 15.81
N GLY A 56 -18.67 16.52 15.53
CA GLY A 56 -18.87 17.01 14.19
C GLY A 56 -17.63 16.91 13.33
N PRO A 57 -17.78 17.29 12.07
CA PRO A 57 -16.63 17.18 11.14
C PRO A 57 -15.41 17.96 11.58
N GLU A 58 -15.60 19.15 12.15
CA GLU A 58 -14.46 19.98 12.54
C GLU A 58 -13.61 19.28 13.61
N TYR A 59 -14.23 18.47 14.46
CA TYR A 59 -13.46 17.73 15.46
C TYR A 59 -12.53 16.73 14.79
N TRP A 60 -13.04 15.97 13.83
CA TRP A 60 -12.24 14.91 13.21
C TRP A 60 -11.18 15.48 12.29
N ASP A 61 -11.47 16.59 11.60
CA ASP A 61 -10.44 17.22 10.79
C ASP A 61 -9.32 17.78 11.66
N GLY A 62 -9.67 18.36 12.82
CA GLY A 62 -8.64 18.88 13.71
C GLY A 62 -7.76 17.79 14.27
N GLU A 63 -8.37 16.74 14.83
CA GLU A 63 -7.58 15.62 15.36
C GLU A 63 -6.74 14.99 14.27
N THR A 64 -7.29 14.84 13.08
CA THR A 64 -6.49 14.36 11.95
C THR A 64 -5.31 15.28 11.70
N ARG A 65 -5.55 16.59 11.62
CA ARG A 65 -4.49 17.54 11.33
C ARG A 65 -3.45 17.56 12.43
N LYS A 66 -3.88 17.43 13.68
CA LYS A 66 -2.93 17.41 14.79
C LYS A 66 -2.14 16.09 14.82
N VAL A 67 -2.82 14.97 14.63
CA VAL A 67 -2.15 13.68 14.81
C VAL A 67 -1.16 13.42 13.68
N LYS A 68 -1.40 13.97 12.49
CA LYS A 68 -0.42 13.85 11.42
C LYS A 68 0.82 14.67 11.72
N ALA A 69 0.66 15.77 12.46
CA ALA A 69 1.82 16.54 12.93
C ALA A 69 2.59 15.79 14.01
N HIS A 70 1.87 15.09 14.89
CA HIS A 70 2.53 14.13 15.78
C HIS A 70 3.31 13.11 14.98
N SER A 71 2.68 12.54 13.96
CA SER A 71 3.34 11.54 13.13
C SER A 71 4.62 12.10 12.54
N GLN A 72 4.56 13.32 12.00
CA GLN A 72 5.74 13.92 11.43
C GLN A 72 6.82 14.17 12.48
N THR A 73 6.41 14.50 13.70
CA THR A 73 7.38 14.82 14.75
C THR A 73 8.12 13.57 15.19
N HIS A 74 7.41 12.47 15.42
CA HIS A 74 8.07 11.23 15.82
C HIS A 74 8.93 10.68 14.70
N ARG A 75 8.53 10.91 13.45
CA ARG A 75 9.38 10.54 12.33
C ARG A 75 10.73 11.25 12.40
N VAL A 76 10.73 12.55 12.72
CA VAL A 76 11.98 13.27 12.90
C VAL A 76 12.73 12.75 14.13
N ASP A 77 12.00 12.49 15.22
CA ASP A 77 12.63 12.08 16.46
C ASP A 77 13.37 10.74 16.29
N LEU A 78 12.81 9.81 15.51
CA LEU A 78 13.49 8.55 15.27
C LEU A 78 14.89 8.77 14.71
N GLY A 79 15.04 9.69 13.76
CA GLY A 79 16.35 9.98 13.22
C GLY A 79 17.25 10.71 14.20
N THR A 80 16.68 11.57 15.04
CA THR A 80 17.48 12.30 16.02
C THR A 80 18.05 11.35 17.07
N LEU A 81 17.21 10.44 17.57
CA LEU A 81 17.68 9.47 18.56
C LEU A 81 18.73 8.53 17.95
N ARG A 82 18.56 8.17 16.69
CA ARG A 82 19.58 7.38 16.01
C ARG A 82 20.93 8.07 16.07
N GLY A 83 20.93 9.40 15.97
CA GLY A 83 22.16 10.17 16.07
C GLY A 83 22.66 10.30 17.49
N TYR A 84 21.76 10.61 18.43
CA TYR A 84 22.16 10.72 19.83
C TYR A 84 22.91 9.47 20.29
N TYR A 85 22.43 8.29 19.91
CA TYR A 85 23.03 7.04 20.35
C TYR A 85 23.95 6.42 19.31
N ASN A 86 24.23 7.13 18.21
CA ASN A 86 25.15 6.65 17.19
C ASN A 86 24.79 5.24 16.73
N GLN A 87 23.50 5.00 16.53
CA GLN A 87 23.02 3.72 16.06
C GLN A 87 22.98 3.72 14.53
N SER A 88 23.15 2.54 13.95
CA SER A 88 23.17 2.41 12.51
C SER A 88 21.76 2.55 11.94
N GLU A 89 21.69 2.88 10.66
CA GLU A 89 20.42 3.01 9.97
C GLU A 89 19.78 1.67 9.63
N ALA A 90 20.42 0.56 10.01
CA ALA A 90 19.92 -0.76 9.63
C ALA A 90 18.83 -1.24 10.58
N GLY A 91 19.04 -1.11 11.88
CA GLY A 91 18.12 -1.68 12.84
C GLY A 91 16.84 -0.90 13.00
N SER A 92 15.82 -1.58 13.50
CA SER A 92 14.54 -0.98 13.80
C SER A 92 14.49 -0.53 15.25
N HIS A 93 13.96 0.68 15.48
CA HIS A 93 13.90 1.26 16.81
C HIS A 93 12.51 1.85 17.06
N THR A 94 12.14 1.89 18.34
CA THR A 94 10.80 2.27 18.75
C THR A 94 10.84 3.52 19.61
N VAL A 95 9.93 4.45 19.33
CA VAL A 95 9.69 5.60 20.18
C VAL A 95 8.26 5.48 20.69
N GLN A 96 8.10 5.53 22.00
CA GLN A 96 6.79 5.53 22.64
C GLN A 96 6.61 6.82 23.42
N ARG A 97 5.38 7.31 23.44
CA ARG A 97 5.06 8.58 24.07
C ARG A 97 3.66 8.47 24.66
N MET A 98 3.50 9.00 25.87
CA MET A 98 2.22 8.98 26.55
C MET A 98 2.01 10.31 27.28
N TYR A 99 0.84 10.91 27.12
CA TYR A 99 0.50 12.07 27.91
C TYR A 99 -1.00 12.07 28.19
N GLY A 100 -1.39 12.88 29.16
CA GLY A 100 -2.77 12.95 29.57
C GLY A 100 -2.89 13.56 30.95
N CYS A 101 -4.07 13.40 31.53
CA CYS A 101 -4.37 14.00 32.81
C CYS A 101 -5.31 13.10 33.61
N ASP A 102 -5.19 13.18 34.93
CA ASP A 102 -6.12 12.54 35.85
C ASP A 102 -6.99 13.59 36.52
N VAL A 103 -8.18 13.16 36.95
CA VAL A 103 -9.09 14.01 37.71
C VAL A 103 -9.66 13.19 38.85
N GLY A 104 -10.11 13.90 39.89
CA GLY A 104 -10.74 13.28 41.02
C GLY A 104 -12.25 13.18 40.88
N SER A 105 -12.91 12.81 41.98
CA SER A 105 -14.36 12.68 41.96
C SER A 105 -15.03 13.98 41.54
N ASP A 106 -14.46 15.13 41.91
CA ASP A 106 -14.99 16.41 41.50
C ASP A 106 -14.68 16.75 40.04
N TRP A 107 -13.96 15.87 39.33
CA TRP A 107 -13.60 16.08 37.93
C TRP A 107 -12.66 17.28 37.77
N ARG A 108 -11.90 17.59 38.82
CA ARG A 108 -10.88 18.63 38.75
C ARG A 108 -9.50 18.02 38.57
N PHE A 109 -8.60 18.82 38.00
CA PHE A 109 -7.26 18.35 37.69
C PHE A 109 -6.61 17.73 38.91
N LEU A 110 -5.92 16.61 38.69
CA LEU A 110 -5.27 15.88 39.76
C LEU A 110 -3.81 15.64 39.43
N ARG A 111 -3.54 15.15 38.23
CA ARG A 111 -2.16 14.88 37.79
C ARG A 111 -2.06 15.06 36.29
N GLY A 112 -0.84 15.32 35.85
CA GLY A 112 -0.55 15.41 34.43
C GLY A 112 0.66 14.57 34.08
N TYR A 113 0.64 14.03 32.86
CA TYR A 113 1.68 13.13 32.39
C TYR A 113 2.16 13.53 31.00
N HIS A 114 3.45 13.38 30.77
CA HIS A 114 4.02 13.57 29.44
C HIS A 114 5.43 12.97 29.40
N GLN A 115 5.57 11.78 28.84
CA GLN A 115 6.83 11.04 28.97
C GLN A 115 7.09 10.21 27.73
N TYR A 116 8.37 10.03 27.43
CA TYR A 116 8.84 9.32 26.25
C TYR A 116 9.67 8.10 26.66
N ALA A 117 9.74 7.14 25.75
CA ALA A 117 10.62 5.99 25.89
C ALA A 117 11.24 5.66 24.54
N TYR A 118 12.49 5.21 24.56
CA TYR A 118 13.20 4.81 23.36
C TYR A 118 13.64 3.36 23.52
N ASP A 119 13.19 2.52 22.59
CA ASP A 119 13.51 1.09 22.62
C ASP A 119 13.11 0.47 23.96
N GLY A 120 11.96 0.88 24.48
CA GLY A 120 11.42 0.29 25.69
C GLY A 120 11.98 0.84 26.99
N LYS A 121 12.84 1.86 26.94
CA LYS A 121 13.46 2.43 28.13
C LYS A 121 13.02 3.88 28.32
N ASP A 122 12.83 4.27 29.58
CA ASP A 122 12.56 5.67 29.88
C ASP A 122 13.60 6.55 29.21
N TYR A 123 13.13 7.59 28.53
CA TYR A 123 14.02 8.56 27.90
C TYR A 123 13.93 9.92 28.57
N ILE A 124 12.74 10.54 28.58
CA ILE A 124 12.52 11.80 29.28
C ILE A 124 11.07 11.85 29.71
N ALA A 125 10.84 12.28 30.96
CA ALA A 125 9.50 12.37 31.50
C ALA A 125 9.28 13.73 32.17
N LEU A 126 8.06 14.22 32.08
CA LEU A 126 7.67 15.43 32.78
C LEU A 126 7.41 15.10 34.24
N LYS A 127 7.94 15.92 35.14
CA LYS A 127 7.77 15.66 36.57
C LYS A 127 6.37 16.09 37.01
N GLU A 128 5.96 15.59 38.17
CA GLU A 128 4.61 15.84 38.65
C GLU A 128 4.32 17.33 38.72
N ASP A 129 5.31 18.14 39.09
CA ASP A 129 5.11 19.59 39.19
C ASP A 129 4.87 20.25 37.84
N LEU A 130 5.01 19.53 36.74
CA LEU A 130 4.74 20.06 35.40
C LEU A 130 5.65 21.22 35.02
N ARG A 131 6.83 21.31 35.64
CA ARG A 131 7.78 22.37 35.34
C ARG A 131 9.18 21.89 35.03
N SER A 132 9.51 20.64 35.34
CA SER A 132 10.85 20.12 35.14
C SER A 132 10.76 18.71 34.57
N TRP A 133 11.89 18.26 34.02
CA TRP A 133 11.96 16.99 33.31
C TRP A 133 12.94 16.05 34.01
N THR A 134 12.74 14.75 33.77
CA THR A 134 13.64 13.71 34.23
C THR A 134 14.31 13.08 33.01
N ALA A 135 15.60 13.30 32.86
CA ALA A 135 16.36 12.73 31.75
C ALA A 135 16.95 11.40 32.18
N ALA A 136 16.56 10.32 31.50
CA ALA A 136 16.98 8.98 31.93
C ALA A 136 18.48 8.76 31.78
N ASP A 137 19.12 9.38 30.80
CA ASP A 137 20.54 9.16 30.56
C ASP A 137 21.18 10.44 30.01
N MET A 138 22.49 10.39 29.82
CA MET A 138 23.22 11.56 29.33
C MET A 138 22.69 12.04 27.99
N ALA A 139 22.28 11.12 27.11
CA ALA A 139 21.76 11.51 25.82
C ALA A 139 20.46 12.31 25.95
N ALA A 140 19.61 11.94 26.90
CA ALA A 140 18.33 12.64 27.07
C ALA A 140 18.51 14.02 27.67
N GLN A 141 19.66 14.28 28.29
CA GLN A 141 19.92 15.62 28.80
C GLN A 141 20.00 16.64 27.68
N THR A 142 20.40 16.21 26.48
CA THR A 142 20.36 17.10 25.34
C THR A 142 18.94 17.54 25.04
N THR A 143 17.99 16.60 25.08
CA THR A 143 16.60 16.97 24.91
C THR A 143 16.12 17.80 26.09
N LYS A 144 16.52 17.45 27.31
CA LYS A 144 16.09 18.19 28.48
C LYS A 144 16.50 19.66 28.38
N HIS A 145 17.76 19.91 28.03
CA HIS A 145 18.24 21.29 27.89
C HIS A 145 17.53 22.01 26.76
N LYS A 146 17.33 21.32 25.64
CA LYS A 146 16.58 21.91 24.53
C LYS A 146 15.20 22.36 24.99
N TRP A 147 14.47 21.49 25.68
CA TRP A 147 13.11 21.79 26.09
C TRP A 147 13.04 22.80 27.22
N GLU A 148 14.09 22.92 28.02
CA GLU A 148 14.13 23.97 29.03
C GLU A 148 14.26 25.35 28.38
N ALA A 149 15.14 25.47 27.38
CA ALA A 149 15.32 26.75 26.71
C ALA A 149 14.06 27.19 25.98
N ALA A 150 13.33 26.24 25.40
CA ALA A 150 12.11 26.55 24.67
C ALA A 150 10.89 26.63 25.56
N HIS A 151 11.05 26.46 26.88
CA HIS A 151 9.93 26.52 27.81
C HIS A 151 8.80 25.59 27.40
N VAL A 152 9.16 24.35 27.04
CA VAL A 152 8.16 23.38 26.61
C VAL A 152 7.20 23.10 27.76
N ALA A 153 7.73 22.85 28.96
CA ALA A 153 6.89 22.51 30.09
C ALA A 153 5.85 23.59 30.36
N GLU A 154 6.28 24.86 30.43
CA GLU A 154 5.33 25.93 30.66
C GLU A 154 4.19 25.91 29.63
N GLN A 155 4.53 25.73 28.36
CA GLN A 155 3.51 25.69 27.32
C GLN A 155 2.64 24.45 27.43
N LEU A 156 3.19 23.32 27.89
CA LEU A 156 2.39 22.11 28.01
C LEU A 156 1.38 22.20 29.14
N ARG A 157 1.67 23.04 30.16
N ARG A 157 1.67 23.02 30.16
CA ARG A 157 0.81 23.07 31.34
CA ARG A 157 0.81 23.07 31.34
C ARG A 157 -0.63 23.42 30.98
C ARG A 157 -0.63 23.41 30.96
N ALA A 158 -0.82 24.39 30.08
CA ALA A 158 -2.16 24.80 29.70
C ALA A 158 -2.97 23.61 29.19
N TYR A 159 -2.34 22.73 28.40
CA TYR A 159 -3.03 21.55 27.90
C TYR A 159 -3.27 20.53 29.00
N LEU A 160 -2.22 20.15 29.71
CA LEU A 160 -2.33 19.09 30.70
C LEU A 160 -3.25 19.51 31.85
N GLU A 161 -3.09 20.73 32.34
CA GLU A 161 -3.90 21.19 33.45
C GLU A 161 -5.26 21.69 33.00
N GLY A 162 -5.36 22.27 31.80
CA GLY A 162 -6.57 22.90 31.36
C GLY A 162 -7.31 22.17 30.27
N THR A 163 -6.77 22.19 29.05
CA THR A 163 -7.49 21.63 27.92
C THR A 163 -7.78 20.15 28.10
N CYS A 164 -6.80 19.40 28.62
CA CYS A 164 -6.99 17.97 28.83
C CYS A 164 -8.18 17.71 29.73
N VAL A 165 -8.34 18.51 30.79
CA VAL A 165 -9.47 18.34 31.70
C VAL A 165 -10.78 18.72 31.01
N GLU A 166 -10.76 19.78 30.21
CA GLU A 166 -11.97 20.17 29.50
C GLU A 166 -12.44 19.07 28.55
N TRP A 167 -11.51 18.47 27.81
CA TRP A 167 -11.85 17.34 26.96
C TRP A 167 -12.45 16.20 27.80
N LEU A 168 -11.79 15.86 28.90
CA LEU A 168 -12.23 14.72 29.70
C LEU A 168 -13.64 14.92 30.24
N ARG A 169 -13.94 16.13 30.71
CA ARG A 169 -15.30 16.41 31.17
C ARG A 169 -16.31 16.19 30.06
N ARG A 170 -16.02 16.72 28.88
CA ARG A 170 -16.92 16.57 27.74
C ARG A 170 -17.19 15.10 27.44
N TYR A 171 -16.13 14.29 27.37
CA TYR A 171 -16.29 12.88 27.04
C TYR A 171 -17.09 12.15 28.11
N LEU A 172 -16.75 12.36 29.38
CA LEU A 172 -17.48 11.72 30.46
C LEU A 172 -18.97 12.00 30.36
N GLU A 173 -19.33 13.20 29.92
CA GLU A 173 -20.73 13.58 29.83
C GLU A 173 -21.39 12.96 28.61
N ASN A 174 -20.74 13.02 27.44
CA ASN A 174 -21.32 12.46 26.23
C ASN A 174 -21.35 10.93 26.26
N GLY A 175 -20.48 10.29 27.04
CA GLY A 175 -20.48 8.85 27.16
C GLY A 175 -20.87 8.39 28.55
N LYS A 176 -21.79 9.13 29.19
CA LYS A 176 -22.18 8.81 30.55
C LYS A 176 -22.66 7.37 30.67
N GLU A 177 -23.43 6.90 29.69
CA GLU A 177 -24.02 5.57 29.76
C GLU A 177 -22.96 4.51 30.01
N THR A 178 -21.82 4.60 29.30
CA THR A 178 -20.78 3.60 29.38
C THR A 178 -19.59 4.03 30.24
N LEU A 179 -19.14 5.28 30.10
CA LEU A 179 -17.95 5.72 30.81
C LEU A 179 -18.19 5.82 32.31
N GLN A 180 -19.39 6.22 32.72
CA GLN A 180 -19.72 6.45 34.12
C GLN A 180 -20.44 5.26 34.76
N ARG A 181 -20.44 4.10 34.12
CA ARG A 181 -21.11 2.93 34.69
C ARG A 181 -20.17 2.19 35.64
N THR A 182 -20.74 1.20 36.32
CA THR A 182 -19.96 0.32 37.20
C THR A 182 -20.59 -1.06 37.19
N ASP A 183 -19.85 -2.05 36.70
CA ASP A 183 -20.31 -3.43 36.61
C ASP A 183 -19.61 -4.24 37.69
N ALA A 184 -20.38 -4.81 38.61
CA ALA A 184 -19.79 -5.60 39.67
C ALA A 184 -19.33 -6.95 39.11
N PRO A 185 -18.26 -7.51 39.67
CA PRO A 185 -17.76 -8.80 39.16
C PRO A 185 -18.70 -9.94 39.50
N LYS A 186 -18.88 -10.83 38.52
CA LYS A 186 -19.58 -12.08 38.73
C LYS A 186 -18.55 -13.13 39.12
N THR A 187 -18.68 -13.68 40.31
CA THR A 187 -17.66 -14.52 40.91
C THR A 187 -18.12 -15.97 41.00
N HIS A 188 -17.22 -16.89 40.70
CA HIS A 188 -17.43 -18.32 40.93
C HIS A 188 -16.08 -18.94 41.27
N MET A 189 -16.07 -20.27 41.41
CA MET A 189 -14.88 -20.94 41.90
C MET A 189 -14.75 -22.32 41.27
N THR A 190 -13.50 -22.75 41.09
CA THR A 190 -13.19 -24.02 40.44
C THR A 190 -12.17 -24.78 41.29
N HIS A 191 -12.19 -26.10 41.12
CA HIS A 191 -11.32 -27.01 41.87
C HIS A 191 -10.58 -27.88 40.89
N HIS A 192 -9.25 -27.81 40.93
CA HIS A 192 -8.39 -28.61 40.06
C HIS A 192 -7.47 -29.44 40.93
N ALA A 193 -7.22 -30.68 40.51
CA ALA A 193 -6.49 -31.65 41.30
C ALA A 193 -5.11 -31.89 40.72
N VAL A 194 -4.08 -31.32 41.35
CA VAL A 194 -2.73 -31.82 41.13
C VAL A 194 -2.68 -33.23 41.71
N SER A 195 -1.80 -34.06 41.17
CA SER A 195 -1.80 -35.46 41.55
C SER A 195 -1.87 -35.63 43.07
N ASP A 196 -2.56 -36.70 43.48
CA ASP A 196 -2.71 -37.11 44.87
C ASP A 196 -3.02 -36.02 45.89
N HIS A 197 -2.03 -35.64 46.69
CA HIS A 197 -2.29 -34.85 47.90
C HIS A 197 -2.61 -33.39 47.59
N GLU A 198 -1.88 -32.78 46.66
CA GLU A 198 -1.98 -31.34 46.46
C GLU A 198 -2.97 -30.99 45.36
N ALA A 199 -3.72 -29.90 45.56
CA ALA A 199 -4.73 -29.43 44.62
C ALA A 199 -4.64 -27.91 44.50
N THR A 200 -5.29 -27.37 43.47
CA THR A 200 -5.32 -25.93 43.23
C THR A 200 -6.76 -25.43 43.29
N LEU A 201 -6.93 -24.23 43.86
CA LEU A 201 -8.21 -23.53 43.90
C LEU A 201 -8.08 -22.25 43.10
N ARG A 202 -9.09 -21.96 42.27
CA ARG A 202 -9.09 -20.78 41.41
C ARG A 202 -10.29 -19.91 41.71
N CYS A 203 -10.03 -18.62 41.94
CA CYS A 203 -11.07 -17.62 42.16
C CYS A 203 -11.26 -16.81 40.89
N TRP A 204 -12.51 -16.73 40.42
CA TRP A 204 -12.84 -16.07 39.16
C TRP A 204 -13.61 -14.78 39.41
N ALA A 205 -13.23 -13.73 38.70
CA ALA A 205 -13.97 -12.47 38.68
C ALA A 205 -14.20 -12.08 37.22
N LEU A 206 -15.48 -11.96 36.83
CA LEU A 206 -15.83 -11.81 35.43
C LEU A 206 -16.80 -10.65 35.23
N SER A 207 -16.74 -10.05 34.04
CA SER A 207 -17.69 -9.04 33.60
C SER A 207 -17.78 -7.88 34.59
N PHE A 208 -16.63 -7.31 34.93
CA PHE A 208 -16.58 -6.18 35.84
C PHE A 208 -15.93 -4.98 35.16
N TYR A 209 -16.36 -3.80 35.57
CA TYR A 209 -15.82 -2.55 35.07
C TYR A 209 -15.89 -1.49 36.17
N PRO A 210 -14.82 -0.70 36.35
CA PRO A 210 -13.56 -0.67 35.61
C PRO A 210 -12.66 -1.87 35.90
N ALA A 211 -11.50 -1.90 35.25
CA ALA A 211 -10.57 -3.01 35.38
C ALA A 211 -9.89 -3.08 36.74
N GLU A 212 -9.99 -2.02 37.54
CA GLU A 212 -9.41 -2.03 38.87
C GLU A 212 -10.08 -3.11 39.72
N ILE A 213 -9.28 -3.96 40.34
CA ILE A 213 -9.79 -5.02 41.20
C ILE A 213 -8.63 -5.61 41.97
N THR A 214 -8.93 -6.30 43.06
CA THR A 214 -7.91 -7.01 43.84
C THR A 214 -8.47 -8.36 44.25
N LEU A 215 -7.69 -9.42 44.03
CA LEU A 215 -8.05 -10.76 44.44
C LEU A 215 -6.96 -11.28 45.39
N THR A 216 -7.38 -11.73 46.56
CA THR A 216 -6.45 -12.19 47.60
C THR A 216 -6.94 -13.52 48.15
N TRP A 217 -5.99 -14.38 48.50
CA TRP A 217 -6.27 -15.71 49.01
C TRP A 217 -5.94 -15.77 50.50
N GLN A 218 -6.95 -16.11 51.31
CA GLN A 218 -6.83 -16.10 52.76
C GLN A 218 -6.54 -17.50 53.27
N ARG A 219 -5.48 -17.62 54.07
CA ARG A 219 -5.21 -18.83 54.84
C ARG A 219 -4.37 -18.44 56.05
N ASP A 220 -4.74 -18.82 57.27
CA ASP A 220 -5.93 -19.60 57.57
C ASP A 220 -7.27 -18.93 57.24
N GLY A 221 -7.51 -17.66 57.61
CA GLY A 221 -6.57 -16.77 58.30
C GLY A 221 -6.38 -15.49 57.52
N GLU A 222 -5.22 -15.32 56.89
CA GLU A 222 -4.94 -14.10 56.13
C GLU A 222 -4.18 -14.46 54.86
N ASP A 223 -3.76 -13.42 54.13
CA ASP A 223 -3.28 -13.59 52.76
C ASP A 223 -2.10 -14.55 52.68
N GLN A 224 -1.90 -15.09 51.48
CA GLN A 224 -0.75 -15.95 51.16
C GLN A 224 0.02 -15.32 50.01
N THR A 225 1.17 -14.72 50.31
CA THR A 225 2.04 -14.21 49.26
C THR A 225 2.70 -15.37 48.51
N GLN A 226 3.02 -16.44 49.22
CA GLN A 226 3.62 -17.62 48.62
C GLN A 226 2.53 -18.51 48.01
N ASP A 227 2.84 -19.11 46.86
CA ASP A 227 1.97 -20.08 46.23
C ASP A 227 0.63 -19.45 45.82
N THR A 228 0.68 -18.22 45.34
CA THR A 228 -0.50 -17.55 44.80
C THR A 228 -0.25 -17.24 43.32
N GLU A 229 -1.14 -17.73 42.47
CA GLU A 229 -1.07 -17.47 41.04
C GLU A 229 -2.07 -16.38 40.69
N LEU A 230 -1.58 -15.31 40.06
CA LEU A 230 -2.42 -14.16 39.73
C LEU A 230 -2.13 -13.75 38.30
N VAL A 231 -3.09 -13.98 37.40
CA VAL A 231 -2.93 -13.61 36.01
C VAL A 231 -3.28 -12.14 35.82
N GLU A 232 -2.64 -11.51 34.85
CA GLU A 232 -2.90 -10.11 34.55
C GLU A 232 -4.36 -9.91 34.17
N THR A 233 -4.95 -8.83 34.68
CA THR A 233 -6.33 -8.51 34.33
C THR A 233 -6.45 -8.39 32.82
N ARG A 234 -7.40 -9.12 32.24
CA ARG A 234 -7.52 -9.23 30.79
C ARG A 234 -8.87 -8.70 30.33
N PRO A 235 -8.96 -8.21 29.09
CA PRO A 235 -10.24 -7.72 28.57
C PRO A 235 -11.10 -8.83 27.99
N ALA A 236 -12.39 -8.81 28.34
CA ALA A 236 -13.32 -9.79 27.79
C ALA A 236 -13.64 -9.51 26.33
N GLY A 237 -13.51 -8.27 25.87
CA GLY A 237 -13.83 -7.90 24.52
C GLY A 237 -15.17 -7.20 24.36
N ASP A 238 -15.98 -7.16 25.42
CA ASP A 238 -17.28 -6.50 25.39
C ASP A 238 -17.33 -5.29 26.33
N GLY A 239 -16.19 -4.69 26.64
CA GLY A 239 -16.12 -3.57 27.53
C GLY A 239 -15.86 -3.90 28.99
N THR A 240 -15.98 -5.15 29.39
CA THR A 240 -15.72 -5.56 30.75
C THR A 240 -14.38 -6.29 30.83
N PHE A 241 -14.01 -6.70 32.05
CA PHE A 241 -12.70 -7.31 32.29
C PHE A 241 -12.84 -8.57 33.14
N GLN A 242 -11.81 -9.40 33.06
CA GLN A 242 -11.75 -10.67 33.76
C GLN A 242 -10.42 -10.78 34.50
N LYS A 243 -10.40 -11.66 35.51
CA LYS A 243 -9.18 -11.93 36.25
C LYS A 243 -9.47 -13.08 37.20
N TRP A 244 -8.44 -13.90 37.44
CA TRP A 244 -8.56 -14.96 38.44
C TRP A 244 -7.27 -15.08 39.24
N ALA A 245 -7.42 -15.55 40.47
CA ALA A 245 -6.32 -15.84 41.36
C ALA A 245 -6.40 -17.30 41.79
N ALA A 246 -5.25 -17.96 41.86
CA ALA A 246 -5.20 -19.38 42.18
C ALA A 246 -4.19 -19.64 43.29
N VAL A 247 -4.46 -20.68 44.08
CA VAL A 247 -3.60 -21.08 45.18
C VAL A 247 -3.47 -22.59 45.17
N VAL A 248 -2.28 -23.08 45.53
CA VAL A 248 -2.01 -24.52 45.59
C VAL A 248 -2.12 -24.97 47.04
N VAL A 249 -2.98 -25.95 47.29
CA VAL A 249 -3.31 -26.36 48.66
C VAL A 249 -3.41 -27.88 48.71
N PRO A 250 -3.00 -28.47 49.84
CA PRO A 250 -3.24 -29.90 50.03
C PRO A 250 -4.73 -30.21 50.12
N SER A 251 -5.11 -31.38 49.60
CA SER A 251 -6.51 -31.77 49.59
C SER A 251 -7.02 -31.97 51.01
N GLY A 252 -8.27 -31.58 51.24
CA GLY A 252 -8.89 -31.68 52.55
C GLY A 252 -8.94 -30.38 53.32
N GLN A 253 -8.20 -29.36 52.89
CA GLN A 253 -8.22 -28.04 53.52
C GLN A 253 -8.87 -26.99 52.64
N GLU A 254 -9.67 -27.41 51.66
CA GLU A 254 -10.34 -26.46 50.78
C GLU A 254 -11.21 -25.50 51.59
N GLN A 255 -11.85 -26.01 52.65
CA GLN A 255 -12.70 -25.18 53.49
C GLN A 255 -11.89 -24.14 54.27
N ARG A 256 -10.58 -24.36 54.45
CA ARG A 256 -9.76 -23.42 55.19
C ARG A 256 -9.46 -22.16 54.38
N TYR A 257 -9.39 -22.28 53.06
CA TYR A 257 -9.05 -21.15 52.22
C TYR A 257 -10.30 -20.39 51.80
N THR A 258 -10.16 -19.07 51.69
CA THR A 258 -11.24 -18.21 51.25
C THR A 258 -10.68 -17.13 50.33
N CYS A 259 -11.48 -16.77 49.33
CA CYS A 259 -11.11 -15.75 48.36
C CYS A 259 -11.82 -14.44 48.68
N HIS A 260 -11.07 -13.33 48.59
CA HIS A 260 -11.60 -12.00 48.87
C HIS A 260 -11.57 -11.19 47.58
N VAL A 261 -12.74 -10.69 47.18
CA VAL A 261 -12.89 -9.89 45.96
C VAL A 261 -13.29 -8.49 46.39
N GLN A 262 -12.46 -7.50 46.03
CA GLN A 262 -12.74 -6.09 46.27
C GLN A 262 -12.86 -5.39 44.93
N HIS A 263 -14.05 -4.88 44.62
CA HIS A 263 -14.26 -4.13 43.39
C HIS A 263 -15.08 -2.88 43.70
N GLU A 264 -14.87 -1.85 42.88
CA GLU A 264 -15.58 -0.59 43.07
C GLU A 264 -17.09 -0.78 43.06
N GLY A 265 -17.58 -1.68 42.21
CA GLY A 265 -19.01 -1.95 42.13
C GLY A 265 -19.56 -2.73 43.31
N LEU A 266 -18.71 -3.47 44.02
CA LEU A 266 -19.20 -4.27 45.14
C LEU A 266 -19.48 -3.37 46.34
N PRO A 267 -20.67 -3.44 46.95
CA PRO A 267 -20.91 -2.63 48.15
C PRO A 267 -19.91 -2.90 49.25
N LYS A 268 -19.57 -4.17 49.46
CA LYS A 268 -18.58 -4.58 50.45
C LYS A 268 -17.80 -5.76 49.88
N PRO A 269 -16.58 -5.99 50.37
CA PRO A 269 -15.78 -7.10 49.84
C PRO A 269 -16.52 -8.42 49.91
N LEU A 270 -16.39 -9.21 48.83
CA LEU A 270 -17.01 -10.53 48.76
C LEU A 270 -16.03 -11.59 49.25
N THR A 271 -16.57 -12.60 49.93
CA THR A 271 -15.77 -13.72 50.44
C THR A 271 -16.34 -15.00 49.86
N LEU A 272 -15.52 -15.72 49.11
CA LEU A 272 -15.92 -16.95 48.46
C LEU A 272 -15.25 -18.14 49.14
N ARG A 273 -15.98 -19.24 49.25
CA ARG A 273 -15.48 -20.47 49.86
C ARG A 273 -15.98 -21.66 49.07
N TRP A 274 -15.19 -22.74 49.12
CA TRP A 274 -15.54 -23.99 48.45
C TRP A 274 -16.73 -24.62 49.20
N GLU A 275 -17.77 -25.12 48.51
CA GLU A 275 -17.79 -25.26 47.04
C GLU A 275 -18.61 -24.18 46.33
N ALA A 276 -19.87 -23.98 46.73
CA ALA A 276 -20.76 -23.06 46.04
C ALA A 276 -22.18 -23.21 46.58
N MET B 1 18.14 -2.68 21.96
CA MET B 1 16.76 -2.86 22.48
C MET B 1 16.74 -3.84 23.64
N ILE B 2 15.70 -3.74 24.47
CA ILE B 2 15.49 -4.64 25.60
C ILE B 2 14.27 -5.48 25.29
N GLN B 3 14.48 -6.76 25.01
CA GLN B 3 13.39 -7.63 24.62
C GLN B 3 12.54 -8.02 25.83
N ARG B 4 11.24 -8.23 25.58
CA ARG B 4 10.30 -8.70 26.58
C ARG B 4 9.47 -9.82 25.97
N THR B 5 9.45 -10.96 26.60
CA THR B 5 8.70 -12.06 26.02
C THR B 5 7.22 -11.91 26.35
N PRO B 6 6.32 -12.17 25.41
CA PRO B 6 4.89 -11.94 25.66
C PRO B 6 4.30 -12.93 26.65
N LYS B 7 3.28 -12.47 27.36
CA LYS B 7 2.40 -13.32 28.14
C LYS B 7 1.14 -13.56 27.33
N ILE B 8 0.67 -14.80 27.32
CA ILE B 8 -0.39 -15.23 26.42
C ILE B 8 -1.51 -15.86 27.25
N GLN B 9 -2.75 -15.42 27.00
CA GLN B 9 -3.92 -15.96 27.67
C GLN B 9 -4.99 -16.21 26.63
N VAL B 10 -5.48 -17.44 26.57
CA VAL B 10 -6.53 -17.85 25.65
C VAL B 10 -7.78 -18.15 26.47
N TYR B 11 -8.90 -17.53 26.11
CA TYR B 11 -10.11 -17.60 26.91
C TYR B 11 -11.27 -17.11 26.08
N SER B 12 -12.48 -17.42 26.56
CA SER B 12 -13.70 -17.02 25.88
C SER B 12 -14.28 -15.77 26.52
N ARG B 13 -14.98 -14.97 25.72
CA ARG B 13 -15.60 -13.75 26.23
C ARG B 13 -16.60 -14.08 27.34
N HIS B 14 -17.47 -15.05 27.09
CA HIS B 14 -18.48 -15.48 28.04
C HIS B 14 -18.25 -16.93 28.44
N PRO B 15 -18.85 -17.39 29.53
CA PRO B 15 -18.73 -18.80 29.89
C PRO B 15 -19.12 -19.70 28.72
N ALA B 16 -18.25 -20.66 28.40
CA ALA B 16 -18.45 -21.47 27.23
C ALA B 16 -19.63 -22.40 27.42
N GLU B 17 -20.55 -22.40 26.46
CA GLU B 17 -21.68 -23.32 26.45
C GLU B 17 -21.74 -23.97 25.07
N ASN B 18 -21.67 -25.29 25.04
CA ASN B 18 -21.71 -26.00 23.77
C ASN B 18 -22.95 -25.62 22.97
N GLY B 19 -22.74 -25.28 21.70
CA GLY B 19 -23.83 -24.89 20.84
C GLY B 19 -24.27 -23.45 20.96
N LYS B 20 -23.71 -22.67 21.88
CA LYS B 20 -24.09 -21.28 22.09
C LYS B 20 -22.97 -20.38 21.59
N SER B 21 -23.33 -19.36 20.80
CA SER B 21 -22.35 -18.46 20.22
C SER B 21 -21.55 -17.75 21.31
N ASN B 22 -20.32 -17.40 20.97
CA ASN B 22 -19.38 -16.83 21.94
C ASN B 22 -18.23 -16.19 21.16
N PHE B 23 -17.23 -15.70 21.90
CA PHE B 23 -16.03 -15.13 21.29
C PHE B 23 -14.81 -15.75 21.93
N LEU B 24 -13.85 -16.14 21.11
CA LEU B 24 -12.59 -16.72 21.57
C LEU B 24 -11.51 -15.65 21.52
N ASN B 25 -10.86 -15.42 22.66
CA ASN B 25 -9.91 -14.34 22.83
C ASN B 25 -8.50 -14.87 23.02
N CYS B 26 -7.53 -14.17 22.44
CA CYS B 26 -6.12 -14.35 22.75
C CYS B 26 -5.54 -13.00 23.12
N TYR B 27 -5.08 -12.87 24.36
CA TYR B 27 -4.55 -11.61 24.89
C TYR B 27 -3.05 -11.78 25.06
N VAL B 28 -2.28 -11.05 24.27
CA VAL B 28 -0.83 -11.05 24.34
C VAL B 28 -0.40 -9.72 24.93
N SER B 29 0.45 -9.76 25.95
CA SER B 29 0.79 -8.56 26.70
C SER B 29 2.22 -8.66 27.22
N GLY B 30 2.72 -7.51 27.66
CA GLY B 30 4.03 -7.46 28.30
C GLY B 30 5.21 -7.71 27.39
N PHE B 31 5.08 -7.43 26.10
CA PHE B 31 6.12 -7.80 25.15
C PHE B 31 6.77 -6.57 24.52
N HIS B 32 7.99 -6.79 24.03
CA HIS B 32 8.78 -5.76 23.37
C HIS B 32 9.86 -6.47 22.56
N PRO B 33 10.09 -6.04 21.31
CA PRO B 33 9.48 -4.93 20.57
C PRO B 33 8.07 -5.23 20.05
N SER B 34 7.52 -4.31 19.25
CA SER B 34 6.10 -4.36 18.90
C SER B 34 5.78 -5.41 17.85
N ASP B 35 6.74 -5.76 17.00
CA ASP B 35 6.47 -6.77 15.96
C ASP B 35 6.06 -8.08 16.61
N ILE B 36 4.92 -8.62 16.17
CA ILE B 36 4.41 -9.86 16.75
C ILE B 36 3.42 -10.48 15.77
N GLU B 37 3.32 -11.80 15.81
CA GLU B 37 2.39 -12.57 14.99
C GLU B 37 1.50 -13.40 15.89
N VAL B 38 0.18 -13.25 15.74
CA VAL B 38 -0.80 -13.96 16.55
C VAL B 38 -1.85 -14.53 15.61
N ASP B 39 -2.14 -15.81 15.73
CA ASP B 39 -3.21 -16.47 15.00
C ASP B 39 -4.00 -17.35 15.95
N LEU B 40 -5.29 -17.46 15.68
CA LEU B 40 -6.16 -18.36 16.41
C LEU B 40 -6.37 -19.63 15.57
N LEU B 41 -6.32 -20.78 16.24
CA LEU B 41 -6.38 -22.06 15.56
C LEU B 41 -7.60 -22.86 16.03
N LYS B 42 -8.29 -23.47 15.07
CA LYS B 42 -9.36 -24.41 15.33
C LYS B 42 -8.91 -25.78 14.87
N ASN B 43 -8.76 -26.72 15.81
CA ASN B 43 -8.31 -28.08 15.50
C ASN B 43 -6.98 -28.06 14.74
N GLY B 44 -6.13 -27.08 15.05
CA GLY B 44 -4.81 -27.00 14.49
C GLY B 44 -4.70 -26.20 13.20
N GLU B 45 -5.81 -25.75 12.63
CA GLU B 45 -5.80 -24.99 11.40
C GLU B 45 -6.14 -23.52 11.67
N ARG B 46 -5.58 -22.65 10.83
CA ARG B 46 -5.65 -21.21 11.04
C ARG B 46 -7.07 -20.69 10.84
N ILE B 47 -7.48 -19.77 11.70
CA ILE B 47 -8.78 -19.12 11.60
C ILE B 47 -8.59 -17.77 10.89
N GLU B 48 -9.30 -17.58 9.78
CA GLU B 48 -9.16 -16.36 8.98
C GLU B 48 -9.91 -15.20 9.61
N LYS B 49 -11.18 -15.39 9.96
CA LYS B 49 -12.03 -14.30 10.45
C LYS B 49 -11.63 -13.97 11.88
N VAL B 50 -10.51 -13.27 12.01
CA VAL B 50 -9.95 -12.88 13.31
C VAL B 50 -9.72 -11.36 13.30
N GLU B 51 -10.19 -10.69 14.33
CA GLU B 51 -9.98 -9.25 14.50
C GLU B 51 -9.07 -9.00 15.69
N HIS B 52 -8.48 -7.82 15.72
CA HIS B 52 -7.55 -7.50 16.79
C HIS B 52 -7.63 -6.02 17.14
N SER B 53 -7.26 -5.72 18.38
CA SER B 53 -7.29 -4.39 18.93
C SER B 53 -6.13 -3.56 18.40
N ASP B 54 -6.19 -2.26 18.68
CA ASP B 54 -5.14 -1.34 18.27
C ASP B 54 -3.97 -1.39 19.25
N LEU B 55 -2.77 -1.35 18.69
CA LEU B 55 -1.55 -1.46 19.49
C LEU B 55 -1.49 -0.36 20.56
N SER B 56 -1.33 -0.76 21.81
CA SER B 56 -1.18 0.16 22.92
C SER B 56 -0.11 -0.41 23.84
N PHE B 57 0.19 0.30 24.92
CA PHE B 57 1.22 -0.16 25.84
C PHE B 57 0.88 0.29 27.25
N SER B 58 1.57 -0.32 28.21
CA SER B 58 1.32 -0.16 29.63
C SER B 58 2.32 0.82 30.23
N LYS B 59 2.27 0.99 31.56
CA LYS B 59 3.14 1.95 32.22
C LYS B 59 4.61 1.61 31.98
N ASP B 60 4.94 0.32 32.00
CA ASP B 60 6.32 -0.11 31.79
C ASP B 60 6.72 -0.10 30.33
N TRP B 61 5.86 0.43 29.45
CA TRP B 61 6.11 0.62 28.02
C TRP B 61 5.91 -0.68 27.24
N SER B 62 5.61 -1.80 27.88
CA SER B 62 5.39 -3.04 27.15
C SER B 62 4.04 -3.00 26.44
N PHE B 63 3.99 -3.62 25.27
CA PHE B 63 2.81 -3.59 24.44
C PHE B 63 1.82 -4.67 24.84
N TYR B 64 0.58 -4.52 24.38
CA TYR B 64 -0.42 -5.55 24.57
C TYR B 64 -1.42 -5.46 23.43
N LEU B 65 -1.93 -6.63 23.03
CA LEU B 65 -2.91 -6.74 21.95
C LEU B 65 -3.95 -7.78 22.35
N LEU B 66 -5.14 -7.62 21.81
CA LEU B 66 -6.21 -8.61 21.95
C LEU B 66 -6.63 -9.07 20.56
N TYR B 67 -6.50 -10.37 20.31
CA TYR B 67 -7.05 -11.01 19.12
C TYR B 67 -8.29 -11.79 19.53
N TYR B 68 -9.33 -11.74 18.69
CA TYR B 68 -10.59 -12.38 19.03
C TYR B 68 -11.32 -12.80 17.77
N THR B 69 -12.16 -13.82 17.90
CA THR B 69 -12.96 -14.35 16.79
C THR B 69 -14.23 -14.94 17.36
N GLU B 70 -15.31 -14.88 16.59
CA GLU B 70 -16.58 -15.45 17.02
C GLU B 70 -16.62 -16.94 16.71
N PHE B 71 -16.95 -17.74 17.72
CA PHE B 71 -16.99 -19.18 17.56
C PHE B 71 -18.10 -19.76 18.42
N THR B 72 -18.53 -20.96 18.04
CA THR B 72 -19.49 -21.74 18.82
C THR B 72 -18.80 -23.01 19.33
N PRO B 73 -18.41 -23.07 20.60
CA PRO B 73 -17.65 -24.23 21.08
C PRO B 73 -18.47 -25.51 21.03
N THR B 74 -17.76 -26.62 20.88
CA THR B 74 -18.35 -27.95 20.91
C THR B 74 -17.57 -28.83 21.89
N GLU B 75 -17.98 -30.09 21.99
CA GLU B 75 -17.36 -30.99 22.95
C GLU B 75 -15.95 -31.40 22.50
N LYS B 76 -15.74 -31.55 21.20
CA LYS B 76 -14.49 -32.10 20.68
C LYS B 76 -13.73 -31.16 19.77
N ASP B 77 -14.08 -29.87 19.73
CA ASP B 77 -13.32 -28.89 18.97
C ASP B 77 -12.21 -28.30 19.83
N GLU B 78 -11.00 -28.32 19.31
CA GLU B 78 -9.82 -27.82 20.01
C GLU B 78 -9.46 -26.44 19.47
N TYR B 79 -9.16 -25.52 20.38
CA TYR B 79 -8.80 -24.16 20.01
C TYR B 79 -7.50 -23.78 20.70
N ALA B 80 -6.68 -22.98 20.00
CA ALA B 80 -5.40 -22.55 20.54
C ALA B 80 -5.01 -21.21 19.92
N CYS B 81 -4.01 -20.59 20.55
CA CYS B 81 -3.42 -19.35 20.06
C CYS B 81 -1.96 -19.60 19.73
N ARG B 82 -1.55 -19.22 18.52
CA ARG B 82 -0.18 -19.37 18.06
C ARG B 82 0.47 -17.99 17.98
N VAL B 83 1.49 -17.75 18.80
CA VAL B 83 2.16 -16.46 18.88
C VAL B 83 3.60 -16.61 18.44
N ASN B 84 4.09 -15.63 17.68
CA ASN B 84 5.47 -15.60 17.24
C ASN B 84 6.06 -14.24 17.58
N HIS B 85 7.24 -14.25 18.19
CA HIS B 85 7.92 -13.04 18.62
C HIS B 85 9.42 -13.31 18.62
N VAL B 86 10.20 -12.24 18.51
CA VAL B 86 11.65 -12.39 18.47
C VAL B 86 12.19 -13.07 19.72
N THR B 87 11.49 -12.97 20.84
CA THR B 87 11.95 -13.60 22.07
C THR B 87 11.71 -15.11 22.10
N LEU B 88 10.95 -15.64 21.15
CA LEU B 88 10.57 -17.05 21.16
C LEU B 88 11.43 -17.83 20.17
N SER B 89 12.08 -18.88 20.67
CA SER B 89 12.87 -19.75 19.81
C SER B 89 12.03 -20.34 18.68
N GLN B 90 10.74 -20.55 18.93
CA GLN B 90 9.82 -21.04 17.92
C GLN B 90 8.43 -20.53 18.27
N PRO B 91 7.51 -20.53 17.30
CA PRO B 91 6.14 -20.10 17.59
C PRO B 91 5.53 -20.93 18.71
N LYS B 92 4.95 -20.24 19.69
CA LYS B 92 4.43 -20.88 20.88
C LYS B 92 2.93 -21.12 20.72
N ILE B 93 2.49 -22.32 21.08
CA ILE B 93 1.08 -22.69 21.04
C ILE B 93 0.54 -22.69 22.46
N VAL B 94 -0.60 -22.04 22.65
CA VAL B 94 -1.31 -22.02 23.92
C VAL B 94 -2.72 -22.47 23.63
N LYS B 95 -3.10 -23.62 24.17
CA LYS B 95 -4.41 -24.18 23.90
C LYS B 95 -5.47 -23.57 24.82
N TRP B 96 -6.69 -23.50 24.32
CA TRP B 96 -7.81 -23.02 25.13
C TRP B 96 -8.25 -24.11 26.09
N ASP B 97 -8.23 -23.80 27.38
CA ASP B 97 -8.65 -24.74 28.41
C ASP B 97 -10.01 -24.27 28.94
N ARG B 98 -11.07 -24.99 28.57
CA ARG B 98 -12.40 -24.63 29.05
C ARG B 98 -12.46 -24.69 30.56
N ASP B 99 -12.09 -25.83 31.14
CA ASP B 99 -12.17 -26.04 32.59
C ASP B 99 -10.93 -25.43 33.24
N MET B 100 -11.05 -24.16 33.60
CA MET B 100 -10.03 -23.51 34.41
C MET B 100 -10.68 -22.94 35.65
N GLY C 1 -9.24 15.18 23.05
CA GLY C 1 -8.47 15.88 21.98
C GLY C 1 -6.99 15.94 22.29
N ILE C 2 -6.15 15.76 21.27
CA ILE C 2 -4.72 15.66 21.46
C ILE C 2 -4.06 17.04 21.43
N LEU C 3 -2.77 17.07 21.75
CA LEU C 3 -2.01 18.31 21.73
C LEU C 3 -2.00 18.94 20.34
N GLY C 4 -2.03 20.26 20.30
CA GLY C 4 -1.82 20.96 19.04
C GLY C 4 -0.41 21.51 18.94
N PHE C 5 0.35 21.39 20.03
CA PHE C 5 1.72 21.89 20.10
C PHE C 5 2.66 20.72 19.81
N VAL C 6 3.44 20.83 18.74
CA VAL C 6 4.41 19.81 18.36
C VAL C 6 5.82 20.36 18.52
N PHE C 7 6.71 19.53 19.07
CA PHE C 7 8.09 19.89 19.31
C PHE C 7 8.93 18.62 19.21
N THR C 8 10.22 18.78 18.89
CA THR C 8 11.10 17.66 18.59
C THR C 8 12.08 17.40 19.73
N LEU C 9 12.51 16.15 19.85
CA LEU C 9 13.54 15.75 20.81
C LEU C 9 14.88 16.34 20.43
N THR D 4 -10.98 37.54 16.69
CA THR D 4 -10.72 38.91 16.26
C THR D 4 -9.97 39.71 17.33
N VAL D 5 -9.05 40.55 16.87
CA VAL D 5 -8.37 41.53 17.72
C VAL D 5 -8.65 42.91 17.15
N THR D 6 -9.08 43.83 18.01
CA THR D 6 -9.52 45.16 17.57
C THR D 6 -8.66 46.22 18.23
N GLN D 7 -8.05 47.07 17.40
CA GLN D 7 -7.35 48.28 17.86
C GLN D 7 -8.12 49.47 17.27
N SER D 8 -8.89 50.17 18.10
CA SER D 8 -9.85 51.16 17.62
C SER D 8 -9.23 52.49 17.23
N GLN D 9 -7.96 52.72 17.53
CA GLN D 9 -7.31 54.00 17.25
C GLN D 9 -6.20 53.78 16.22
N PRO D 10 -6.44 54.08 14.94
CA PRO D 10 -5.37 53.88 13.94
C PRO D 10 -4.11 54.66 14.25
N GLU D 11 -4.23 55.90 14.70
CA GLU D 11 -3.09 56.75 15.01
C GLU D 11 -3.28 57.39 16.38
N MET D 12 -2.17 57.69 17.04
CA MET D 12 -2.19 58.38 18.32
C MET D 12 -0.93 59.21 18.47
N SER D 13 -1.06 60.32 19.21
CA SER D 13 0.04 61.24 19.44
C SER D 13 0.31 61.35 20.93
N VAL D 14 1.58 61.58 21.27
CA VAL D 14 1.99 61.81 22.64
C VAL D 14 3.13 62.82 22.63
N GLN D 15 3.21 63.61 23.70
CA GLN D 15 4.32 64.53 23.89
C GLN D 15 5.44 63.81 24.63
N GLU D 16 6.67 64.03 24.18
CA GLU D 16 7.84 63.43 24.81
C GLU D 16 7.78 63.64 26.31
N ALA D 17 8.16 62.60 27.06
CA ALA D 17 8.24 62.54 28.52
C ALA D 17 6.87 62.29 29.16
N GLU D 18 5.77 62.42 28.43
CA GLU D 18 4.46 62.09 28.96
C GLU D 18 4.15 60.60 28.71
N THR D 19 2.98 60.17 29.15
CA THR D 19 2.59 58.77 29.04
C THR D 19 1.38 58.66 28.13
N VAL D 20 1.24 57.48 27.51
CA VAL D 20 0.16 57.22 26.56
C VAL D 20 -0.27 55.77 26.72
N THR D 21 -1.56 55.53 26.54
CA THR D 21 -2.15 54.20 26.67
C THR D 21 -2.72 53.77 25.33
N LEU D 22 -2.29 52.60 24.85
CA LEU D 22 -2.81 52.01 23.63
C LEU D 22 -3.80 50.91 23.98
N SER D 23 -4.97 50.95 23.37
CA SER D 23 -6.06 50.06 23.72
C SER D 23 -6.07 48.83 22.82
N CYS D 24 -6.58 47.73 23.37
CA CYS D 24 -6.75 46.49 22.61
C CYS D 24 -7.81 45.62 23.28
N THR D 25 -8.79 45.19 22.49
CA THR D 25 -9.82 44.29 22.96
C THR D 25 -9.92 43.13 22.00
N TYR D 26 -10.22 41.95 22.54
CA TYR D 26 -10.24 40.72 21.76
C TYR D 26 -11.50 39.94 22.08
N ASP D 27 -11.85 39.04 21.16
CA ASP D 27 -13.02 38.18 21.31
C ASP D 27 -12.63 36.74 21.03
N THR D 28 -12.92 35.85 21.99
CA THR D 28 -12.65 34.42 21.81
C THR D 28 -13.46 33.66 22.86
N SER D 29 -13.63 32.37 22.61
CA SER D 29 -14.30 31.47 23.53
C SER D 29 -13.34 30.62 24.36
N GLU D 30 -12.03 30.69 24.07
CA GLU D 30 -11.08 29.84 24.76
C GLU D 30 -10.90 30.28 26.21
N SER D 31 -10.74 29.29 27.10
CA SER D 31 -10.47 29.58 28.50
C SER D 31 -9.06 30.12 28.69
N ASP D 32 -8.10 29.55 27.98
CA ASP D 32 -6.69 29.91 28.09
C ASP D 32 -6.17 30.26 26.71
N TYR D 33 -5.22 31.19 26.66
CA TYR D 33 -4.72 31.73 25.40
C TYR D 33 -3.55 32.66 25.71
N TYR D 34 -3.01 33.28 24.67
CA TYR D 34 -1.87 34.17 24.78
C TYR D 34 -2.19 35.52 24.15
N LEU D 35 -1.72 36.60 24.80
CA LEU D 35 -1.88 37.95 24.30
C LEU D 35 -0.51 38.61 24.16
N PHE D 36 -0.32 39.36 23.08
CA PHE D 36 0.97 39.93 22.76
C PHE D 36 0.84 41.42 22.46
N TRP D 37 1.94 42.14 22.63
CA TRP D 37 2.12 43.49 22.12
C TRP D 37 3.44 43.54 21.37
N TYR D 38 3.39 43.95 20.11
CA TYR D 38 4.58 44.03 19.28
C TYR D 38 4.82 45.47 18.88
N LYS D 39 6.10 45.83 18.79
CA LYS D 39 6.53 47.15 18.35
C LYS D 39 7.21 47.03 17.00
N GLN D 40 6.79 47.85 16.05
CA GLN D 40 7.40 47.89 14.72
C GLN D 40 7.80 49.34 14.43
N PRO D 41 9.04 49.71 14.72
CA PRO D 41 9.51 51.08 14.41
C PRO D 41 9.67 51.27 12.91
N PRO D 42 10.11 52.46 12.47
CA PRO D 42 10.28 52.69 11.03
C PRO D 42 11.17 51.67 10.35
N SER D 43 12.06 51.00 11.08
CA SER D 43 12.90 49.98 10.46
C SER D 43 12.10 48.80 9.93
N ARG D 44 10.85 48.66 10.38
CA ARG D 44 9.92 47.59 10.00
C ARG D 44 10.23 46.31 10.77
N GLN D 45 11.21 46.31 11.67
CA GLN D 45 11.55 45.12 12.44
C GLN D 45 10.54 44.93 13.58
N MET D 46 9.89 43.77 13.60
CA MET D 46 8.99 43.44 14.70
C MET D 46 9.78 43.19 15.97
N ILE D 47 9.31 43.77 17.07
CA ILE D 47 9.96 43.63 18.38
C ILE D 47 8.88 43.29 19.39
N LEU D 48 9.07 42.20 20.13
CA LEU D 48 8.10 41.82 21.15
C LEU D 48 8.24 42.73 22.35
N VAL D 49 7.12 43.32 22.77
CA VAL D 49 7.10 44.16 23.97
C VAL D 49 6.71 43.35 25.19
N ILE D 50 5.56 42.68 25.14
CA ILE D 50 5.07 41.89 26.26
C ILE D 50 4.25 40.73 25.73
N ARG D 51 4.38 39.58 26.41
CA ARG D 51 3.50 38.44 26.20
C ARG D 51 2.80 38.15 27.50
N GLN D 52 1.54 37.73 27.41
CA GLN D 52 0.72 37.45 28.58
C GLN D 52 -0.10 36.20 28.33
N GLU D 53 -0.17 35.34 29.34
CA GLU D 53 -1.04 34.17 29.31
C GLU D 53 -2.19 34.39 30.27
N ALA D 54 -3.40 34.03 29.83
CA ALA D 54 -4.59 34.27 30.64
C ALA D 54 -4.47 33.57 32.00
N TYR D 55 -3.99 32.32 32.00
CA TYR D 55 -3.79 31.60 33.26
C TYR D 55 -2.94 32.41 34.22
N LYS D 56 -1.79 32.89 33.75
CA LYS D 56 -0.89 33.63 34.63
C LYS D 56 -1.47 34.99 34.99
N GLN D 57 -0.87 35.59 36.00
CA GLN D 57 -1.26 36.89 36.52
C GLN D 57 -0.40 37.97 35.88
N GLN D 58 -0.97 39.16 35.75
CA GLN D 58 -0.17 40.30 35.35
C GLN D 58 1.10 40.38 36.19
N ASN D 59 2.21 40.69 35.55
CA ASN D 59 3.51 40.63 36.18
C ASN D 59 4.38 41.65 35.48
N ALA D 60 5.57 41.90 36.02
CA ALA D 60 6.50 42.85 35.42
C ALA D 60 5.94 44.25 35.73
N THR D 61 6.63 45.35 35.39
CA THR D 61 7.86 45.35 34.61
C THR D 61 8.98 46.17 35.26
N GLU D 62 10.21 45.75 34.95
CA GLU D 62 11.38 46.55 35.27
C GLU D 62 11.47 47.78 34.40
N ASN D 63 10.99 47.70 33.15
CA ASN D 63 11.09 48.79 32.19
C ASN D 63 9.91 49.74 32.33
N ARG D 64 9.89 50.77 31.48
CA ARG D 64 8.81 51.74 31.49
C ARG D 64 7.49 51.10 31.04
N PHE D 65 7.55 50.19 30.08
CA PHE D 65 6.34 49.62 29.50
C PHE D 65 5.60 48.77 30.52
N SER D 66 4.27 48.73 30.38
CA SER D 66 3.41 47.97 31.27
C SER D 66 2.08 47.74 30.56
N VAL D 67 1.33 46.77 31.06
CA VAL D 67 0.04 46.41 30.48
C VAL D 67 -1.01 46.31 31.57
N ASN D 68 -2.26 46.54 31.19
CA ASN D 68 -3.42 46.33 32.05
C ASN D 68 -4.31 45.28 31.40
N PHE D 69 -4.33 44.09 31.99
CA PHE D 69 -5.03 42.94 31.42
C PHE D 69 -6.30 42.69 32.22
N GLN D 70 -7.45 42.88 31.58
CA GLN D 70 -8.76 42.67 32.20
C GLN D 70 -9.37 41.45 31.53
N LYS D 71 -9.22 40.29 32.17
CA LYS D 71 -9.64 39.03 31.57
C LYS D 71 -11.14 39.02 31.29
N ALA D 72 -11.94 39.41 32.28
CA ALA D 72 -13.39 39.44 32.09
C ALA D 72 -13.77 40.44 31.01
N ALA D 73 -13.20 41.65 31.08
CA ALA D 73 -13.46 42.67 30.06
C ALA D 73 -12.81 42.34 28.72
N LYS D 74 -11.85 41.43 28.70
CA LYS D 74 -11.11 41.10 27.48
C LYS D 74 -10.37 42.34 26.95
N SER D 75 -9.70 43.05 27.85
CA SER D 75 -8.93 44.23 27.51
C SER D 75 -7.47 43.97 27.82
N PHE D 76 -6.59 44.33 26.87
CA PHE D 76 -5.15 44.14 27.02
C PHE D 76 -4.45 45.41 26.54
N SER D 77 -4.52 46.45 27.37
CA SER D 77 -3.99 47.76 27.01
C SER D 77 -2.51 47.87 27.37
N LEU D 78 -1.75 48.53 26.50
CA LEU D 78 -0.33 48.76 26.72
C LEU D 78 -0.12 50.20 27.16
N LYS D 79 0.68 50.39 28.20
CA LYS D 79 0.94 51.71 28.77
C LYS D 79 2.40 52.08 28.56
N ILE D 80 2.63 53.21 27.90
CA ILE D 80 3.97 53.74 27.69
C ILE D 80 4.10 55.00 28.54
N SER D 81 5.06 55.00 29.46
CA SER D 81 5.27 56.11 30.37
C SER D 81 6.66 56.70 30.15
N ASP D 82 6.78 58.01 30.38
CA ASP D 82 8.01 58.73 30.10
C ASP D 82 8.43 58.51 28.64
N SER D 83 7.50 58.86 27.74
CA SER D 83 7.67 58.57 26.32
C SER D 83 8.97 59.16 25.80
N GLN D 84 9.70 58.36 25.03
CA GLN D 84 10.89 58.80 24.34
C GLN D 84 10.62 58.87 22.84
N LEU D 85 11.45 59.64 22.14
CA LEU D 85 11.30 59.74 20.70
C LEU D 85 11.42 58.38 20.03
N GLY D 86 12.21 57.47 20.61
CA GLY D 86 12.34 56.13 20.06
C GLY D 86 11.05 55.32 20.11
N ASP D 87 10.09 55.72 20.94
CA ASP D 87 8.82 55.02 21.01
C ASP D 87 7.94 55.26 19.80
N ALA D 88 8.32 56.18 18.91
CA ALA D 88 7.60 56.38 17.67
C ALA D 88 7.66 55.09 16.86
N ALA D 89 6.51 54.44 16.68
CA ALA D 89 6.46 53.16 16.00
C ALA D 89 5.01 52.71 15.82
N MET D 90 4.81 51.59 15.15
CA MET D 90 3.49 50.98 15.04
C MET D 90 3.41 49.84 16.05
N TYR D 91 2.38 49.88 16.89
CA TYR D 91 2.21 48.92 17.96
C TYR D 91 1.05 47.99 17.61
N PHE D 92 1.32 46.68 17.65
CA PHE D 92 0.36 45.66 17.25
C PHE D 92 -0.02 44.81 18.45
N CYS D 93 -1.32 44.67 18.67
CA CYS D 93 -1.85 43.72 19.63
C CYS D 93 -2.15 42.41 18.92
N ALA D 94 -1.83 41.30 19.57
CA ALA D 94 -1.95 39.99 18.93
C ALA D 94 -2.44 38.97 19.93
N TRP D 95 -3.06 37.92 19.40
CA TRP D 95 -3.71 36.88 20.18
C TRP D 95 -3.34 35.52 19.62
N GLY D 96 -3.34 34.50 20.48
CA GLY D 96 -2.98 33.17 20.04
C GLY D 96 -3.53 32.10 20.97
N VAL D 97 -3.83 30.93 20.39
CA VAL D 97 -4.37 29.82 21.18
C VAL D 97 -3.27 29.23 22.05
N ASN D 98 -3.69 28.47 23.05
CA ASN D 98 -2.78 27.71 23.89
C ASN D 98 -2.42 26.40 23.19
N ALA D 99 -1.64 25.56 23.88
CA ALA D 99 -1.10 24.36 23.26
C ALA D 99 -2.19 23.39 22.81
N GLY D 100 -3.36 23.44 23.45
CA GLY D 100 -4.45 22.56 23.05
C GLY D 100 -5.13 22.93 21.75
N GLY D 101 -4.84 24.12 21.22
CA GLY D 101 -5.49 24.58 20.00
C GLY D 101 -4.85 24.02 18.76
N THR D 102 -5.60 24.04 17.66
CA THR D 102 -5.12 23.44 16.42
C THR D 102 -4.10 24.32 15.70
N SER D 103 -4.21 25.64 15.82
CA SER D 103 -3.36 26.57 15.09
C SER D 103 -2.23 27.12 15.95
N TYR D 104 -1.75 26.35 16.91
CA TYR D 104 -0.56 26.71 17.68
C TYR D 104 0.66 26.71 16.75
N GLY D 105 1.47 27.77 16.68
CA GLY D 105 1.27 29.05 17.33
C GLY D 105 1.07 30.14 16.30
N LYS D 106 -0.08 30.09 15.64
CA LYS D 106 -0.46 31.15 14.72
C LYS D 106 -0.88 32.40 15.49
N LEU D 107 -0.48 33.56 15.00
CA LEU D 107 -0.80 34.83 15.63
C LEU D 107 -1.81 35.57 14.78
N THR D 108 -2.86 36.07 15.43
CA THR D 108 -3.85 36.92 14.80
C THR D 108 -3.62 38.34 15.29
N PHE D 109 -3.41 39.27 14.34
CA PHE D 109 -2.97 40.61 14.66
C PHE D 109 -4.10 41.61 14.51
N GLY D 110 -4.10 42.60 15.38
CA GLY D 110 -4.97 43.75 15.21
C GLY D 110 -4.49 44.64 14.09
N GLN D 111 -5.26 45.69 13.84
CA GLN D 111 -4.97 46.62 12.75
C GLN D 111 -3.78 47.51 13.06
N GLY D 112 -3.38 47.59 14.33
CA GLY D 112 -2.20 48.35 14.70
C GLY D 112 -2.52 49.80 15.00
N THR D 113 -1.61 50.44 15.75
CA THR D 113 -1.74 51.84 16.13
C THR D 113 -0.39 52.51 15.90
N ILE D 114 -0.40 53.57 15.09
CA ILE D 114 0.81 54.36 14.84
C ILE D 114 0.94 55.39 15.94
N LEU D 115 2.05 55.34 16.67
CA LEU D 115 2.31 56.27 17.77
C LEU D 115 3.29 57.33 17.31
N THR D 116 2.84 58.58 17.28
CA THR D 116 3.70 59.71 16.96
C THR D 116 4.12 60.38 18.26
N VAL D 117 5.42 60.62 18.41
CA VAL D 117 5.98 61.26 19.60
C VAL D 117 6.41 62.66 19.22
N HIS D 118 5.79 63.66 19.84
CA HIS D 118 6.12 65.06 19.56
C HIS D 118 7.27 65.49 20.44
N PRO D 119 8.41 65.91 19.88
CA PRO D 119 9.55 66.28 20.73
C PRO D 119 9.29 67.56 21.50
N ASN D 120 9.98 67.67 22.64
CA ASN D 120 9.96 68.88 23.46
C ASN D 120 11.21 69.68 23.11
N ILE D 121 11.03 70.79 22.37
CA ILE D 121 12.15 71.64 21.99
C ILE D 121 12.20 72.82 22.95
N GLN D 122 13.36 73.04 23.55
CA GLN D 122 13.46 73.95 24.69
C GLN D 122 13.49 75.41 24.27
N ASN D 123 14.15 75.72 23.14
CA ASN D 123 14.33 77.10 22.69
C ASN D 123 13.99 77.20 21.20
N PRO D 124 12.71 77.28 20.86
CA PRO D 124 12.34 77.42 19.45
C PRO D 124 12.93 78.69 18.83
N ASP D 125 13.36 78.57 17.58
CA ASP D 125 13.93 79.70 16.83
C ASP D 125 13.49 79.59 15.38
N PRO D 126 12.18 79.58 15.14
CA PRO D 126 11.66 79.31 13.79
C PRO D 126 12.22 80.27 12.75
N ALA D 127 12.73 79.70 11.66
CA ALA D 127 13.28 80.48 10.56
C ALA D 127 13.10 79.67 9.28
N VAL D 128 13.21 80.38 8.15
CA VAL D 128 13.15 79.77 6.82
C VAL D 128 14.40 80.17 6.08
N TYR D 129 15.20 79.19 5.67
CA TYR D 129 16.48 79.43 5.03
C TYR D 129 16.45 78.93 3.59
N GLN D 130 17.31 79.51 2.76
CA GLN D 130 17.46 79.13 1.37
C GLN D 130 18.80 78.44 1.17
N LEU D 131 18.78 77.29 0.52
CA LEU D 131 19.97 76.47 0.31
C LEU D 131 20.23 76.37 -1.18
N ARG D 132 21.45 76.72 -1.59
CA ARG D 132 21.84 76.63 -2.98
C ARG D 132 22.57 75.31 -3.25
N ASP D 133 22.50 74.85 -4.49
CA ASP D 133 23.11 73.58 -4.87
C ASP D 133 24.63 73.74 -4.91
N LYS D 139 18.82 74.31 -9.17
CA LYS D 139 17.66 74.11 -8.31
C LYS D 139 17.94 74.65 -6.91
N SER D 140 16.88 74.91 -6.15
CA SER D 140 16.99 75.51 -4.83
C SER D 140 15.93 74.92 -3.90
N VAL D 141 16.24 74.91 -2.61
CA VAL D 141 15.28 74.41 -1.62
C VAL D 141 15.19 75.41 -0.48
N CYS D 142 14.03 75.43 0.17
CA CYS D 142 13.78 76.26 1.34
C CYS D 142 13.67 75.36 2.56
N LEU D 143 14.33 75.76 3.64
CA LEU D 143 14.39 74.95 4.86
C LEU D 143 13.67 75.70 5.97
N PHE D 144 12.53 75.14 6.42
CA PHE D 144 11.82 75.63 7.60
C PHE D 144 12.21 74.75 8.78
N THR D 145 12.83 75.35 9.78
CA THR D 145 13.42 74.57 10.87
C THR D 145 13.30 75.34 12.18
N ASP D 146 13.52 74.62 13.27
CA ASP D 146 13.57 75.17 14.63
C ASP D 146 12.20 75.57 15.16
N PHE D 147 11.13 75.21 14.45
CA PHE D 147 9.79 75.46 14.96
C PHE D 147 9.40 74.38 15.97
N ASP D 148 8.46 74.74 16.85
CA ASP D 148 8.06 73.83 17.91
C ASP D 148 7.05 72.80 17.40
N SER D 149 6.94 71.70 18.16
CA SER D 149 6.10 70.58 17.75
C SER D 149 4.64 70.98 17.61
N GLN D 150 4.26 72.14 18.13
CA GLN D 150 2.91 72.64 17.92
C GLN D 150 2.70 73.11 16.48
N THR D 151 3.76 73.56 15.82
CA THR D 151 3.64 74.01 14.44
C THR D 151 3.36 72.81 13.53
N ASN D 152 2.47 73.03 12.57
CA ASN D 152 2.12 72.01 11.58
C ASN D 152 2.45 72.51 10.19
N VAL D 153 3.01 71.62 9.37
CA VAL D 153 3.33 71.89 7.98
C VAL D 153 2.30 71.18 7.11
N SER D 154 1.87 71.86 6.05
CA SER D 154 0.78 71.39 5.21
C SER D 154 1.28 71.21 3.79
N GLN D 155 0.82 70.14 3.13
CA GLN D 155 1.04 70.05 1.70
C GLN D 155 0.42 71.27 1.04
N SER D 156 1.05 71.73 -0.04
CA SER D 156 0.67 73.01 -0.63
C SER D 156 0.38 72.83 -2.11
N LYS D 157 -0.78 73.31 -2.52
CA LYS D 157 -1.04 73.60 -3.92
C LYS D 157 -0.29 74.90 -4.19
N ASP D 158 0.22 75.12 -5.40
CA ASP D 158 0.00 74.28 -6.57
C ASP D 158 0.75 72.95 -6.52
N SER D 159 0.45 72.08 -7.49
CA SER D 159 1.01 70.75 -7.54
C SER D 159 2.51 70.74 -7.82
N ASP D 160 3.05 71.81 -8.39
CA ASP D 160 4.44 71.85 -8.80
C ASP D 160 5.39 72.32 -7.69
N VAL D 161 4.89 72.48 -6.48
CA VAL D 161 5.72 72.79 -5.31
C VAL D 161 5.64 71.60 -4.37
N TYR D 162 6.78 71.12 -3.90
CA TYR D 162 6.88 69.93 -3.08
C TYR D 162 7.24 70.31 -1.66
N ILE D 163 6.50 69.78 -0.69
CA ILE D 163 6.73 70.07 0.71
C ILE D 163 6.64 68.76 1.48
N THR D 164 7.60 68.53 2.37
CA THR D 164 7.64 67.33 3.19
C THR D 164 7.14 67.65 4.59
N ASP D 165 6.63 66.62 5.27
CA ASP D 165 6.16 66.81 6.63
C ASP D 165 7.35 67.09 7.56
N LYS D 166 7.04 67.63 8.73
CA LYS D 166 8.09 67.95 9.69
C LYS D 166 8.82 66.67 10.12
N CYS D 167 10.06 66.83 10.54
CA CYS D 167 10.94 65.70 10.82
C CYS D 167 11.91 66.12 11.92
N VAL D 168 12.15 65.22 12.87
CA VAL D 168 12.93 65.52 14.06
C VAL D 168 14.29 64.85 13.95
N LEU D 169 15.35 65.63 14.09
CA LEU D 169 16.70 65.11 14.21
C LEU D 169 17.24 65.39 15.60
N ASP D 170 18.16 64.54 16.03
CA ASP D 170 18.75 64.61 17.37
C ASP D 170 20.27 64.68 17.20
N MET D 171 20.86 65.81 17.58
CA MET D 171 22.31 65.94 17.61
C MET D 171 22.75 65.47 19.00
N ARG D 172 22.94 64.17 19.13
CA ARG D 172 23.21 63.56 20.44
C ARG D 172 24.37 64.25 21.15
N SER D 173 25.36 64.71 20.39
CA SER D 173 26.55 65.31 21.00
C SER D 173 26.20 66.58 21.77
N MET D 174 25.24 67.34 21.28
CA MET D 174 24.84 68.63 21.86
C MET D 174 23.50 68.55 22.59
N ASP D 175 22.95 67.35 22.79
CA ASP D 175 21.66 67.19 23.46
C ASP D 175 20.64 68.16 22.89
N PHE D 176 20.65 68.31 21.57
CA PHE D 176 19.79 69.26 20.87
C PHE D 176 18.88 68.52 19.90
N LYS D 177 17.60 68.89 19.90
CA LYS D 177 16.62 68.33 19.00
C LYS D 177 15.95 69.46 18.25
N SER D 178 15.75 69.27 16.94
CA SER D 178 15.18 70.30 16.10
C SER D 178 14.16 69.69 15.16
N ASN D 179 13.17 70.49 14.79
CA ASN D 179 12.18 70.13 13.80
C ASN D 179 12.55 70.81 12.49
N SER D 180 12.11 70.22 11.39
CA SER D 180 12.48 70.72 10.08
C SER D 180 11.53 70.19 9.04
N ALA D 181 11.24 71.02 8.05
CA ALA D 181 10.50 70.61 6.86
C ALA D 181 11.17 71.26 5.67
N VAL D 182 11.07 70.61 4.52
CA VAL D 182 11.76 71.04 3.30
C VAL D 182 10.73 71.28 2.22
N ALA D 183 10.95 72.34 1.45
CA ALA D 183 10.08 72.67 0.32
C ALA D 183 10.98 73.02 -0.86
N TRP D 184 10.56 72.62 -2.05
CA TRP D 184 11.37 72.87 -3.24
C TRP D 184 10.49 72.81 -4.47
N SER D 185 10.95 73.47 -5.53
CA SER D 185 10.31 73.43 -6.83
C SER D 185 11.30 73.98 -7.85
N ASN D 186 10.98 73.78 -9.12
CA ASN D 186 11.82 74.27 -10.21
C ASN D 186 11.27 75.50 -10.90
N LYS D 187 10.07 75.95 -10.55
CA LYS D 187 9.47 77.09 -11.24
C LYS D 187 10.19 78.38 -10.85
N SER D 188 9.84 79.45 -11.57
CA SER D 188 10.52 80.74 -11.43
C SER D 188 10.08 81.51 -10.20
N ASP D 189 8.77 81.69 -10.02
CA ASP D 189 8.28 82.54 -8.94
C ASP D 189 8.51 81.95 -7.56
N PHE D 190 8.88 80.67 -7.46
CA PHE D 190 9.04 80.05 -6.15
C PHE D 190 10.11 80.78 -5.34
N ALA D 191 9.76 81.11 -4.10
CA ALA D 191 10.69 81.75 -3.17
C ALA D 191 10.35 81.29 -1.77
N CYS D 192 11.31 81.47 -0.86
CA CYS D 192 11.10 81.00 0.52
C CYS D 192 10.06 81.83 1.25
N ALA D 193 9.96 83.13 0.95
CA ALA D 193 8.98 83.96 1.64
C ALA D 193 7.57 83.41 1.47
N ASN D 194 7.26 82.85 0.31
CA ASN D 194 5.93 82.34 0.01
C ASN D 194 5.91 80.82 -0.10
N ALA D 195 7.01 80.14 0.24
CA ALA D 195 7.07 78.70 0.06
C ALA D 195 6.09 77.97 0.97
N PHE D 196 5.92 78.45 2.20
CA PHE D 196 5.06 77.79 3.19
C PHE D 196 3.80 78.58 3.49
N ASN D 197 3.29 79.30 2.48
CA ASN D 197 2.11 80.14 2.70
C ASN D 197 0.91 79.32 3.16
N ASN D 198 0.77 78.09 2.66
CA ASN D 198 -0.40 77.29 2.97
C ASN D 198 -0.41 76.80 4.42
N SER D 199 0.67 76.99 5.16
CA SER D 199 0.77 76.54 6.53
C SER D 199 0.73 77.72 7.50
N ILE D 200 0.04 77.54 8.62
CA ILE D 200 0.06 78.53 9.68
C ILE D 200 1.40 78.43 10.40
N ILE D 201 2.18 79.50 10.37
CA ILE D 201 3.50 79.52 10.99
C ILE D 201 3.59 80.73 11.92
N PRO D 202 4.45 80.69 12.94
CA PRO D 202 4.61 81.86 13.81
C PRO D 202 4.90 83.12 13.00
N GLU D 203 4.21 84.21 13.31
CA GLU D 203 4.40 85.44 12.57
C GLU D 203 5.83 85.95 12.71
N ASP D 204 6.47 85.71 13.86
CA ASP D 204 7.84 86.14 14.08
C ASP D 204 8.87 85.16 13.53
N THR D 205 8.51 84.33 12.56
CA THR D 205 9.48 83.45 11.94
C THR D 205 10.55 84.27 11.25
N PHE D 206 11.81 83.88 11.46
CA PHE D 206 12.94 84.65 10.95
C PHE D 206 13.16 84.34 9.47
N PHE D 207 13.14 85.39 8.64
CA PHE D 207 13.40 85.27 7.20
C PHE D 207 14.59 86.15 6.84
N PRO D 208 15.78 85.57 6.65
CA PRO D 208 16.95 86.42 6.32
C PRO D 208 16.78 87.13 4.99
N SER D 209 17.21 88.39 4.95
CA SER D 209 17.10 89.20 3.73
C SER D 209 18.32 88.99 2.84
N GLY E 3 22.84 32.97 17.08
CA GLY E 3 21.94 32.55 16.03
C GLY E 3 20.88 33.58 15.72
N GLY E 4 20.21 33.42 14.58
CA GLY E 4 19.20 34.38 14.18
C GLY E 4 18.41 33.88 12.99
N ILE E 5 17.59 34.77 12.44
CA ILE E 5 16.77 34.50 11.27
C ILE E 5 17.08 35.56 10.23
N THR E 6 17.38 35.12 9.01
CA THR E 6 17.75 36.00 7.91
C THR E 6 16.72 35.87 6.79
N GLN E 7 16.16 36.99 6.37
CA GLN E 7 15.17 37.03 5.31
C GLN E 7 15.76 37.74 4.10
N SER E 8 15.27 37.37 2.92
CA SER E 8 15.80 37.95 1.69
C SER E 8 14.87 37.72 0.51
N PRO E 9 14.88 38.64 -0.47
CA PRO E 9 15.64 39.89 -0.51
C PRO E 9 14.95 40.99 0.28
N LYS E 10 15.63 42.11 0.51
CA LYS E 10 15.01 43.22 1.21
C LYS E 10 13.95 43.90 0.35
N TYR E 11 14.30 44.18 -0.91
CA TYR E 11 13.37 44.77 -1.87
C TYR E 11 13.30 43.87 -3.09
N LEU E 12 12.17 43.93 -3.79
CA LEU E 12 11.91 42.98 -4.86
C LEU E 12 10.64 43.40 -5.58
N PHE E 13 10.59 43.13 -6.88
CA PHE E 13 9.42 43.46 -7.69
C PHE E 13 9.08 42.29 -8.60
N ARG E 14 7.81 42.25 -9.01
CA ARG E 14 7.29 41.18 -9.86
C ARG E 14 6.56 41.79 -11.05
N LYS E 15 6.91 41.33 -12.25
CA LYS E 15 6.06 41.61 -13.40
C LYS E 15 4.79 40.79 -13.32
N GLU E 16 3.70 41.34 -13.86
CA GLU E 16 2.45 40.59 -13.87
C GLU E 16 2.63 39.32 -14.71
N GLY E 17 2.10 38.21 -14.23
CA GLY E 17 2.32 36.94 -14.87
C GLY E 17 3.65 36.30 -14.55
N GLN E 18 4.35 36.76 -13.51
CA GLN E 18 5.67 36.26 -13.14
C GLN E 18 5.62 35.63 -11.75
N ASN E 19 6.38 34.54 -11.58
CA ASN E 19 6.52 33.89 -10.29
C ASN E 19 7.81 34.37 -9.61
N VAL E 20 7.76 34.48 -8.28
CA VAL E 20 8.88 34.99 -7.50
C VAL E 20 8.95 34.25 -6.17
N THR E 21 10.16 34.12 -5.63
CA THR E 21 10.40 33.36 -4.41
C THR E 21 11.17 34.19 -3.40
N LEU E 22 10.73 34.17 -2.15
CA LEU E 22 11.42 34.83 -1.04
C LEU E 22 12.06 33.78 -0.16
N SER E 23 13.29 34.04 0.27
CA SER E 23 14.06 33.09 1.06
C SER E 23 14.01 33.45 2.53
N CYS E 24 13.96 32.43 3.38
CA CYS E 24 13.97 32.62 4.83
C CYS E 24 14.77 31.49 5.48
N GLU E 25 15.80 31.86 6.22
CA GLU E 25 16.67 30.88 6.87
C GLU E 25 16.85 31.27 8.33
N GLN E 26 16.87 30.25 9.21
CA GLN E 26 17.03 30.47 10.64
C GLN E 26 17.87 29.36 11.23
N ASN E 27 18.88 29.74 12.01
CA ASN E 27 19.71 28.80 12.76
C ASN E 27 19.43 28.88 14.26
N LEU E 28 18.17 29.13 14.62
CA LEU E 28 17.74 29.15 16.01
C LEU E 28 17.31 27.79 16.52
N ASN E 29 17.38 26.76 15.68
CA ASN E 29 16.93 25.41 16.05
C ASN E 29 15.44 25.39 16.37
N HIS E 30 14.67 26.24 15.70
CA HIS E 30 13.23 26.31 15.92
C HIS E 30 12.50 25.37 14.98
N ASP E 31 11.43 24.76 15.49
CA ASP E 31 10.67 23.80 14.70
C ASP E 31 9.72 24.50 13.74
N ALA E 32 9.02 25.51 14.22
CA ALA E 32 7.97 26.15 13.44
C ALA E 32 8.50 27.36 12.69
N MET E 33 8.01 27.56 11.47
CA MET E 33 8.32 28.74 10.68
C MET E 33 7.05 29.25 10.01
N TYR E 34 6.95 30.57 9.88
CA TYR E 34 5.73 31.23 9.43
C TYR E 34 6.05 32.28 8.38
N TRP E 35 5.05 32.59 7.57
CA TRP E 35 5.11 33.70 6.62
C TRP E 35 3.90 34.58 6.83
N TYR E 36 4.13 35.86 7.10
CA TYR E 36 3.07 36.83 7.31
C TYR E 36 3.08 37.87 6.21
N ARG E 37 1.91 38.46 5.97
CA ARG E 37 1.73 39.50 4.97
C ARG E 37 1.17 40.74 5.66
N GLN E 38 1.78 41.89 5.43
CA GLN E 38 1.37 43.15 6.06
C GLN E 38 0.83 44.09 4.99
N ASP E 39 -0.33 44.68 5.27
CA ASP E 39 -0.95 45.62 4.36
C ASP E 39 -1.43 46.84 5.15
N PRO E 40 -1.25 48.04 4.63
CA PRO E 40 -1.83 49.22 5.31
C PRO E 40 -3.32 49.05 5.50
N GLY E 41 -3.82 49.55 6.63
CA GLY E 41 -5.20 49.31 7.01
C GLY E 41 -5.47 47.92 7.52
N GLN E 42 -4.47 47.05 7.54
CA GLN E 42 -4.60 45.70 8.06
C GLN E 42 -3.35 45.38 8.87
N GLY E 43 -3.48 44.41 9.76
CA GLY E 43 -2.35 44.00 10.55
C GLY E 43 -1.48 43.04 9.77
N LEU E 44 -0.99 42.01 10.44
CA LEU E 44 -0.30 40.91 9.78
C LEU E 44 -1.29 39.77 9.60
N ARG E 45 -1.30 39.19 8.42
CA ARG E 45 -2.16 38.05 8.12
C ARG E 45 -1.28 36.87 7.72
N LEU E 46 -1.48 35.74 8.40
CA LEU E 46 -0.68 34.55 8.13
C LEU E 46 -0.98 34.01 6.74
N ILE E 47 0.08 33.64 6.02
CA ILE E 47 -0.04 33.01 4.71
C ILE E 47 0.08 31.51 4.88
N TYR E 48 1.25 31.07 5.35
CA TYR E 48 1.59 29.67 5.52
C TYR E 48 2.38 29.52 6.81
N TYR E 49 2.38 28.32 7.36
CA TYR E 49 3.35 28.01 8.40
C TYR E 49 3.61 26.51 8.44
N SER E 50 4.79 26.17 8.93
CA SER E 50 5.28 24.80 8.99
C SER E 50 5.76 24.54 10.41
N GLN E 51 5.02 23.70 11.14
CA GLN E 51 5.42 23.39 12.51
C GLN E 51 6.66 22.52 12.56
N ILE E 52 6.88 21.72 11.51
CA ILE E 52 8.04 20.85 11.43
C ILE E 52 8.27 20.55 9.96
N VAL E 53 9.46 20.05 9.65
CA VAL E 53 9.78 19.76 8.26
C VAL E 53 8.71 18.86 7.65
N ASN E 54 8.35 19.13 6.41
CA ASN E 54 7.35 18.36 5.66
C ASN E 54 5.96 18.43 6.30
N ASP E 55 5.68 19.54 6.99
CA ASP E 55 4.35 19.83 7.50
C ASP E 55 3.98 21.24 7.04
N PHE E 56 2.79 21.39 6.48
CA PHE E 56 2.36 22.66 5.90
C PHE E 56 0.92 22.96 6.30
N GLN E 57 0.70 24.17 6.81
CA GLN E 57 -0.62 24.63 7.20
C GLN E 57 -0.92 25.94 6.49
N LYS E 58 -2.02 26.00 5.77
CA LYS E 58 -2.39 27.19 5.03
C LYS E 58 -3.01 28.23 5.97
N GLY E 59 -2.72 29.50 5.71
CA GLY E 59 -3.48 30.58 6.28
C GLY E 59 -4.70 30.91 5.44
N ASP E 60 -5.53 31.81 5.96
CA ASP E 60 -6.76 32.16 5.24
C ASP E 60 -6.48 32.80 3.89
N ILE E 61 -5.25 33.28 3.66
CA ILE E 61 -4.91 33.97 2.42
C ILE E 61 -3.86 33.17 1.66
N ALA E 62 -3.88 31.85 1.80
CA ALA E 62 -2.84 31.02 1.22
C ALA E 62 -2.90 30.99 -0.31
N GLU E 63 -4.10 31.07 -0.88
CA GLU E 63 -4.22 30.91 -2.32
C GLU E 63 -3.37 31.93 -3.06
N GLY E 64 -2.73 31.47 -4.13
CA GLY E 64 -1.76 32.25 -4.84
C GLY E 64 -0.35 32.14 -4.31
N TYR E 65 -0.17 31.57 -3.13
CA TYR E 65 1.14 31.37 -2.53
C TYR E 65 1.45 29.89 -2.44
N SER E 66 2.74 29.59 -2.27
CA SER E 66 3.19 28.23 -2.03
C SER E 66 4.47 28.28 -1.20
N VAL E 67 4.73 27.20 -0.47
CA VAL E 67 5.89 27.10 0.40
C VAL E 67 6.47 25.70 0.28
N SER E 68 7.70 25.55 0.77
CA SER E 68 8.34 24.25 0.87
C SER E 68 9.19 24.22 2.13
N ARG E 69 9.26 23.05 2.75
CA ARG E 69 10.02 22.84 3.99
C ARG E 69 10.76 21.52 3.88
N GLU E 70 11.73 21.46 2.98
CA GLU E 70 12.57 20.28 2.84
C GLU E 70 13.60 20.19 3.97
N LYS E 71 13.96 21.31 4.57
CA LYS E 71 14.95 21.36 5.64
C LYS E 71 14.39 22.13 6.82
N LYS E 72 14.96 21.86 7.99
CA LYS E 72 14.54 22.55 9.20
C LYS E 72 14.84 24.04 9.13
N GLU E 73 15.96 24.41 8.51
CA GLU E 73 16.45 25.77 8.57
C GLU E 73 15.81 26.71 7.56
N SER E 74 15.17 26.18 6.52
CA SER E 74 14.72 26.99 5.39
C SER E 74 13.22 26.85 5.20
N PHE E 75 12.57 27.95 4.80
CA PHE E 75 11.13 27.97 4.56
C PHE E 75 10.83 29.00 3.49
N PRO E 76 11.25 28.75 2.26
CA PRO E 76 11.03 29.73 1.18
C PRO E 76 9.56 29.88 0.83
N LEU E 77 9.19 31.11 0.48
CA LEU E 77 7.84 31.46 0.05
C LEU E 77 7.88 31.83 -1.42
N THR E 78 6.92 31.30 -2.19
CA THR E 78 6.79 31.61 -3.60
C THR E 78 5.48 32.37 -3.81
N VAL E 79 5.59 33.53 -4.46
CA VAL E 79 4.42 34.32 -4.85
C VAL E 79 4.16 34.01 -6.32
N THR E 80 3.16 33.18 -6.59
CA THR E 80 2.85 32.78 -7.94
C THR E 80 2.13 33.91 -8.66
N SER E 81 2.11 33.82 -9.99
CA SER E 81 1.37 34.79 -10.79
C SER E 81 -0.13 34.74 -10.50
N ALA E 82 -0.62 33.64 -9.92
CA ALA E 82 -2.05 33.51 -9.63
C ALA E 82 -2.49 34.43 -8.50
N GLN E 83 -1.56 34.92 -7.68
CA GLN E 83 -1.91 35.81 -6.58
C GLN E 83 -2.29 37.17 -7.15
N LYS E 84 -3.56 37.53 -6.99
CA LYS E 84 -4.12 38.65 -7.75
C LYS E 84 -3.56 39.99 -7.29
N ASN E 85 -3.41 40.18 -5.98
CA ASN E 85 -3.00 41.46 -5.40
C ASN E 85 -1.88 41.22 -4.42
N PRO E 86 -0.65 40.99 -4.91
CA PRO E 86 0.45 40.61 -4.01
C PRO E 86 1.27 41.76 -3.45
N THR E 87 1.02 43.00 -3.89
CA THR E 87 1.78 44.15 -3.37
C THR E 87 1.59 44.25 -1.86
N ALA E 88 2.66 44.01 -1.09
CA ALA E 88 2.58 44.07 0.36
C ALA E 88 3.99 43.96 0.93
N PHE E 89 4.06 43.89 2.26
CA PHE E 89 5.30 43.69 3.00
C PHE E 89 5.26 42.31 3.64
N TYR E 90 6.27 41.49 3.37
CA TYR E 90 6.28 40.08 3.78
C TYR E 90 7.30 39.89 4.89
N LEU E 91 6.89 39.18 5.94
CA LEU E 91 7.69 38.96 7.13
C LEU E 91 7.79 37.48 7.40
N CYS E 92 9.01 36.96 7.49
CA CYS E 92 9.22 35.60 7.94
C CYS E 92 9.25 35.57 9.46
N ALA E 93 8.90 34.42 10.02
CA ALA E 93 8.92 34.26 11.47
C ALA E 93 9.26 32.83 11.83
N SER E 94 9.73 32.65 13.06
CA SER E 94 10.18 31.36 13.55
C SER E 94 9.93 31.29 15.05
N SER E 95 9.62 30.09 15.53
CA SER E 95 9.30 29.91 16.95
C SER E 95 9.32 28.44 17.31
N ILE E 96 9.21 28.17 18.61
CA ILE E 96 8.90 26.84 19.14
C ILE E 96 7.66 27.01 19.99
N GLY E 97 6.50 26.77 19.40
CA GLY E 97 5.26 27.14 20.08
C GLY E 97 5.10 28.64 20.03
N VAL E 98 4.88 29.27 21.19
CA VAL E 98 4.76 30.72 21.28
C VAL E 98 6.02 31.36 21.85
N TYR E 99 7.08 30.58 22.08
CA TYR E 99 8.32 31.09 22.64
C TYR E 99 9.39 31.23 21.57
N GLY E 100 10.32 32.14 21.82
CA GLY E 100 11.36 32.45 20.86
C GLY E 100 10.84 33.03 19.57
N TYR E 101 9.62 33.57 19.58
CA TYR E 101 9.05 34.12 18.36
C TYR E 101 9.93 35.25 17.85
N THR E 102 10.51 35.05 16.66
CA THR E 102 11.35 36.06 16.03
C THR E 102 10.93 36.23 14.58
N PHE E 103 10.96 37.47 14.13
CA PHE E 103 10.61 37.84 12.76
C PHE E 103 11.87 38.23 11.99
N GLY E 104 11.84 38.03 10.68
CA GLY E 104 12.93 38.43 9.82
C GLY E 104 12.92 39.92 9.53
N SER E 105 13.95 40.35 8.79
CA SER E 105 14.09 41.76 8.43
C SER E 105 12.86 42.27 7.67
N GLY E 106 12.28 41.42 6.85
CA GLY E 106 11.12 41.78 6.04
C GLY E 106 11.49 42.00 4.58
N THR E 107 10.47 41.86 3.73
CA THR E 107 10.63 42.00 2.30
C THR E 107 9.49 42.84 1.76
N ARG E 108 9.81 43.76 0.84
CA ARG E 108 8.82 44.58 0.17
C ARG E 108 8.73 44.16 -1.28
N LEU E 109 7.52 43.78 -1.71
CA LEU E 109 7.27 43.29 -3.06
C LEU E 109 6.32 44.24 -3.76
N THR E 110 6.65 44.61 -5.00
CA THR E 110 5.85 45.51 -5.80
C THR E 110 5.51 44.87 -7.13
N VAL E 111 4.32 45.16 -7.63
CA VAL E 111 3.88 44.72 -8.95
C VAL E 111 4.12 45.87 -9.91
N VAL E 112 5.00 45.65 -10.88
CA VAL E 112 5.32 46.65 -11.90
C VAL E 112 4.66 46.20 -13.19
N GLU E 113 3.47 46.74 -13.46
CA GLU E 113 2.74 46.34 -14.66
C GLU E 113 3.54 46.63 -15.91
N ASP E 114 4.08 47.84 -16.01
CA ASP E 114 4.92 48.25 -17.14
C ASP E 114 6.34 48.46 -16.65
N LEU E 115 7.31 47.87 -17.35
CA LEU E 115 8.71 47.92 -16.93
C LEU E 115 9.38 49.24 -17.31
N LYS E 116 8.86 49.94 -18.31
CA LYS E 116 9.43 51.22 -18.72
C LYS E 116 9.39 52.26 -17.60
N ASN E 117 8.51 52.10 -16.61
CA ASN E 117 8.34 53.10 -15.56
C ASN E 117 9.51 53.17 -14.61
N VAL E 118 10.42 52.19 -14.61
CA VAL E 118 11.51 52.18 -13.64
C VAL E 118 12.50 53.28 -13.95
N PHE E 119 12.97 53.97 -12.91
CA PHE E 119 13.97 55.03 -13.02
C PHE E 119 14.79 55.03 -11.74
N PRO E 120 16.10 55.24 -11.82
CA PRO E 120 16.89 55.39 -10.59
C PRO E 120 16.80 56.81 -10.08
N PRO E 121 17.26 57.06 -8.86
CA PRO E 121 17.15 58.41 -8.29
C PRO E 121 18.31 59.30 -8.70
N GLU E 122 18.00 60.55 -8.99
CA GLU E 122 19.00 61.59 -9.09
C GLU E 122 19.18 62.22 -7.72
N VAL E 123 20.41 62.25 -7.23
CA VAL E 123 20.71 62.69 -5.87
C VAL E 123 21.43 64.03 -5.94
N ALA E 124 21.08 64.92 -5.02
CA ALA E 124 21.69 66.24 -4.96
C ALA E 124 21.80 66.68 -3.51
N VAL E 125 22.92 67.27 -3.17
CA VAL E 125 23.13 67.86 -1.84
C VAL E 125 23.00 69.37 -1.99
N PHE E 126 22.53 70.03 -0.92
CA PHE E 126 22.39 71.47 -0.89
C PHE E 126 23.12 72.01 0.34
N GLU E 127 24.08 72.90 0.10
CA GLU E 127 24.93 73.37 1.18
C GLU E 127 24.15 74.29 2.12
N PRO E 128 24.49 74.32 3.40
CA PRO E 128 23.73 75.12 4.36
C PRO E 128 23.85 76.61 4.09
N SER E 129 22.79 77.34 4.41
CA SER E 129 22.78 78.79 4.27
C SER E 129 23.65 79.44 5.33
N GLU E 130 24.41 80.46 4.93
CA GLU E 130 25.19 81.21 5.90
C GLU E 130 24.29 81.98 6.86
N ALA E 131 23.03 82.21 6.51
CA ALA E 131 22.10 82.83 7.44
C ALA E 131 21.83 81.93 8.64
N GLU E 132 21.57 80.65 8.38
CA GLU E 132 21.39 79.70 9.47
C GLU E 132 22.64 79.63 10.34
N ILE E 133 23.81 79.55 9.71
CA ILE E 133 25.06 79.38 10.46
C ILE E 133 25.28 80.55 11.41
N SER E 134 25.03 81.77 10.93
CA SER E 134 25.23 82.94 11.78
C SER E 134 24.14 83.06 12.84
N HIS E 135 22.93 82.61 12.54
CA HIS E 135 21.81 82.77 13.47
C HIS E 135 21.82 81.70 14.56
N THR E 136 22.06 80.45 14.18
CA THR E 136 22.00 79.33 15.10
C THR E 136 23.35 78.69 15.39
N GLN E 137 24.40 79.09 14.68
CA GLN E 137 25.70 78.42 14.78
C GLN E 137 25.59 76.93 14.51
N LYS E 138 24.64 76.56 13.65
CA LYS E 138 24.46 75.19 13.22
C LYS E 138 24.25 75.18 11.70
N ALA E 139 24.64 74.08 11.07
CA ALA E 139 24.62 73.98 9.61
C ALA E 139 23.82 72.75 9.21
N THR E 140 22.79 72.95 8.41
CA THR E 140 21.92 71.87 7.96
C THR E 140 22.14 71.63 6.46
N LEU E 141 22.48 70.39 6.11
CA LEU E 141 22.55 69.95 4.73
C LEU E 141 21.25 69.25 4.36
N VAL E 142 20.81 69.45 3.12
CA VAL E 142 19.59 68.83 2.61
C VAL E 142 19.95 68.00 1.39
N CYS E 143 19.49 66.75 1.37
CA CYS E 143 19.70 65.84 0.25
C CYS E 143 18.37 65.54 -0.40
N LEU E 144 18.35 65.57 -1.74
CA LEU E 144 17.14 65.32 -2.50
C LEU E 144 17.36 64.16 -3.47
N ALA E 145 16.60 63.09 -3.28
CA ALA E 145 16.52 62.00 -4.25
C ALA E 145 15.18 62.11 -4.95
N THR E 146 15.21 62.28 -6.27
CA THR E 146 14.02 62.62 -7.04
C THR E 146 13.87 61.70 -8.25
N GLY E 147 12.62 61.51 -8.67
CA GLY E 147 12.32 60.83 -9.91
C GLY E 147 12.79 59.39 -9.98
N PHE E 148 12.53 58.63 -8.92
CA PHE E 148 12.86 57.21 -8.89
C PHE E 148 11.59 56.39 -8.74
N TYR E 149 11.56 55.25 -9.41
CA TYR E 149 10.45 54.31 -9.31
C TYR E 149 10.99 52.89 -9.49
N PRO E 150 10.54 51.93 -8.66
CA PRO E 150 9.55 52.04 -7.59
C PRO E 150 10.12 52.64 -6.30
N ASP E 151 9.33 52.59 -5.23
CA ASP E 151 9.72 53.15 -3.93
C ASP E 151 10.62 52.18 -3.17
N HIS E 152 11.77 51.88 -3.77
CA HIS E 152 12.76 50.97 -3.19
C HIS E 152 14.06 51.75 -3.06
N VAL E 153 14.23 52.44 -1.94
CA VAL E 153 15.40 53.28 -1.73
C VAL E 153 15.85 53.17 -0.28
N GLU E 154 17.15 53.40 -0.07
CA GLU E 154 17.75 53.49 1.25
C GLU E 154 18.71 54.68 1.22
N LEU E 155 18.45 55.67 2.05
CA LEU E 155 19.25 56.89 2.06
C LEU E 155 20.10 56.90 3.31
N SER E 156 21.39 57.22 3.14
CA SER E 156 22.32 57.30 4.25
C SER E 156 23.23 58.50 4.05
N TRP E 157 23.77 58.98 5.16
CA TRP E 157 24.74 60.06 5.17
C TRP E 157 26.10 59.49 5.53
N TRP E 158 27.14 59.89 4.80
CA TRP E 158 28.50 59.47 5.07
C TRP E 158 29.36 60.72 5.26
N VAL E 159 30.02 60.81 6.41
CA VAL E 159 30.89 61.93 6.73
C VAL E 159 32.30 61.39 6.91
N ASN E 160 33.24 61.89 6.09
CA ASN E 160 34.64 61.49 6.17
C ASN E 160 34.78 59.98 6.03
N GLY E 161 33.93 59.35 5.24
CA GLY E 161 34.02 57.94 4.95
C GLY E 161 33.28 57.03 5.91
N LYS E 162 32.59 57.57 6.91
CA LYS E 162 31.85 56.76 7.86
C LYS E 162 30.39 57.17 7.88
N GLU E 163 29.50 56.18 7.94
CA GLU E 163 28.08 56.46 7.97
C GLU E 163 27.71 57.11 9.30
N VAL E 164 26.78 58.06 9.24
CA VAL E 164 26.36 58.82 10.41
C VAL E 164 24.85 58.71 10.55
N HIS E 165 24.40 58.69 11.81
CA HIS E 165 22.97 58.69 12.12
C HIS E 165 22.57 59.80 13.08
N SER E 166 23.50 60.41 13.81
CA SER E 166 23.18 61.51 14.69
C SER E 166 22.98 62.78 13.89
N GLY E 167 22.00 63.58 14.29
CA GLY E 167 21.70 64.81 13.58
C GLY E 167 21.10 64.60 12.21
N VAL E 168 20.53 63.44 11.95
CA VAL E 168 19.97 63.11 10.64
C VAL E 168 18.46 62.97 10.76
N CYS E 169 17.76 63.36 9.70
CA CYS E 169 16.34 63.15 9.58
C CYS E 169 16.00 62.86 8.13
N THR E 170 15.33 61.74 7.89
CA THR E 170 14.83 61.42 6.56
C THR E 170 13.31 61.28 6.62
N ASP E 171 12.64 61.71 5.57
CA ASP E 171 11.19 61.66 5.54
C ASP E 171 10.72 60.23 5.82
N PRO E 172 9.72 60.04 6.68
CA PRO E 172 9.28 58.66 6.97
C PRO E 172 8.84 57.91 5.73
N GLN E 173 8.26 58.61 4.75
CA GLN E 173 7.80 57.97 3.53
C GLN E 173 8.00 58.94 2.38
N PRO E 174 8.32 58.44 1.17
CA PRO E 174 8.59 59.36 0.06
C PRO E 174 7.36 60.10 -0.45
N LEU E 175 7.60 60.97 -1.42
CA LEU E 175 6.58 61.85 -1.99
C LEU E 175 6.44 61.57 -3.47
N LYS E 176 5.20 61.51 -3.96
CA LYS E 176 4.93 61.29 -5.37
C LYS E 176 4.94 62.63 -6.11
N GLU E 177 5.86 62.75 -7.07
CA GLU E 177 6.02 64.01 -7.79
C GLU E 177 4.78 64.36 -8.60
N GLN E 178 4.12 63.35 -9.17
CA GLN E 178 2.89 63.54 -9.95
C GLN E 178 1.86 62.57 -9.40
N PRO E 179 1.05 62.99 -8.42
CA PRO E 179 0.14 62.05 -7.77
C PRO E 179 -0.98 61.52 -8.66
N ALA E 180 -1.48 62.32 -9.61
CA ALA E 180 -2.63 61.88 -10.40
C ALA E 180 -2.37 60.54 -11.07
N LEU E 181 -1.16 60.34 -11.57
CA LEU E 181 -0.84 59.12 -12.29
C LEU E 181 -0.80 57.94 -11.33
N ASN E 182 -1.32 56.80 -11.78
CA ASN E 182 -1.23 55.59 -10.96
C ASN E 182 0.22 55.20 -10.75
N ASP E 183 1.03 55.28 -11.81
CA ASP E 183 2.47 55.13 -11.70
C ASP E 183 3.09 56.52 -11.65
N SER E 184 3.73 56.85 -10.54
CA SER E 184 4.33 58.15 -10.34
C SER E 184 5.74 57.99 -9.80
N ARG E 185 6.65 58.80 -10.29
CA ARG E 185 8.01 58.78 -9.79
C ARG E 185 8.06 59.51 -8.45
N TYR E 186 9.00 59.10 -7.60
CA TYR E 186 9.02 59.51 -6.21
C TYR E 186 10.18 60.45 -5.92
N ALA E 187 10.05 61.17 -4.81
CA ALA E 187 11.09 62.07 -4.33
C ALA E 187 11.22 61.88 -2.83
N LEU E 188 12.44 61.99 -2.31
CA LEU E 188 12.70 61.83 -0.89
C LEU E 188 13.72 62.86 -0.45
N SER E 189 13.55 63.39 0.75
CA SER E 189 14.47 64.37 1.30
C SER E 189 15.01 63.89 2.64
N SER E 190 16.24 64.27 2.94
CA SER E 190 16.88 63.99 4.21
C SER E 190 17.74 65.18 4.60
N ARG E 191 17.98 65.31 5.90
CA ARG E 191 18.70 66.45 6.44
C ARG E 191 19.79 65.97 7.38
N LEU E 192 20.94 66.65 7.33
CA LEU E 192 22.05 66.38 8.22
C LEU E 192 22.49 67.70 8.82
N ARG E 193 22.46 67.80 10.15
CA ARG E 193 22.82 69.02 10.86
C ARG E 193 24.06 68.77 11.70
N VAL E 194 25.05 69.65 11.57
CA VAL E 194 26.27 69.60 12.35
C VAL E 194 26.54 71.00 12.90
N SER E 195 27.47 71.06 13.85
CA SER E 195 27.88 72.35 14.39
C SER E 195 28.49 73.21 13.30
N ALA E 196 28.37 74.53 13.47
CA ALA E 196 28.93 75.46 12.49
C ALA E 196 30.42 75.18 12.26
N THR E 197 31.17 75.04 13.35
CA THR E 197 32.62 74.83 13.24
C THR E 197 32.94 73.63 12.35
N PHE E 198 32.16 72.55 12.48
CA PHE E 198 32.45 71.34 11.70
C PHE E 198 32.33 71.62 10.21
N TRP E 199 31.25 72.28 9.79
CA TRP E 199 31.07 72.59 8.38
C TRP E 199 32.14 73.55 7.88
N GLN E 200 32.57 74.49 8.73
CA GLN E 200 33.55 75.48 8.29
C GLN E 200 34.86 74.83 7.87
N ASN E 201 35.19 73.69 8.45
CA ASN E 201 36.41 72.97 8.07
C ASN E 201 36.27 72.40 6.68
N PRO E 202 37.18 72.71 5.73
CA PRO E 202 37.03 72.17 4.37
C PRO E 202 37.59 70.77 4.17
N ARG E 203 38.32 70.24 5.14
CA ARG E 203 38.76 68.85 5.05
C ARG E 203 37.61 67.88 5.30
N ASN E 204 36.54 68.33 5.96
CA ASN E 204 35.38 67.48 6.18
C ASN E 204 34.65 67.24 4.87
N HIS E 205 34.33 65.97 4.61
CA HIS E 205 33.68 65.55 3.38
C HIS E 205 32.32 64.97 3.71
N PHE E 206 31.30 65.39 2.97
CA PHE E 206 29.92 64.96 3.19
C PHE E 206 29.40 64.29 1.94
N ARG E 207 28.71 63.18 2.12
CA ARG E 207 28.18 62.41 1.00
C ARG E 207 26.80 61.86 1.36
N CYS E 208 25.84 62.06 0.47
CA CYS E 208 24.50 61.51 0.62
C CYS E 208 24.37 60.33 -0.33
N GLN E 209 24.24 59.14 0.23
CA GLN E 209 24.21 57.89 -0.52
C GLN E 209 22.78 57.36 -0.58
N VAL E 210 22.34 56.99 -1.77
CA VAL E 210 21.02 56.41 -1.99
C VAL E 210 21.19 55.08 -2.70
N GLN E 211 20.76 53.99 -2.06
CA GLN E 211 20.79 52.67 -2.65
C GLN E 211 19.46 52.40 -3.34
N PHE E 212 19.50 52.24 -4.65
CA PHE E 212 18.30 51.98 -5.44
C PHE E 212 18.23 50.51 -5.83
N TYR E 213 17.03 49.94 -5.75
CA TYR E 213 16.80 48.55 -6.12
C TYR E 213 15.87 48.54 -7.33
N GLY E 214 16.44 48.21 -8.49
CA GLY E 214 15.70 48.24 -9.74
C GLY E 214 15.89 46.98 -10.56
N LEU E 215 16.14 47.16 -11.86
CA LEU E 215 16.21 46.04 -12.77
C LEU E 215 17.39 45.13 -12.44
N SER E 216 17.31 43.90 -12.93
CA SER E 216 18.38 42.92 -12.78
C SER E 216 18.75 42.39 -14.15
N GLU E 217 19.80 41.57 -14.19
CA GLU E 217 20.23 40.97 -15.45
C GLU E 217 19.15 40.08 -16.04
N ASN E 218 18.30 39.49 -15.20
CA ASN E 218 17.22 38.66 -15.72
C ASN E 218 16.29 39.47 -16.63
N ASP E 219 16.09 40.75 -16.32
CA ASP E 219 15.19 41.59 -17.08
C ASP E 219 15.83 42.02 -18.39
N GLU E 220 14.98 42.43 -19.33
CA GLU E 220 15.40 42.84 -20.67
C GLU E 220 15.12 44.32 -20.84
N TRP E 221 16.11 45.06 -21.35
CA TRP E 221 16.01 46.51 -21.53
C TRP E 221 16.02 46.83 -23.02
N THR E 222 14.90 47.37 -23.50
CA THR E 222 14.74 47.72 -24.91
C THR E 222 14.99 49.20 -25.19
N GLN E 223 15.17 50.03 -24.16
CA GLN E 223 15.20 51.47 -24.33
C GLN E 223 16.61 51.99 -24.52
N ASP E 224 16.70 53.19 -25.11
CA ASP E 224 17.99 53.82 -25.35
C ASP E 224 18.66 54.25 -24.04
N ARG E 225 17.88 54.81 -23.12
CA ARG E 225 18.46 55.31 -21.87
C ARG E 225 19.08 54.15 -21.09
N ALA E 226 20.09 54.50 -20.27
CA ALA E 226 20.82 53.48 -19.54
C ALA E 226 19.86 52.62 -18.72
N LYS E 227 20.24 51.35 -18.54
CA LYS E 227 19.37 50.40 -17.86
C LYS E 227 19.16 50.84 -16.41
N PRO E 228 17.78 50.86 -15.85
CA PRO E 228 17.56 51.23 -14.44
C PRO E 228 17.91 50.07 -13.50
N VAL E 229 19.21 49.83 -13.38
CA VAL E 229 19.72 48.67 -12.65
C VAL E 229 19.83 49.03 -11.18
N THR E 230 20.02 48.02 -10.33
CA THR E 230 20.33 48.26 -8.93
C THR E 230 21.70 48.93 -8.81
N GLN E 231 21.72 50.14 -8.27
CA GLN E 231 22.93 50.94 -8.21
C GLN E 231 22.86 51.86 -7.02
N ILE E 232 23.98 52.54 -6.74
CA ILE E 232 24.07 53.53 -5.67
C ILE E 232 24.33 54.89 -6.31
N VAL E 233 23.40 55.82 -6.11
CA VAL E 233 23.53 57.19 -6.61
C VAL E 233 23.90 58.07 -5.43
N SER E 234 24.98 58.85 -5.57
CA SER E 234 25.53 59.64 -4.48
C SER E 234 25.73 61.08 -4.92
N ALA E 235 25.67 61.98 -3.94
CA ALA E 235 26.00 63.38 -4.13
C ALA E 235 26.79 63.83 -2.91
N GLU E 236 27.77 64.71 -3.14
CA GLU E 236 28.71 65.09 -2.09
C GLU E 236 28.84 66.60 -2.00
N ALA E 237 29.39 67.05 -0.88
CA ALA E 237 29.68 68.45 -0.65
C ALA E 237 30.90 68.55 0.25
N TRP E 238 31.58 69.69 0.18
CA TRP E 238 32.81 69.91 0.93
C TRP E 238 32.65 71.13 1.82
N GLY E 239 33.26 71.07 3.01
CA GLY E 239 33.18 72.20 3.92
C GLY E 239 33.78 73.45 3.31
N ARG E 240 33.24 74.60 3.72
CA ARG E 240 33.69 75.90 3.26
C ARG E 240 33.81 76.83 4.45
N ALA E 241 34.92 77.57 4.51
CA ALA E 241 35.13 78.53 5.59
C ALA E 241 34.12 79.66 5.55
N GLY F 1 28.29 -11.74 -21.69
CA GLY F 1 28.27 -11.83 -20.20
C GLY F 1 26.96 -12.37 -19.67
N SER F 2 26.71 -12.17 -18.37
CA SER F 2 25.45 -12.61 -17.79
C SER F 2 24.28 -11.85 -18.39
N HIS F 3 23.12 -12.48 -18.39
CA HIS F 3 21.89 -11.86 -18.87
C HIS F 3 20.73 -12.40 -18.06
N SER F 4 19.57 -11.78 -18.23
CA SER F 4 18.38 -12.18 -17.49
C SER F 4 17.15 -11.81 -18.28
N MET F 5 16.08 -12.57 -18.05
CA MET F 5 14.74 -12.22 -18.50
C MET F 5 13.82 -12.25 -17.29
N ARG F 6 13.10 -11.16 -17.06
CA ARG F 6 12.19 -11.07 -15.93
C ARG F 6 10.87 -10.49 -16.39
N TYR F 7 9.78 -11.01 -15.82
CA TYR F 7 8.44 -10.47 -16.02
C TYR F 7 7.93 -9.95 -14.69
N PHE F 8 7.47 -8.70 -14.69
CA PHE F 8 6.96 -8.04 -13.49
C PHE F 8 5.47 -7.80 -13.63
N PHE F 9 4.70 -8.22 -12.63
CA PHE F 9 3.25 -8.12 -12.66
C PHE F 9 2.76 -7.34 -11.44
N THR F 10 1.82 -6.42 -11.66
CA THR F 10 1.24 -5.60 -10.60
C THR F 10 -0.27 -5.63 -10.71
N SER F 11 -0.94 -5.97 -9.60
CA SER F 11 -2.40 -5.97 -9.53
C SER F 11 -2.81 -5.10 -8.35
N VAL F 12 -3.73 -4.17 -8.60
CA VAL F 12 -4.15 -3.20 -7.61
C VAL F 12 -5.67 -3.19 -7.58
N SER F 13 -6.25 -3.51 -6.43
CA SER F 13 -7.70 -3.47 -6.28
C SER F 13 -8.18 -2.02 -6.22
N ARG F 14 -9.40 -1.80 -6.73
CA ARG F 14 -10.00 -0.47 -6.76
C ARG F 14 -11.47 -0.59 -6.36
N PRO F 15 -11.73 -0.89 -5.08
CA PRO F 15 -13.12 -1.07 -4.65
C PRO F 15 -13.96 0.17 -4.90
N GLY F 16 -15.16 -0.05 -5.42
CA GLY F 16 -16.07 1.03 -5.74
C GLY F 16 -15.72 1.82 -6.97
N ARG F 17 -14.63 1.48 -7.67
CA ARG F 17 -14.24 2.15 -8.89
C ARG F 17 -14.28 1.25 -10.11
N GLY F 18 -13.99 -0.03 -9.96
CA GLY F 18 -14.10 -0.96 -11.06
C GLY F 18 -13.21 -2.17 -10.85
N GLU F 19 -12.89 -2.82 -11.96
CA GLU F 19 -12.01 -3.97 -11.92
C GLU F 19 -10.63 -3.54 -11.42
N PRO F 20 -9.88 -4.47 -10.85
CA PRO F 20 -8.53 -4.13 -10.40
C PRO F 20 -7.63 -3.79 -11.57
N ARG F 21 -6.72 -2.84 -11.35
CA ARG F 21 -5.71 -2.53 -12.35
C ARG F 21 -4.74 -3.70 -12.49
N PHE F 22 -4.34 -3.99 -13.72
CA PHE F 22 -3.36 -5.04 -13.96
C PHE F 22 -2.33 -4.55 -14.97
N ILE F 23 -1.06 -4.63 -14.61
CA ILE F 23 0.04 -4.24 -15.48
C ILE F 23 1.07 -5.36 -15.49
N ALA F 24 1.46 -5.76 -16.69
CA ALA F 24 2.55 -6.70 -16.91
C ALA F 24 3.61 -6.02 -17.76
N VAL F 25 4.88 -6.19 -17.39
CA VAL F 25 6.00 -5.70 -18.18
C VAL F 25 7.08 -6.77 -18.19
N GLY F 26 7.71 -6.96 -19.34
CA GLY F 26 8.77 -7.93 -19.50
C GLY F 26 10.08 -7.24 -19.82
N TYR F 27 11.17 -7.72 -19.21
CA TYR F 27 12.49 -7.15 -19.40
C TYR F 27 13.47 -8.22 -19.86
N VAL F 28 14.37 -7.84 -20.76
CA VAL F 28 15.61 -8.57 -21.01
C VAL F 28 16.72 -7.66 -20.52
N ASP F 29 17.40 -8.08 -19.45
CA ASP F 29 18.41 -7.24 -18.79
C ASP F 29 17.69 -5.95 -18.37
N ASP F 30 18.21 -4.77 -18.69
CA ASP F 30 17.60 -3.51 -18.30
C ASP F 30 16.78 -2.89 -19.42
N THR F 31 16.21 -3.71 -20.29
CA THR F 31 15.48 -3.27 -21.46
C THR F 31 14.10 -3.90 -21.45
N GLN F 32 13.06 -3.06 -21.46
CA GLN F 32 11.70 -3.55 -21.55
C GLN F 32 11.35 -3.81 -23.00
N PHE F 33 10.63 -4.91 -23.26
CA PHE F 33 10.26 -5.27 -24.62
C PHE F 33 8.78 -5.58 -24.82
N VAL F 34 7.99 -5.81 -23.75
CA VAL F 34 6.57 -6.06 -23.88
C VAL F 34 5.85 -5.48 -22.67
N ARG F 35 4.55 -5.26 -22.84
CA ARG F 35 3.69 -4.80 -21.74
C ARG F 35 2.26 -5.27 -21.98
N PHE F 36 1.50 -5.33 -20.90
CA PHE F 36 0.06 -5.49 -20.96
C PHE F 36 -0.55 -4.55 -19.94
N ASP F 37 -1.52 -3.75 -20.35
CA ASP F 37 -2.14 -2.75 -19.49
C ASP F 37 -3.65 -2.93 -19.52
N SER F 38 -4.23 -3.32 -18.38
CA SER F 38 -5.68 -3.48 -18.29
C SER F 38 -6.41 -2.19 -18.64
N ASP F 39 -5.78 -1.04 -18.41
CA ASP F 39 -6.44 0.24 -18.64
C ASP F 39 -6.26 0.77 -20.05
N ALA F 40 -5.54 0.05 -20.92
CA ALA F 40 -5.35 0.46 -22.29
C ALA F 40 -6.46 -0.09 -23.19
N ALA F 41 -6.51 0.42 -24.41
CA ALA F 41 -7.59 0.05 -25.33
C ALA F 41 -7.33 -1.26 -26.06
N SER F 42 -6.05 -1.61 -26.29
CA SER F 42 -5.75 -2.76 -27.13
C SER F 42 -6.12 -4.08 -26.46
N GLN F 43 -5.92 -4.17 -25.15
CA GLN F 43 -6.19 -5.40 -24.41
C GLN F 43 -5.40 -6.59 -24.97
N ARG F 44 -4.21 -6.31 -25.50
CA ARG F 44 -3.32 -7.34 -25.99
C ARG F 44 -1.91 -7.06 -25.46
N MET F 45 -1.08 -8.09 -25.48
CA MET F 45 0.34 -7.91 -25.19
C MET F 45 0.94 -7.06 -26.31
N GLU F 46 1.65 -5.99 -25.94
CA GLU F 46 2.15 -5.04 -26.91
C GLU F 46 3.67 -5.03 -26.93
N PRO F 47 4.30 -4.88 -28.09
CA PRO F 47 5.76 -4.75 -28.13
C PRO F 47 6.21 -3.41 -27.57
N ARG F 48 7.37 -3.43 -26.91
CA ARG F 48 7.99 -2.21 -26.41
C ARG F 48 9.45 -2.11 -26.83
N ALA F 49 9.92 -3.01 -27.67
CA ALA F 49 11.25 -2.94 -28.25
C ALA F 49 11.14 -3.27 -29.73
N PRO F 50 12.00 -2.72 -30.56
CA PRO F 50 11.89 -3.02 -32.00
C PRO F 50 12.21 -4.47 -32.34
N TRP F 51 13.08 -5.12 -31.57
CA TRP F 51 13.49 -6.48 -31.92
C TRP F 51 12.46 -7.53 -31.55
N ILE F 52 11.41 -7.19 -30.81
CA ILE F 52 10.34 -8.15 -30.55
C ILE F 52 9.20 -8.02 -31.55
N GLU F 53 9.13 -6.93 -32.30
CA GLU F 53 8.04 -6.73 -33.26
C GLU F 53 8.10 -7.74 -34.40
N GLN F 54 9.27 -8.32 -34.67
CA GLN F 54 9.39 -9.29 -35.75
C GLN F 54 8.67 -10.60 -35.43
N GLU F 55 8.27 -10.83 -34.19
CA GLU F 55 7.52 -12.03 -33.85
C GLU F 55 6.19 -12.02 -34.58
N GLY F 56 5.74 -13.21 -34.99
CA GLY F 56 4.55 -13.33 -35.79
C GLY F 56 3.28 -13.26 -34.96
N PRO F 57 2.14 -13.33 -35.66
CA PRO F 57 0.86 -13.22 -34.95
C PRO F 57 0.65 -14.26 -33.88
N GLU F 58 1.08 -15.51 -34.13
CA GLU F 58 0.84 -16.57 -33.15
C GLU F 58 1.56 -16.28 -31.84
N TYR F 59 2.68 -15.56 -31.89
CA TYR F 59 3.37 -15.17 -30.66
C TYR F 59 2.52 -14.18 -29.88
N TRP F 60 1.99 -13.15 -30.55
CA TRP F 60 1.24 -12.12 -29.84
C TRP F 60 -0.12 -12.62 -29.38
N ASP F 61 -0.74 -13.53 -30.14
CA ASP F 61 -1.98 -14.13 -29.68
C ASP F 61 -1.73 -15.01 -28.47
N GLY F 62 -0.62 -15.75 -28.46
CA GLY F 62 -0.32 -16.60 -27.33
C GLY F 62 -0.03 -15.81 -26.08
N GLU F 63 0.87 -14.83 -26.17
CA GLU F 63 1.17 -14.00 -25.01
C GLU F 63 -0.07 -13.29 -24.50
N THR F 64 -0.89 -12.76 -25.41
CA THR F 64 -2.17 -12.17 -25.00
C THR F 64 -3.01 -13.19 -24.25
N ARG F 65 -3.16 -14.38 -24.82
CA ARG F 65 -4.00 -15.40 -24.19
C ARG F 65 -3.45 -15.80 -22.83
N LYS F 66 -2.12 -15.89 -22.70
CA LYS F 66 -1.53 -16.25 -21.42
C LYS F 66 -1.65 -15.11 -20.40
N VAL F 67 -1.36 -13.87 -20.81
CA VAL F 67 -1.31 -12.78 -19.84
C VAL F 67 -2.70 -12.43 -19.34
N LYS F 68 -3.73 -12.64 -20.16
CA LYS F 68 -5.10 -12.43 -19.68
C LYS F 68 -5.47 -13.49 -18.63
N ALA F 69 -4.91 -14.69 -18.74
CA ALA F 69 -5.10 -15.68 -17.69
C ALA F 69 -4.35 -15.29 -16.42
N HIS F 70 -3.16 -14.70 -16.57
CA HIS F 70 -2.51 -14.08 -15.41
C HIS F 70 -3.44 -13.07 -14.76
N SER F 71 -4.02 -12.19 -15.57
CA SER F 71 -4.91 -11.17 -15.03
C SER F 71 -6.06 -11.81 -14.26
N GLN F 72 -6.64 -12.87 -14.82
CA GLN F 72 -7.73 -13.55 -14.14
C GLN F 72 -7.28 -14.14 -12.82
N THR F 73 -6.04 -14.62 -12.75
CA THR F 73 -5.55 -15.25 -11.53
C THR F 73 -5.32 -14.22 -10.43
N HIS F 74 -4.69 -13.10 -10.76
CA HIS F 74 -4.45 -12.08 -9.75
C HIS F 74 -5.75 -11.43 -9.29
N ARG F 75 -6.73 -11.36 -10.18
CA ARG F 75 -8.04 -10.88 -9.76
C ARG F 75 -8.63 -11.77 -8.67
N VAL F 76 -8.53 -13.10 -8.86
CA VAL F 76 -8.98 -14.03 -7.81
C VAL F 76 -8.10 -13.92 -6.57
N ASP F 77 -6.79 -13.80 -6.77
CA ASP F 77 -5.88 -13.78 -5.64
C ASP F 77 -6.12 -12.55 -4.74
N LEU F 78 -6.45 -11.41 -5.34
CA LEU F 78 -6.75 -10.23 -4.53
C LEU F 78 -7.85 -10.53 -3.52
N GLY F 79 -8.92 -11.21 -3.95
CA GLY F 79 -9.99 -11.55 -3.04
C GLY F 79 -9.60 -12.60 -2.01
N THR F 80 -8.73 -13.55 -2.40
CA THR F 80 -8.32 -14.58 -1.45
C THR F 80 -7.47 -14.00 -0.33
N LEU F 81 -6.52 -13.13 -0.69
CA LEU F 81 -5.69 -12.49 0.33
C LEU F 81 -6.53 -11.60 1.23
N ARG F 82 -7.53 -10.93 0.67
CA ARG F 82 -8.43 -10.14 1.49
C ARG F 82 -9.06 -11.00 2.58
N GLY F 83 -9.34 -12.26 2.27
CA GLY F 83 -9.87 -13.20 3.24
C GLY F 83 -8.81 -13.70 4.19
N TYR F 84 -7.66 -14.10 3.66
CA TYR F 84 -6.57 -14.58 4.52
C TYR F 84 -6.28 -13.60 5.64
N TYR F 85 -6.26 -12.30 5.33
CA TYR F 85 -5.92 -11.27 6.29
C TYR F 85 -7.14 -10.57 6.88
N ASN F 86 -8.34 -11.07 6.58
CA ASN F 86 -9.57 -10.52 7.15
C ASN F 86 -9.65 -9.00 6.96
N GLN F 87 -9.27 -8.55 5.77
CA GLN F 87 -9.32 -7.13 5.44
C GLN F 87 -10.67 -6.77 4.84
N SER F 88 -11.09 -5.53 5.04
CA SER F 88 -12.37 -5.07 4.53
C SER F 88 -12.30 -4.87 3.02
N GLU F 89 -13.47 -4.89 2.40
CA GLU F 89 -13.58 -4.66 0.96
C GLU F 89 -13.42 -3.21 0.57
N ALA F 90 -13.18 -2.31 1.54
CA ALA F 90 -13.13 -0.88 1.25
C ALA F 90 -11.75 -0.45 0.73
N GLY F 91 -10.69 -0.92 1.37
CA GLY F 91 -9.36 -0.45 1.03
C GLY F 91 -8.81 -1.06 -0.25
N SER F 92 -7.84 -0.36 -0.83
CA SER F 92 -7.13 -0.84 -2.00
C SER F 92 -5.87 -1.57 -1.59
N HIS F 93 -5.61 -2.71 -2.23
CA HIS F 93 -4.48 -3.57 -1.90
C HIS F 93 -3.75 -3.95 -3.16
N THR F 94 -2.45 -4.24 -3.03
CA THR F 94 -1.57 -4.49 -4.15
C THR F 94 -0.97 -5.89 -4.05
N VAL F 95 -1.00 -6.61 -5.17
CA VAL F 95 -0.30 -7.87 -5.33
C VAL F 95 0.74 -7.67 -6.41
N GLN F 96 2.00 -7.97 -6.08
CA GLN F 96 3.09 -7.91 -7.04
C GLN F 96 3.70 -9.30 -7.20
N ARG F 97 4.14 -9.61 -8.41
CA ARG F 97 4.68 -10.92 -8.74
C ARG F 97 5.80 -10.74 -9.73
N MET F 98 6.89 -11.49 -9.54
CA MET F 98 8.05 -11.42 -10.41
C MET F 98 8.61 -12.81 -10.62
N TYR F 99 8.86 -13.19 -11.87
CA TYR F 99 9.56 -14.43 -12.15
C TYR F 99 10.43 -14.29 -13.39
N GLY F 100 11.35 -15.22 -13.54
CA GLY F 100 12.28 -15.18 -14.65
C GLY F 100 13.49 -16.06 -14.36
N CYS F 101 14.52 -15.87 -15.17
CA CYS F 101 15.73 -16.69 -15.06
C CYS F 101 16.95 -15.84 -15.42
N ASP F 102 18.07 -16.21 -14.80
CA ASP F 102 19.38 -15.64 -15.14
C ASP F 102 20.21 -16.69 -15.87
N VAL F 103 21.16 -16.21 -16.68
CA VAL F 103 22.13 -17.08 -17.34
C VAL F 103 23.50 -16.45 -17.22
N GLY F 104 24.54 -17.28 -17.32
CA GLY F 104 25.91 -16.84 -17.27
C GLY F 104 26.46 -16.53 -18.65
N SER F 105 27.77 -16.30 -18.69
CA SER F 105 28.42 -15.98 -19.95
C SER F 105 28.18 -17.05 -21.01
N ASP F 106 28.06 -18.31 -20.59
CA ASP F 106 27.75 -19.39 -21.52
C ASP F 106 26.28 -19.44 -21.91
N TRP F 107 25.45 -18.54 -21.37
CA TRP F 107 24.02 -18.51 -21.66
C TRP F 107 23.32 -19.78 -21.19
N ARG F 108 23.85 -20.42 -20.16
CA ARG F 108 23.23 -21.57 -19.52
C ARG F 108 22.49 -21.13 -18.27
N PHE F 109 21.49 -21.90 -17.89
CA PHE F 109 20.68 -21.56 -16.73
C PHE F 109 21.57 -21.32 -15.52
N LEU F 110 21.25 -20.27 -14.77
CA LEU F 110 22.03 -19.88 -13.61
C LEU F 110 21.16 -19.78 -12.37
N ARG F 111 20.05 -19.07 -12.46
CA ARG F 111 19.14 -18.95 -11.33
C ARG F 111 17.72 -18.77 -11.84
N GLY F 112 16.76 -19.11 -10.99
CA GLY F 112 15.36 -18.93 -11.29
C GLY F 112 14.66 -18.22 -10.16
N TYR F 113 13.63 -17.45 -10.53
CA TYR F 113 12.88 -16.64 -9.59
C TYR F 113 11.40 -16.82 -9.82
N HIS F 114 10.65 -16.83 -8.71
CA HIS F 114 9.18 -16.82 -8.76
C HIS F 114 8.65 -16.47 -7.38
N GLN F 115 8.26 -15.20 -7.17
CA GLN F 115 8.00 -14.71 -5.84
C GLN F 115 6.91 -13.64 -5.88
N TYR F 116 6.12 -13.59 -4.80
CA TYR F 116 4.98 -12.69 -4.68
C TYR F 116 5.18 -11.73 -3.51
N ALA F 117 4.49 -10.60 -3.59
CA ALA F 117 4.40 -9.66 -2.49
C ALA F 117 2.97 -9.12 -2.39
N TYR F 118 2.53 -8.88 -1.17
CA TYR F 118 1.21 -8.31 -0.90
C TYR F 118 1.39 -7.00 -0.16
N ASP F 119 0.87 -5.93 -0.73
CA ASP F 119 0.96 -4.60 -0.12
C ASP F 119 2.41 -4.24 0.19
N GLY F 120 3.31 -4.60 -0.74
CA GLY F 120 4.70 -4.23 -0.65
C GLY F 120 5.59 -5.10 0.21
N LYS F 121 5.08 -6.20 0.77
CA LYS F 121 5.87 -7.09 1.63
C LYS F 121 5.96 -8.48 1.02
N ASP F 122 7.12 -9.12 1.20
CA ASP F 122 7.27 -10.50 0.77
C ASP F 122 6.11 -11.34 1.30
N TYR F 123 5.51 -12.13 0.41
CA TYR F 123 4.44 -13.05 0.79
C TYR F 123 4.88 -14.50 0.63
N ILE F 124 5.27 -14.92 -0.57
CA ILE F 124 5.80 -16.26 -0.81
C ILE F 124 6.79 -16.19 -1.97
N ALA F 125 7.93 -16.84 -1.81
CA ALA F 125 8.96 -16.85 -2.83
C ALA F 125 9.47 -18.27 -3.05
N LEU F 126 9.79 -18.58 -4.30
CA LEU F 126 10.42 -19.85 -4.64
C LEU F 126 11.89 -19.80 -4.27
N LYS F 127 12.37 -20.84 -3.61
CA LYS F 127 13.76 -20.89 -3.17
C LYS F 127 14.69 -21.20 -4.35
N GLU F 128 15.98 -20.93 -4.14
CA GLU F 128 16.95 -21.06 -5.21
C GLU F 128 16.95 -22.46 -5.81
N ASP F 129 16.76 -23.49 -4.98
CA ASP F 129 16.73 -24.87 -5.47
C ASP F 129 15.52 -25.16 -6.34
N LEU F 130 14.57 -24.23 -6.44
CA LEU F 130 13.39 -24.37 -7.29
C LEU F 130 12.49 -25.53 -6.85
N ARG F 131 12.61 -25.95 -5.60
CA ARG F 131 11.87 -27.09 -5.09
C ARG F 131 11.06 -26.79 -3.84
N SER F 132 11.28 -25.66 -3.17
CA SER F 132 10.59 -25.34 -1.94
C SER F 132 10.30 -23.85 -1.91
N TRP F 133 9.39 -23.47 -1.01
CA TRP F 133 8.91 -22.10 -0.92
C TRP F 133 9.26 -21.49 0.43
N THR F 134 9.33 -20.16 0.45
CA THR F 134 9.52 -19.39 1.67
C THR F 134 8.24 -18.62 1.92
N ALA F 135 7.51 -19.00 2.97
CA ALA F 135 6.29 -18.32 3.35
C ALA F 135 6.63 -17.23 4.37
N ALA F 136 6.33 -15.98 4.03
CA ALA F 136 6.73 -14.87 4.89
C ALA F 136 6.01 -14.89 6.23
N ASP F 137 4.75 -15.33 6.27
CA ASP F 137 3.98 -15.32 7.50
C ASP F 137 3.02 -16.50 7.53
N MET F 138 2.30 -16.62 8.65
CA MET F 138 1.37 -17.73 8.83
C MET F 138 0.32 -17.78 7.72
N ALA F 139 -0.14 -16.61 7.27
CA ALA F 139 -1.14 -16.59 6.22
C ALA F 139 -0.59 -17.18 4.93
N ALA F 140 0.68 -16.88 4.62
CA ALA F 140 1.27 -17.38 3.39
C ALA F 140 1.57 -18.87 3.47
N GLN F 141 1.59 -19.44 4.68
CA GLN F 141 1.76 -20.88 4.81
C GLN F 141 0.59 -21.63 4.20
N THR F 142 -0.60 -21.02 4.19
CA THR F 142 -1.74 -21.64 3.52
C THR F 142 -1.47 -21.80 2.04
N THR F 143 -0.89 -20.78 1.41
CA THR F 143 -0.49 -20.90 0.02
C THR F 143 0.64 -21.91 -0.15
N LYS F 144 1.61 -21.89 0.77
CA LYS F 144 2.74 -22.80 0.67
C LYS F 144 2.26 -24.25 0.66
N HIS F 145 1.38 -24.60 1.60
CA HIS F 145 0.86 -25.95 1.68
C HIS F 145 0.02 -26.30 0.45
N LYS F 146 -0.83 -25.36 0.01
CA LYS F 146 -1.61 -25.60 -1.19
C LYS F 146 -0.71 -25.93 -2.38
N TRP F 147 0.33 -25.11 -2.59
CA TRP F 147 1.21 -25.29 -3.73
C TRP F 147 2.11 -26.51 -3.59
N GLU F 148 2.37 -26.96 -2.36
CA GLU F 148 3.12 -28.21 -2.18
C GLU F 148 2.29 -29.41 -2.63
N ALA F 149 1.02 -29.44 -2.27
CA ALA F 149 0.17 -30.57 -2.65
C ALA F 149 -0.03 -30.62 -4.16
N ALA F 150 -0.11 -29.46 -4.81
CA ALA F 150 -0.32 -29.39 -6.25
C ALA F 150 0.98 -29.49 -7.04
N HIS F 151 2.12 -29.67 -6.37
CA HIS F 151 3.41 -29.80 -7.05
C HIS F 151 3.65 -28.64 -7.99
N VAL F 152 3.37 -27.42 -7.53
CA VAL F 152 3.56 -26.23 -8.36
C VAL F 152 5.03 -26.06 -8.71
N ALA F 153 5.91 -26.16 -7.71
CA ALA F 153 7.32 -25.93 -7.95
C ALA F 153 7.86 -26.86 -9.05
N GLU F 154 7.57 -28.16 -8.95
CA GLU F 154 8.03 -29.10 -9.95
C GLU F 154 7.60 -28.69 -11.35
N GLN F 155 6.32 -28.32 -11.52
CA GLN F 155 5.84 -27.92 -12.83
C GLN F 155 6.47 -26.62 -13.31
N LEU F 156 6.79 -25.70 -12.39
CA LEU F 156 7.42 -24.45 -12.79
C LEU F 156 8.86 -24.67 -13.26
N ARG F 157 9.54 -25.66 -12.68
CA ARG F 157 10.94 -25.88 -13.02
C ARG F 157 11.15 -25.95 -14.53
N ALA F 158 10.24 -26.63 -15.24
CA ALA F 158 10.37 -26.75 -16.69
C ALA F 158 10.44 -25.39 -17.36
N TYR F 159 9.63 -24.43 -16.88
CA TYR F 159 9.66 -23.08 -17.45
C TYR F 159 10.92 -22.35 -17.03
N LEU F 160 11.18 -22.29 -15.73
CA LEU F 160 12.30 -21.48 -15.22
C LEU F 160 13.64 -22.01 -15.71
N GLU F 161 13.83 -23.33 -15.67
CA GLU F 161 15.10 -23.92 -16.09
C GLU F 161 15.19 -24.10 -17.59
N GLY F 162 14.07 -24.34 -18.25
CA GLY F 162 14.07 -24.67 -19.66
C GLY F 162 13.51 -23.59 -20.54
N THR F 163 12.19 -23.39 -20.49
CA THR F 163 11.55 -22.48 -21.43
C THR F 163 12.07 -21.06 -21.28
N CYS F 164 12.23 -20.60 -20.03
CA CYS F 164 12.70 -19.23 -19.81
C CYS F 164 14.04 -18.98 -20.47
N VAL F 165 14.96 -19.95 -20.37
CA VAL F 165 16.29 -19.79 -20.97
C VAL F 165 16.19 -19.82 -22.49
N GLU F 166 15.32 -20.68 -23.04
CA GLU F 166 15.17 -20.76 -24.49
C GLU F 166 14.68 -19.43 -25.06
N TRP F 167 13.70 -18.81 -24.39
CA TRP F 167 13.25 -17.48 -24.80
C TRP F 167 14.40 -16.47 -24.75
N LEU F 168 15.14 -16.44 -23.64
CA LEU F 168 16.17 -15.44 -23.48
C LEU F 168 17.24 -15.56 -24.56
N ARG F 169 17.64 -16.80 -24.89
CA ARG F 169 18.60 -17.00 -25.97
C ARG F 169 18.05 -16.46 -27.29
N ARG F 170 16.79 -16.75 -27.59
CA ARG F 170 16.17 -16.22 -28.81
C ARG F 170 16.19 -14.69 -28.82
N TYR F 171 15.77 -14.06 -27.72
CA TYR F 171 15.71 -12.60 -27.67
C TYR F 171 17.10 -11.99 -27.81
N LEU F 172 18.06 -12.49 -27.04
CA LEU F 172 19.42 -11.97 -27.11
C LEU F 172 19.95 -11.98 -28.54
N GLU F 173 19.57 -13.00 -29.32
CA GLU F 173 20.03 -13.08 -30.70
C GLU F 173 19.25 -12.14 -31.61
N ASN F 174 17.93 -12.12 -31.50
CA ASN F 174 17.13 -11.25 -32.35
C ASN F 174 17.34 -9.78 -32.01
N GLY F 175 17.75 -9.47 -30.79
CA GLY F 175 18.04 -8.10 -30.39
C GLY F 175 19.52 -7.91 -30.13
N LYS F 176 20.35 -8.58 -30.93
CA LYS F 176 21.79 -8.54 -30.73
C LYS F 176 22.32 -7.10 -30.74
N GLU F 177 21.82 -6.28 -31.65
CA GLU F 177 22.35 -4.92 -31.80
C GLU F 177 22.31 -4.15 -30.50
N THR F 178 21.19 -4.25 -29.76
CA THR F 178 21.01 -3.47 -28.55
C THR F 178 21.24 -4.28 -27.27
N LEU F 179 20.73 -5.51 -27.21
CA LEU F 179 20.84 -6.26 -25.96
C LEU F 179 22.27 -6.65 -25.66
N GLN F 180 23.07 -6.93 -26.69
CA GLN F 180 24.44 -7.40 -26.52
C GLN F 180 25.47 -6.29 -26.69
N ARG F 181 25.04 -5.03 -26.70
CA ARG F 181 25.98 -3.93 -26.87
C ARG F 181 26.56 -3.53 -25.52
N THR F 182 27.58 -2.66 -25.57
CA THR F 182 28.17 -2.10 -24.37
C THR F 182 28.64 -0.68 -24.67
N ASP F 183 28.05 0.30 -23.99
CA ASP F 183 28.38 1.70 -24.18
C ASP F 183 29.18 2.19 -22.97
N ALA F 184 30.39 2.65 -23.22
CA ALA F 184 31.23 3.15 -22.14
C ALA F 184 30.70 4.50 -21.66
N PRO F 185 30.88 4.81 -20.38
CA PRO F 185 30.36 6.08 -19.85
C PRO F 185 31.16 7.28 -20.35
N LYS F 186 30.44 8.34 -20.68
CA LYS F 186 31.05 9.63 -20.97
C LYS F 186 31.10 10.43 -19.67
N THR F 187 32.31 10.77 -19.24
CA THR F 187 32.53 11.33 -17.90
C THR F 187 32.96 12.79 -17.99
N HIS F 188 32.44 13.60 -17.07
CA HIS F 188 32.89 14.97 -16.88
C HIS F 188 32.75 15.31 -15.40
N MET F 189 33.06 16.55 -15.03
CA MET F 189 33.12 16.92 -13.63
C MET F 189 32.69 18.38 -13.44
N THR F 190 32.12 18.65 -12.26
CA THR F 190 31.58 19.97 -11.92
C THR F 190 32.06 20.41 -10.55
N HIS F 191 32.11 21.73 -10.36
CA HIS F 191 32.59 22.35 -9.13
C HIS F 191 31.52 23.30 -8.60
N HIS F 192 31.02 23.01 -7.39
CA HIS F 192 29.98 23.81 -6.75
C HIS F 192 30.44 24.27 -5.37
N ALA F 193 30.01 25.48 -4.99
CA ALA F 193 30.40 26.11 -3.74
C ALA F 193 29.23 26.06 -2.76
N VAL F 194 29.33 25.17 -1.77
CA VAL F 194 28.41 25.22 -0.63
C VAL F 194 28.65 26.49 0.18
N SER F 195 29.90 26.71 0.56
CA SER F 195 30.32 27.83 1.39
C SER F 195 31.79 28.07 1.08
N ASP F 196 32.22 29.32 1.21
CA ASP F 196 33.62 29.68 0.97
C ASP F 196 34.56 28.52 1.25
N HIS F 197 34.57 28.02 2.48
CA HIS F 197 35.61 27.05 2.86
C HIS F 197 35.34 25.69 2.22
N GLU F 198 34.11 25.19 2.29
CA GLU F 198 33.78 23.86 1.80
C GLU F 198 33.11 23.92 0.42
N ALA F 199 33.45 22.97 -0.42
CA ALA F 199 32.90 22.88 -1.77
C ALA F 199 32.54 21.43 -2.08
N THR F 200 31.77 21.23 -3.15
CA THR F 200 31.35 19.90 -3.57
C THR F 200 31.90 19.57 -4.95
N LEU F 201 32.29 18.32 -5.11
CA LEU F 201 32.75 17.78 -6.38
C LEU F 201 31.75 16.73 -6.83
N ARG F 202 31.36 16.77 -8.10
CA ARG F 202 30.39 15.84 -8.64
C ARG F 202 31.01 15.09 -9.81
N CYS F 203 30.95 13.77 -9.76
CA CYS F 203 31.43 12.91 -10.84
C CYS F 203 30.26 12.43 -11.66
N TRP F 204 30.31 12.66 -12.97
CA TRP F 204 29.21 12.34 -13.87
C TRP F 204 29.58 11.17 -14.77
N ALA F 205 28.64 10.23 -14.91
CA ALA F 205 28.75 9.14 -15.87
C ALA F 205 27.47 9.12 -16.69
N LEU F 206 27.60 9.23 -18.00
CA LEU F 206 26.47 9.43 -18.89
C LEU F 206 26.54 8.48 -20.08
N SER F 207 25.36 8.13 -20.60
CA SER F 207 25.24 7.38 -21.84
C SER F 207 26.01 6.05 -21.78
N PHE F 208 25.76 5.27 -20.73
CA PHE F 208 26.40 3.97 -20.59
C PHE F 208 25.36 2.87 -20.49
N TYR F 209 25.73 1.70 -21.00
CA TYR F 209 24.88 0.51 -20.97
C TYR F 209 25.76 -0.74 -20.85
N PRO F 210 25.38 -1.70 -19.99
CA PRO F 210 24.19 -1.76 -19.13
C PRO F 210 24.25 -0.79 -17.96
N ALA F 211 23.20 -0.78 -17.14
CA ALA F 211 23.09 0.16 -16.02
C ALA F 211 24.07 -0.15 -14.89
N GLU F 212 24.70 -1.31 -14.90
CA GLU F 212 25.68 -1.65 -13.88
C GLU F 212 26.87 -0.70 -13.95
N ILE F 213 27.22 -0.14 -12.79
CA ILE F 213 28.35 0.78 -12.70
C ILE F 213 28.66 1.00 -11.23
N THR F 214 29.86 1.48 -10.94
CA THR F 214 30.25 1.83 -9.58
C THR F 214 31.02 3.13 -9.61
N LEU F 215 30.66 4.07 -8.74
CA LEU F 215 31.34 5.34 -8.61
C LEU F 215 31.86 5.47 -7.19
N THR F 216 33.16 5.74 -7.06
CA THR F 216 33.80 5.82 -5.76
C THR F 216 34.66 7.08 -5.70
N TRP F 217 34.70 7.71 -4.53
CA TRP F 217 35.44 8.94 -4.32
C TRP F 217 36.66 8.63 -3.45
N GLN F 218 37.85 8.93 -3.96
CA GLN F 218 39.09 8.57 -3.30
C GLN F 218 39.64 9.77 -2.52
N ARG F 219 39.90 9.55 -1.23
CA ARG F 219 40.63 10.50 -0.40
C ARG F 219 41.30 9.72 0.74
N ASP F 220 42.60 9.92 0.98
CA ASP F 220 43.46 10.82 0.22
C ASP F 220 43.67 10.44 -1.25
N GLY F 221 43.97 9.18 -1.58
CA GLY F 221 44.11 8.06 -0.67
C GLY F 221 43.19 6.93 -1.09
N GLU F 222 42.10 6.73 -0.36
CA GLU F 222 41.16 5.65 -0.66
C GLU F 222 39.74 6.16 -0.45
N ASP F 223 38.77 5.25 -0.60
CA ASP F 223 37.37 5.62 -0.67
C ASP F 223 36.94 6.38 0.58
N GLN F 224 35.83 7.11 0.43
CA GLN F 224 35.19 7.81 1.55
C GLN F 224 33.76 7.29 1.64
N THR F 225 33.50 6.44 2.64
CA THR F 225 32.14 5.97 2.89
C THR F 225 31.28 7.07 3.52
N GLN F 226 31.88 7.90 4.37
CA GLN F 226 31.18 9.00 5.01
C GLN F 226 31.12 10.21 4.09
N ASP F 227 29.98 10.89 4.08
CA ASP F 227 29.83 12.17 3.37
C ASP F 227 30.01 12.00 1.85
N THR F 228 29.47 10.91 1.31
CA THR F 228 29.42 10.70 -0.14
C THR F 228 27.98 10.63 -0.58
N GLU F 229 27.63 11.46 -1.56
CA GLU F 229 26.28 11.50 -2.12
C GLU F 229 26.27 10.69 -3.41
N LEU F 230 25.38 9.70 -3.47
CA LEU F 230 25.29 8.79 -4.61
C LEU F 230 23.83 8.65 -4.97
N VAL F 231 23.44 9.20 -6.12
CA VAL F 231 22.05 9.13 -6.57
C VAL F 231 21.81 7.80 -7.28
N GLU F 232 20.58 7.32 -7.17
CA GLU F 232 20.20 6.07 -7.82
C GLU F 232 20.40 6.18 -9.32
N THR F 233 20.94 5.11 -9.92
CA THR F 233 21.13 5.08 -11.36
C THR F 233 19.80 5.30 -12.06
N ARG F 234 19.76 6.28 -12.95
CA ARG F 234 18.52 6.69 -13.57
C ARG F 234 18.58 6.49 -15.07
N PRO F 235 17.43 6.30 -15.72
CA PRO F 235 17.43 6.12 -17.18
C PRO F 235 17.40 7.45 -17.92
N ALA F 236 18.24 7.55 -18.95
CA ALA F 236 18.27 8.74 -19.78
C ALA F 236 17.05 8.82 -20.70
N GLY F 237 16.42 7.69 -21.00
CA GLY F 237 15.26 7.65 -21.86
C GLY F 237 15.55 7.18 -23.27
N ASP F 238 16.82 7.02 -23.65
CA ASP F 238 17.20 6.58 -24.98
C ASP F 238 17.88 5.20 -24.96
N GLY F 239 17.63 4.40 -23.93
CA GLY F 239 18.27 3.12 -23.81
C GLY F 239 19.55 3.11 -22.99
N THR F 240 20.09 4.28 -22.67
CA THR F 240 21.27 4.40 -21.84
C THR F 240 20.88 4.88 -20.44
N PHE F 241 21.89 5.01 -19.57
CA PHE F 241 21.67 5.33 -18.17
C PHE F 241 22.64 6.43 -17.73
N GLN F 242 22.27 7.07 -16.61
CA GLN F 242 23.06 8.13 -16.02
C GLN F 242 23.25 7.85 -14.53
N LYS F 243 24.27 8.46 -13.96
CA LYS F 243 24.55 8.37 -12.54
C LYS F 243 25.67 9.33 -12.20
N TRP F 244 25.60 9.92 -11.00
CA TRP F 244 26.69 10.74 -10.52
C TRP F 244 26.90 10.51 -9.03
N ALA F 245 28.14 10.70 -8.60
CA ALA F 245 28.52 10.63 -7.19
C ALA F 245 29.13 11.96 -6.80
N ALA F 246 28.78 12.44 -5.61
CA ALA F 246 29.20 13.76 -5.15
C ALA F 246 29.83 13.65 -3.76
N VAL F 247 30.78 14.54 -3.51
CA VAL F 247 31.47 14.62 -2.24
C VAL F 247 31.61 16.09 -1.86
N VAL F 248 31.48 16.38 -0.57
CA VAL F 248 31.64 17.73 -0.04
C VAL F 248 33.03 17.81 0.58
N VAL F 249 33.82 18.78 0.15
CA VAL F 249 35.24 18.85 0.52
C VAL F 249 35.62 20.29 0.80
N PRO F 250 36.53 20.50 1.76
CA PRO F 250 37.08 21.84 1.96
C PRO F 250 37.87 22.33 0.75
N SER F 251 37.76 23.64 0.50
CA SER F 251 38.44 24.24 -0.65
C SER F 251 39.95 24.16 -0.49
N GLY F 252 40.64 23.96 -1.60
CA GLY F 252 42.08 23.84 -1.64
C GLY F 252 42.59 22.41 -1.75
N GLN F 253 41.73 21.42 -1.50
CA GLN F 253 42.09 20.01 -1.64
C GLN F 253 41.35 19.34 -2.80
N GLU F 254 40.81 20.11 -3.74
CA GLU F 254 40.09 19.52 -4.86
C GLU F 254 40.98 18.56 -5.64
N GLN F 255 42.26 18.91 -5.81
CA GLN F 255 43.19 18.03 -6.51
C GLN F 255 43.55 16.80 -5.70
N ARG F 256 43.38 16.84 -4.37
CA ARG F 256 43.63 15.66 -3.54
C ARG F 256 42.58 14.58 -3.73
N TYR F 257 41.47 14.87 -4.40
CA TYR F 257 40.39 13.92 -4.60
C TYR F 257 40.37 13.44 -6.04
N THR F 258 40.00 12.17 -6.22
CA THR F 258 39.87 11.57 -7.54
C THR F 258 38.65 10.69 -7.58
N CYS F 259 38.01 10.64 -8.74
CA CYS F 259 36.83 9.81 -8.96
C CYS F 259 37.22 8.56 -9.73
N HIS F 260 36.69 7.42 -9.29
CA HIS F 260 36.96 6.13 -9.92
C HIS F 260 35.67 5.60 -10.53
N VAL F 261 35.72 5.34 -11.83
CA VAL F 261 34.56 4.84 -12.58
C VAL F 261 34.90 3.44 -13.06
N GLN F 262 34.09 2.46 -12.66
CA GLN F 262 34.22 1.09 -13.13
C GLN F 262 32.95 0.74 -13.90
N HIS F 263 33.09 0.49 -15.21
CA HIS F 263 31.98 0.09 -16.03
C HIS F 263 32.41 -1.06 -16.94
N GLU F 264 31.44 -1.90 -17.29
CA GLU F 264 31.73 -3.06 -18.13
C GLU F 264 32.38 -2.65 -19.44
N GLY F 265 31.96 -1.52 -20.01
CA GLY F 265 32.53 -1.05 -21.27
C GLY F 265 33.93 -0.48 -21.13
N LEU F 266 34.32 -0.06 -19.94
CA LEU F 266 35.65 0.53 -19.76
C LEU F 266 36.71 -0.56 -19.76
N PRO F 267 37.76 -0.44 -20.57
CA PRO F 267 38.83 -1.45 -20.50
C PRO F 267 39.44 -1.56 -19.12
N LYS F 268 39.65 -0.44 -18.45
CA LYS F 268 40.16 -0.39 -17.09
C LYS F 268 39.48 0.77 -16.37
N PRO F 269 39.42 0.73 -15.05
CA PRO F 269 38.75 1.81 -14.31
C PRO F 269 39.33 3.18 -14.69
N LEU F 270 38.43 4.16 -14.83
CA LEU F 270 38.82 5.52 -15.16
C LEU F 270 39.07 6.31 -13.89
N THR F 271 40.07 7.21 -13.95
CA THR F 271 40.41 8.08 -12.84
C THR F 271 40.29 9.52 -13.33
N LEU F 272 39.40 10.29 -12.71
CA LEU F 272 39.15 11.67 -13.07
C LEU F 272 39.68 12.60 -12.00
N ARG F 273 40.22 13.73 -12.44
CA ARG F 273 40.77 14.72 -11.53
C ARG F 273 40.39 16.11 -12.05
N TRP F 274 40.25 17.05 -11.13
CA TRP F 274 39.89 18.42 -11.49
C TRP F 274 41.08 19.11 -12.18
N GLU F 275 40.88 19.85 -13.28
CA GLU F 275 39.58 20.13 -13.89
C GLU F 275 39.37 19.32 -15.17
N ALA F 276 40.32 19.40 -16.10
CA ALA F 276 40.21 18.75 -17.41
C ALA F 276 41.34 19.22 -18.30
N MET G 1 -0.78 -1.55 4.61
CA MET G 1 0.29 -1.26 3.63
C MET G 1 1.49 -0.59 4.29
N ILE G 2 2.66 -0.72 3.68
CA ILE G 2 3.88 -0.06 4.13
C ILE G 2 4.21 1.01 3.09
N GLN G 3 3.98 2.27 3.44
CA GLN G 3 4.18 3.34 2.49
C GLN G 3 5.67 3.62 2.28
N ARG G 4 6.00 4.03 1.06
CA ARG G 4 7.36 4.43 0.70
C ARG G 4 7.28 5.75 -0.03
N THR G 5 7.99 6.75 0.46
CA THR G 5 7.93 8.05 -0.19
C THR G 5 8.82 8.05 -1.43
N PRO G 6 8.37 8.64 -2.53
CA PRO G 6 9.16 8.57 -3.76
C PRO G 6 10.44 9.39 -3.68
N LYS G 7 11.44 8.94 -4.43
CA LYS G 7 12.63 9.71 -4.74
C LYS G 7 12.44 10.30 -6.13
N ILE G 8 12.80 11.58 -6.28
CA ILE G 8 12.48 12.33 -7.50
C ILE G 8 13.76 12.93 -8.05
N GLN G 9 14.00 12.73 -9.34
CA GLN G 9 15.15 13.30 -10.03
C GLN G 9 14.68 13.92 -11.34
N VAL G 10 15.01 15.19 -11.53
CA VAL G 10 14.68 15.92 -12.75
C VAL G 10 15.97 16.20 -13.50
N TYR G 11 16.01 15.84 -14.78
CA TYR G 11 17.24 15.91 -15.56
C TYR G 11 16.88 15.79 -17.03
N SER G 12 17.83 16.16 -17.87
CA SER G 12 17.66 16.10 -19.32
C SER G 12 18.33 14.86 -19.88
N ARG G 13 17.78 14.36 -20.99
CA ARG G 13 18.31 13.18 -21.64
C ARG G 13 19.76 13.40 -22.06
N HIS G 14 20.04 14.51 -22.71
CA HIS G 14 21.37 14.87 -23.17
C HIS G 14 21.82 16.15 -22.47
N PRO G 15 23.12 16.45 -22.50
CA PRO G 15 23.58 17.73 -21.94
C PRO G 15 22.83 18.91 -22.52
N ALA G 16 22.34 19.77 -21.64
CA ALA G 16 21.47 20.87 -22.07
C ALA G 16 22.26 21.91 -22.85
N GLU G 17 21.77 22.24 -24.04
CA GLU G 17 22.32 23.32 -24.86
C GLU G 17 21.17 24.22 -25.29
N ASN G 18 21.26 25.50 -24.95
CA ASN G 18 20.20 26.43 -25.33
C ASN G 18 19.97 26.40 -26.82
N GLY G 19 18.70 26.31 -27.22
CA GLY G 19 18.32 26.28 -28.61
C GLY G 19 18.41 24.93 -29.28
N LYS G 20 18.88 23.90 -28.58
CA LYS G 20 19.03 22.57 -29.15
C LYS G 20 18.00 21.63 -28.52
N SER G 21 17.32 20.86 -29.38
CA SER G 21 16.27 19.98 -28.91
C SER G 21 16.83 18.97 -27.90
N ASN G 22 15.97 18.53 -27.00
CA ASN G 22 16.38 17.64 -25.92
C ASN G 22 15.12 17.05 -25.32
N PHE G 23 15.30 16.27 -24.24
CA PHE G 23 14.19 15.67 -23.52
C PHE G 23 14.35 15.96 -22.03
N LEU G 24 13.25 16.34 -21.39
CA LEU G 24 13.24 16.62 -19.96
C LEU G 24 12.64 15.42 -19.24
N ASN G 25 13.38 14.87 -18.28
CA ASN G 25 13.01 13.64 -17.60
C ASN G 25 12.67 13.92 -16.14
N CYS G 26 11.66 13.19 -15.64
CA CYS G 26 11.40 13.11 -14.21
C CYS G 26 11.30 11.64 -13.83
N TYR G 27 12.21 11.19 -12.97
CA TYR G 27 12.31 9.79 -12.58
C TYR G 27 11.87 9.68 -11.13
N VAL G 28 10.72 9.03 -10.90
CA VAL G 28 10.19 8.80 -9.57
C VAL G 28 10.37 7.32 -9.26
N SER G 29 10.96 7.02 -8.11
CA SER G 29 11.33 5.64 -7.80
C SER G 29 11.19 5.40 -6.30
N GLY G 30 11.19 4.12 -5.95
CA GLY G 30 11.22 3.75 -4.54
C GLY G 30 9.96 4.06 -3.77
N PHE G 31 8.80 4.09 -4.41
CA PHE G 31 7.58 4.53 -3.75
C PHE G 31 6.57 3.38 -3.67
N HIS G 32 5.66 3.52 -2.71
CA HIS G 32 4.60 2.55 -2.47
C HIS G 32 3.53 3.22 -1.64
N PRO G 33 2.25 3.04 -1.99
CA PRO G 33 1.69 2.22 -3.07
C PRO G 33 1.84 2.84 -4.47
N SER G 34 1.22 2.20 -5.46
CA SER G 34 1.49 2.53 -6.85
C SER G 34 0.83 3.83 -7.30
N ASP G 35 -0.28 4.22 -6.67
CA ASP G 35 -0.96 5.45 -7.07
C ASP G 35 -0.03 6.65 -6.92
N ILE G 36 0.13 7.42 -7.98
CA ILE G 36 1.04 8.56 -7.97
C ILE G 36 0.66 9.49 -9.11
N GLU G 37 0.92 10.78 -8.92
CA GLU G 37 0.67 11.80 -9.94
C GLU G 37 1.96 12.54 -10.22
N VAL G 38 2.36 12.59 -11.49
CA VAL G 38 3.58 13.26 -11.91
C VAL G 38 3.26 14.17 -13.08
N ASP G 39 3.65 15.43 -12.97
CA ASP G 39 3.49 16.40 -14.04
C ASP G 39 4.79 17.19 -14.18
N LEU G 40 5.10 17.54 -15.43
CA LEU G 40 6.22 18.41 -15.74
C LEU G 40 5.70 19.82 -15.96
N LEU G 41 6.42 20.80 -15.43
CA LEU G 41 6.01 22.18 -15.44
C LEU G 41 7.03 23.01 -16.20
N LYS G 42 6.53 23.94 -17.01
CA LYS G 42 7.36 24.94 -17.68
C LYS G 42 6.94 26.30 -17.13
N ASN G 43 7.85 26.97 -16.42
CA ASN G 43 7.55 28.26 -15.80
C ASN G 43 6.32 28.15 -14.90
N GLY G 44 6.12 27.00 -14.29
CA GLY G 44 5.06 26.81 -13.33
C GLY G 44 3.75 26.31 -13.90
N GLU G 45 3.64 26.19 -15.22
CA GLU G 45 2.41 25.72 -15.85
C GLU G 45 2.60 24.32 -16.38
N ARG G 46 1.51 23.56 -16.38
CA ARG G 46 1.55 22.13 -16.71
C ARG G 46 1.85 21.92 -18.18
N ILE G 47 2.69 20.93 -18.46
CA ILE G 47 3.04 20.54 -19.84
C ILE G 47 2.15 19.38 -20.25
N GLU G 48 1.43 19.52 -21.36
CA GLU G 48 0.50 18.49 -21.78
C GLU G 48 1.22 17.32 -22.44
N LYS G 49 2.06 17.58 -23.44
CA LYS G 49 2.67 16.51 -24.23
C LYS G 49 3.75 15.82 -23.39
N VAL G 50 3.31 15.00 -22.45
CA VAL G 50 4.20 14.26 -21.54
C VAL G 50 3.86 12.78 -21.63
N GLU G 51 4.90 11.97 -21.79
CA GLU G 51 4.77 10.51 -21.83
C GLU G 51 5.44 9.90 -20.60
N HIS G 52 5.06 8.66 -20.32
CA HIS G 52 5.61 7.98 -19.16
C HIS G 52 5.73 6.49 -19.44
N SER G 53 6.63 5.85 -18.71
CA SER G 53 6.93 4.44 -18.85
C SER G 53 5.84 3.57 -18.22
N ASP G 54 5.96 2.28 -18.44
CA ASP G 54 5.03 1.31 -17.86
C ASP G 54 5.43 0.98 -16.44
N LEU G 55 4.43 0.86 -15.57
CA LEU G 55 4.70 0.65 -14.15
C LEU G 55 5.49 -0.64 -13.94
N SER G 56 6.62 -0.52 -13.24
CA SER G 56 7.43 -1.66 -12.90
C SER G 56 7.93 -1.47 -11.47
N PHE G 57 8.69 -2.44 -10.96
CA PHE G 57 9.18 -2.34 -9.60
C PHE G 57 10.53 -3.02 -9.47
N SER G 58 11.20 -2.72 -8.35
CA SER G 58 12.56 -3.15 -8.09
C SER G 58 12.57 -4.37 -7.18
N LYS G 59 13.76 -4.79 -6.78
CA LYS G 59 13.88 -6.00 -5.97
C LYS G 59 13.13 -5.86 -4.65
N ASP G 60 13.15 -4.67 -4.05
CA ASP G 60 12.49 -4.44 -2.78
C ASP G 60 10.99 -4.19 -2.94
N TRP G 61 10.45 -4.36 -4.14
CA TRP G 61 9.04 -4.23 -4.48
C TRP G 61 8.60 -2.78 -4.67
N SER G 62 9.47 -1.80 -4.48
CA SER G 62 9.08 -0.41 -4.67
C SER G 62 8.96 -0.11 -6.17
N PHE G 63 8.01 0.75 -6.50
CA PHE G 63 7.73 1.07 -7.90
C PHE G 63 8.66 2.18 -8.39
N TYR G 64 8.75 2.29 -9.71
CA TYR G 64 9.48 3.38 -10.33
C TYR G 64 8.88 3.68 -11.68
N LEU G 65 8.89 4.96 -12.04
CA LEU G 65 8.36 5.45 -13.31
C LEU G 65 9.28 6.53 -13.85
N LEU G 66 9.26 6.68 -15.17
CA LEU G 66 9.95 7.79 -15.85
C LEU G 66 8.93 8.58 -16.64
N TYR G 67 8.79 9.86 -16.32
CA TYR G 67 8.03 10.81 -17.12
C TYR G 67 8.99 11.69 -17.91
N TYR G 68 8.66 11.94 -19.18
CA TYR G 68 9.57 12.68 -20.04
C TYR G 68 8.79 13.46 -21.09
N THR G 69 9.41 14.55 -21.55
CA THR G 69 8.81 15.41 -22.57
C THR G 69 9.93 16.05 -23.38
N GLU G 70 9.65 16.29 -24.65
CA GLU G 70 10.63 16.92 -25.53
C GLU G 70 10.54 18.43 -25.36
N PHE G 71 11.70 19.06 -25.14
CA PHE G 71 11.73 20.49 -24.92
C PHE G 71 13.01 21.05 -25.51
N THR G 72 13.00 22.36 -25.76
CA THR G 72 14.19 23.09 -26.20
C THR G 72 14.56 24.07 -25.10
N PRO G 73 15.58 23.79 -24.29
CA PRO G 73 15.88 24.68 -23.17
C PRO G 73 16.35 26.04 -23.64
N THR G 74 16.09 27.05 -22.82
CA THR G 74 16.55 28.41 -23.06
C THR G 74 17.25 28.91 -21.79
N GLU G 75 17.71 30.16 -21.85
CA GLU G 75 18.44 30.72 -20.72
C GLU G 75 17.52 31.03 -19.54
N LYS G 76 16.28 31.45 -19.80
CA LYS G 76 15.40 31.94 -18.75
C LYS G 76 14.12 31.13 -18.60
N ASP G 77 14.04 29.93 -19.19
CA ASP G 77 12.89 29.06 -19.00
C ASP G 77 13.13 28.14 -17.80
N GLU G 78 12.15 28.10 -16.90
CA GLU G 78 12.23 27.30 -15.69
C GLU G 78 11.41 26.03 -15.87
N TYR G 79 11.97 24.90 -15.47
CA TYR G 79 11.31 23.61 -15.56
C TYR G 79 11.35 22.90 -14.22
N ALA G 80 10.28 22.16 -13.91
CA ALA G 80 10.19 21.45 -12.65
C ALA G 80 9.30 20.23 -12.81
N CYS G 81 9.38 19.35 -11.81
CA CYS G 81 8.53 18.16 -11.73
C CYS G 81 7.67 18.28 -10.48
N ARG G 82 6.36 18.08 -10.64
CA ARG G 82 5.40 18.14 -9.54
C ARG G 82 4.88 16.73 -9.30
N VAL G 83 5.17 16.19 -8.11
CA VAL G 83 4.80 14.83 -7.75
C VAL G 83 3.82 14.86 -6.60
N ASN G 84 2.80 14.00 -6.66
CA ASN G 84 1.85 13.84 -5.58
C ASN G 84 1.74 12.37 -5.21
N HIS G 85 1.82 12.09 -3.92
CA HIS G 85 1.75 10.72 -3.42
C HIS G 85 1.17 10.76 -2.00
N VAL G 86 0.61 9.62 -1.58
CA VAL G 86 -0.02 9.55 -0.27
C VAL G 86 0.98 9.85 0.83
N THR G 87 2.28 9.62 0.57
CA THR G 87 3.32 9.89 1.55
C THR G 87 3.67 11.37 1.67
N LEU G 88 3.19 12.22 0.75
CA LEU G 88 3.55 13.62 0.72
C LEU G 88 2.43 14.46 1.31
N SER G 89 2.78 15.27 2.32
CA SER G 89 1.79 16.17 2.92
C SER G 89 1.19 17.10 1.88
N GLN G 90 1.97 17.47 0.86
CA GLN G 90 1.50 18.28 -0.24
C GLN G 90 2.32 17.90 -1.47
N PRO G 91 1.83 18.23 -2.66
CA PRO G 91 2.59 17.91 -3.88
C PRO G 91 3.98 18.55 -3.83
N LYS G 92 4.99 17.74 -4.14
CA LYS G 92 6.38 18.19 -4.06
C LYS G 92 6.84 18.69 -5.42
N ILE G 93 7.50 19.85 -5.42
CA ILE G 93 8.07 20.43 -6.63
C ILE G 93 9.58 20.22 -6.59
N VAL G 94 10.12 19.72 -7.69
CA VAL G 94 11.56 19.56 -7.86
C VAL G 94 11.95 20.27 -9.15
N LYS G 95 12.76 21.31 -9.02
CA LYS G 95 13.16 22.10 -10.18
C LYS G 95 14.33 21.47 -10.89
N TRP G 96 14.38 21.68 -12.21
CA TRP G 96 15.49 21.19 -13.01
C TRP G 96 16.67 22.14 -12.83
N ASP G 97 17.80 21.60 -12.38
CA ASP G 97 19.03 22.36 -12.18
C ASP G 97 20.02 21.98 -13.27
N ARG G 98 20.21 22.88 -14.23
CA ARG G 98 21.13 22.63 -15.32
C ARG G 98 22.54 22.37 -14.80
N ASP G 99 23.07 23.29 -14.00
CA ASP G 99 24.43 23.20 -13.47
C ASP G 99 24.43 22.29 -12.26
N MET G 100 24.62 21.00 -12.49
CA MET G 100 24.85 20.05 -11.41
C MET G 100 26.15 19.30 -11.64
N GLY H 1 8.81 -15.01 -23.49
CA GLY H 1 7.41 -15.54 -23.32
C GLY H 1 7.09 -15.85 -21.88
N ILE H 2 5.85 -15.57 -21.48
CA ILE H 2 5.44 -15.70 -20.08
C ILE H 2 4.96 -17.12 -19.81
N LEU H 3 4.71 -17.42 -18.53
CA LEU H 3 4.21 -18.73 -18.13
C LEU H 3 2.88 -19.03 -18.79
N GLY H 4 2.67 -20.30 -19.10
CA GLY H 4 1.38 -20.77 -19.56
C GLY H 4 0.62 -21.50 -18.46
N PHE H 5 1.28 -21.70 -17.33
CA PHE H 5 0.70 -22.38 -16.18
C PHE H 5 0.17 -21.34 -15.20
N VAL H 6 -1.13 -21.37 -14.94
CA VAL H 6 -1.76 -20.45 -14.00
C VAL H 6 -2.26 -21.24 -12.79
N PHE H 7 -2.02 -20.69 -11.60
CA PHE H 7 -2.41 -21.30 -10.35
C PHE H 7 -2.71 -20.20 -9.35
N THR H 8 -3.54 -20.52 -8.35
CA THR H 8 -4.05 -19.52 -7.43
C THR H 8 -3.42 -19.66 -6.04
N LEU H 9 -3.38 -18.54 -5.32
CA LEU H 9 -2.94 -18.50 -3.93
C LEU H 9 -3.96 -19.19 -3.02
N GLN I 3 1.80 -32.82 -30.73
CA GLN I 3 0.90 -32.39 -31.79
C GLN I 3 0.05 -33.56 -32.28
N THR I 4 0.68 -34.71 -32.51
CA THR I 4 -0.02 -35.93 -32.87
C THR I 4 0.47 -37.07 -32.00
N VAL I 5 -0.46 -37.92 -31.58
CA VAL I 5 -0.15 -39.16 -30.89
C VAL I 5 -0.77 -40.30 -31.70
N THR I 6 0.03 -41.32 -32.00
CA THR I 6 -0.40 -42.41 -32.86
C THR I 6 -0.30 -43.73 -32.10
N GLN I 7 -1.43 -44.44 -32.02
CA GLN I 7 -1.49 -45.80 -31.51
C GLN I 7 -1.90 -46.69 -32.67
N SER I 8 -0.94 -47.45 -33.21
CA SER I 8 -1.11 -48.16 -34.46
C SER I 8 -1.92 -49.44 -34.35
N GLN I 9 -2.21 -49.92 -33.14
CA GLN I 9 -2.91 -51.19 -32.95
C GLN I 9 -4.26 -50.93 -32.29
N PRO I 10 -5.35 -50.89 -33.05
CA PRO I 10 -6.66 -50.67 -32.40
C PRO I 10 -6.99 -51.71 -31.35
N GLU I 11 -6.66 -52.98 -31.62
CA GLU I 11 -6.94 -54.07 -30.69
C GLU I 11 -5.68 -54.92 -30.50
N MET I 12 -5.58 -55.54 -29.33
CA MET I 12 -4.47 -56.44 -29.05
C MET I 12 -4.93 -57.51 -28.06
N SER I 13 -4.31 -58.68 -28.16
CA SER I 13 -4.62 -59.82 -27.30
C SER I 13 -3.38 -60.22 -26.52
N VAL I 14 -3.63 -60.74 -25.32
CA VAL I 14 -2.57 -61.32 -24.50
C VAL I 14 -3.17 -62.46 -23.71
N GLN I 15 -2.36 -63.47 -23.43
CA GLN I 15 -2.78 -64.57 -22.58
C GLN I 15 -2.51 -64.22 -21.13
N GLU I 16 -3.48 -64.50 -20.27
CA GLU I 16 -3.33 -64.22 -18.84
C GLU I 16 -2.00 -64.76 -18.34
N ALA I 17 -1.35 -63.96 -17.48
CA ALA I 17 -0.07 -64.25 -16.85
C ALA I 17 1.11 -63.93 -17.77
N GLU I 18 0.89 -63.75 -19.07
CA GLU I 18 1.96 -63.33 -19.97
C GLU I 18 2.03 -61.81 -20.00
N THR I 19 2.97 -61.28 -20.79
CA THR I 19 3.21 -59.86 -20.87
C THR I 19 2.91 -59.36 -22.27
N VAL I 20 2.58 -58.08 -22.36
CA VAL I 20 2.21 -57.45 -23.62
C VAL I 20 2.71 -56.02 -23.60
N THR I 21 3.13 -55.53 -24.76
CA THR I 21 3.64 -54.17 -24.92
C THR I 21 2.74 -53.40 -25.87
N LEU I 22 2.23 -52.27 -25.40
CA LEU I 22 1.40 -51.38 -26.21
C LEU I 22 2.26 -50.23 -26.70
N SER I 23 2.20 -49.96 -28.00
CA SER I 23 3.09 -49.01 -28.63
C SER I 23 2.45 -47.63 -28.72
N CYS I 24 3.29 -46.61 -28.73
CA CYS I 24 2.83 -45.22 -28.90
C CYS I 24 3.98 -44.38 -29.41
N THR I 25 3.73 -43.64 -30.49
CA THR I 25 4.70 -42.71 -31.05
C THR I 25 4.04 -41.37 -31.24
N TYR I 26 4.81 -40.30 -31.00
CA TYR I 26 4.30 -38.94 -31.04
C TYR I 26 5.24 -38.05 -31.85
N ASP I 27 4.70 -36.91 -32.28
CA ASP I 27 5.47 -35.94 -33.06
C ASP I 27 5.27 -34.55 -32.46
N THR I 28 6.38 -33.87 -32.17
CA THR I 28 6.32 -32.51 -31.68
C THR I 28 7.69 -31.85 -31.86
N SER I 29 7.69 -30.52 -31.83
CA SER I 29 8.90 -29.74 -31.89
C SER I 29 9.33 -29.20 -30.52
N GLU I 30 8.51 -29.41 -29.49
CA GLU I 30 8.81 -28.86 -28.18
C GLU I 30 10.01 -29.58 -27.55
N SER I 31 10.84 -28.82 -26.84
CA SER I 31 11.97 -29.41 -26.14
C SER I 31 11.52 -30.23 -24.95
N ASP I 32 10.54 -29.73 -24.20
CA ASP I 32 10.04 -30.39 -23.00
C ASP I 32 8.53 -30.54 -23.11
N TYR I 33 8.00 -31.59 -22.49
CA TYR I 33 6.58 -31.92 -22.59
C TYR I 33 6.29 -33.08 -21.64
N TYR I 34 5.03 -33.53 -21.65
CA TYR I 34 4.56 -34.59 -20.78
C TYR I 34 3.92 -35.70 -21.61
N LEU I 35 4.16 -36.95 -21.20
CA LEU I 35 3.59 -38.13 -21.84
C LEU I 35 2.80 -38.93 -20.80
N PHE I 36 1.64 -39.44 -21.21
CA PHE I 36 0.74 -40.15 -20.31
C PHE I 36 0.32 -41.48 -20.91
N TRP I 37 -0.08 -42.41 -20.03
CA TRP I 37 -0.81 -43.61 -20.40
C TRP I 37 -2.02 -43.70 -19.50
N TYR I 38 -3.21 -43.81 -20.09
CA TYR I 38 -4.46 -43.88 -19.36
C TYR I 38 -5.15 -45.21 -19.60
N LYS I 39 -5.82 -45.70 -18.56
CA LYS I 39 -6.57 -46.94 -18.62
C LYS I 39 -8.07 -46.64 -18.50
N GLN I 40 -8.85 -47.18 -19.43
CA GLN I 40 -10.30 -47.04 -19.39
C GLN I 40 -10.93 -48.43 -19.47
N PRO I 41 -11.22 -49.04 -18.32
CA PRO I 41 -11.89 -50.36 -18.34
C PRO I 41 -13.33 -50.24 -18.80
N PRO I 42 -14.08 -51.34 -18.84
CA PRO I 42 -15.48 -51.26 -19.27
C PRO I 42 -16.30 -50.28 -18.46
N SER I 43 -15.88 -49.97 -17.23
CA SER I 43 -16.60 -49.00 -16.42
C SER I 43 -16.58 -47.61 -17.04
N ARG I 44 -15.66 -47.36 -17.97
CA ARG I 44 -15.48 -46.10 -18.68
C ARG I 44 -14.77 -45.07 -17.83
N GLN I 45 -14.32 -45.43 -16.62
CA GLN I 45 -13.59 -44.50 -15.77
C GLN I 45 -12.15 -44.39 -16.24
N MET I 46 -11.71 -43.18 -16.54
CA MET I 46 -10.32 -42.94 -16.90
C MET I 46 -9.43 -43.07 -15.68
N ILE I 47 -8.31 -43.78 -15.83
CA ILE I 47 -7.35 -43.99 -14.76
C ILE I 47 -5.95 -43.70 -15.31
N LEU I 48 -5.21 -42.84 -14.63
CA LEU I 48 -3.85 -42.56 -15.05
C LEU I 48 -2.95 -43.73 -14.71
N VAL I 49 -2.22 -44.22 -15.71
CA VAL I 49 -1.27 -45.31 -15.49
C VAL I 49 0.12 -44.77 -15.19
N ILE I 50 0.65 -43.92 -16.06
CA ILE I 50 1.99 -43.37 -15.90
C ILE I 50 2.02 -41.98 -16.52
N ARG I 51 2.77 -41.08 -15.89
CA ARG I 51 3.11 -39.79 -16.46
C ARG I 51 4.63 -39.69 -16.56
N GLN I 52 5.11 -39.06 -17.63
CA GLN I 52 6.54 -38.90 -17.87
C GLN I 52 6.81 -37.51 -18.41
N GLU I 53 7.86 -36.87 -17.91
CA GLU I 53 8.33 -35.60 -18.44
C GLU I 53 9.63 -35.83 -19.20
N ALA I 54 9.75 -35.18 -20.36
CA ALA I 54 10.89 -35.43 -21.24
C ALA I 54 12.22 -35.19 -20.53
N TYR I 55 12.31 -34.11 -19.74
CA TYR I 55 13.59 -33.79 -19.10
C TYR I 55 13.98 -34.82 -18.06
N LYS I 56 13.01 -35.46 -17.41
CA LYS I 56 13.31 -36.49 -16.42
C LYS I 56 13.76 -37.77 -17.11
N GLN I 57 14.34 -38.68 -16.32
CA GLN I 57 14.74 -39.98 -16.82
C GLN I 57 13.67 -41.00 -16.51
N GLN I 58 13.57 -42.01 -17.36
CA GLN I 58 12.73 -43.16 -17.07
C GLN I 58 13.01 -43.66 -15.66
N ASN I 59 11.95 -43.98 -14.94
CA ASN I 59 12.03 -44.31 -13.53
C ASN I 59 10.87 -45.23 -13.20
N ALA I 60 10.86 -45.76 -11.98
CA ALA I 60 9.74 -46.57 -11.51
C ALA I 60 9.80 -47.95 -12.18
N THR I 61 8.92 -48.91 -11.86
CA THR I 61 7.73 -48.78 -11.02
C THR I 61 7.64 -49.84 -9.93
N GLU I 62 6.93 -49.50 -8.85
CA GLU I 62 6.55 -50.50 -7.86
C GLU I 62 5.54 -51.49 -8.43
N ASN I 63 4.73 -51.05 -9.38
CA ASN I 63 3.68 -51.89 -9.96
C ASN I 63 4.24 -52.74 -11.09
N ARG I 64 3.39 -53.59 -11.65
CA ARG I 64 3.77 -54.41 -12.79
C ARG I 64 4.02 -53.56 -14.02
N PHE I 65 3.24 -52.48 -14.19
CA PHE I 65 3.30 -51.67 -15.40
C PHE I 65 4.62 -50.92 -15.49
N SER I 66 5.05 -50.69 -16.72
CA SER I 66 6.30 -49.97 -16.98
C SER I 66 6.26 -49.39 -18.39
N VAL I 67 7.15 -48.44 -18.64
CA VAL I 67 7.23 -47.78 -19.92
C VAL I 67 8.68 -47.76 -20.37
N ASN I 68 8.87 -47.75 -21.69
CA ASN I 68 10.19 -47.57 -22.29
C ASN I 68 10.13 -46.30 -23.14
N PHE I 69 10.79 -45.26 -22.67
CA PHE I 69 10.68 -43.93 -23.26
C PHE I 69 11.95 -43.61 -24.05
N GLN I 70 11.82 -43.51 -25.37
CA GLN I 70 12.93 -43.19 -26.26
C GLN I 70 12.70 -41.79 -26.82
N LYS I 71 13.34 -40.80 -26.20
CA LYS I 71 13.11 -39.41 -26.58
C LYS I 71 13.51 -39.17 -28.04
N ALA I 72 14.71 -39.61 -28.42
CA ALA I 72 15.17 -39.42 -29.79
C ALA I 72 14.25 -40.14 -30.77
N ALA I 73 13.92 -41.41 -30.49
CA ALA I 73 12.98 -42.13 -31.32
C ALA I 73 11.55 -41.63 -31.14
N LYS I 74 11.27 -40.90 -30.06
CA LYS I 74 9.91 -40.42 -29.77
C LYS I 74 8.96 -41.60 -29.64
N SER I 75 9.37 -42.59 -28.85
CA SER I 75 8.57 -43.76 -28.56
C SER I 75 8.26 -43.78 -27.07
N PHE I 76 6.99 -44.05 -26.74
CA PHE I 76 6.54 -44.11 -25.35
C PHE I 76 5.66 -45.35 -25.20
N SER I 77 6.29 -46.51 -25.20
CA SER I 77 5.59 -47.78 -25.18
C SER I 77 5.27 -48.21 -23.76
N LEU I 78 4.08 -48.78 -23.58
CA LEU I 78 3.64 -49.29 -22.29
C LEU I 78 3.78 -50.81 -22.29
N LYS I 79 4.38 -51.34 -21.22
CA LYS I 79 4.61 -52.76 -21.08
C LYS I 79 3.80 -53.29 -19.91
N ILE I 80 2.96 -54.27 -20.16
CA ILE I 80 2.14 -54.91 -19.14
C ILE I 80 2.66 -56.32 -18.95
N SER I 81 3.08 -56.65 -17.72
CA SER I 81 3.64 -57.94 -17.40
C SER I 81 2.80 -58.64 -16.33
N ASP I 82 2.77 -59.96 -16.39
CA ASP I 82 1.92 -60.77 -15.51
C ASP I 82 0.47 -60.31 -15.63
N SER I 83 -0.03 -60.36 -16.86
CA SER I 83 -1.34 -59.82 -17.18
C SER I 83 -2.42 -60.48 -16.33
N GLN I 84 -3.31 -59.65 -15.80
CA GLN I 84 -4.50 -60.11 -15.10
C GLN I 84 -5.74 -59.81 -15.94
N LEU I 85 -6.81 -60.54 -15.67
CA LEU I 85 -8.06 -60.31 -16.38
C LEU I 85 -8.56 -58.89 -16.20
N GLY I 86 -8.28 -58.28 -15.04
CA GLY I 86 -8.68 -56.91 -14.81
C GLY I 86 -8.01 -55.92 -15.75
N ASP I 87 -6.92 -56.32 -16.40
CA ASP I 87 -6.24 -55.45 -17.35
C ASP I 87 -7.00 -55.31 -18.66
N ALA I 88 -8.08 -56.07 -18.86
CA ALA I 88 -8.91 -55.89 -20.05
C ALA I 88 -9.49 -54.48 -20.03
N ALA I 89 -9.07 -53.63 -20.97
CA ALA I 89 -9.48 -52.24 -20.98
C ALA I 89 -8.94 -51.60 -22.25
N MET I 90 -9.32 -50.35 -22.44
CA MET I 90 -8.81 -49.52 -23.52
C MET I 90 -7.70 -48.64 -22.97
N TYR I 91 -6.54 -48.67 -23.60
CA TYR I 91 -5.37 -47.93 -23.13
C TYR I 91 -5.08 -46.77 -24.08
N PHE I 92 -4.99 -45.57 -23.51
CA PHE I 92 -4.80 -44.34 -24.27
C PHE I 92 -3.44 -43.74 -23.97
N CYS I 93 -2.70 -43.43 -25.03
CA CYS I 93 -1.48 -42.65 -24.95
C CYS I 93 -1.82 -41.18 -25.18
N ALA I 94 -1.21 -40.29 -24.39
CA ALA I 94 -1.55 -38.88 -24.44
C ALA I 94 -0.30 -38.02 -24.28
N TRP I 95 -0.37 -36.79 -24.81
CA TRP I 95 0.74 -35.87 -24.84
C TRP I 95 0.25 -34.49 -24.41
N GLY I 96 1.15 -33.71 -23.82
CA GLY I 96 0.81 -32.39 -23.33
C GLY I 96 2.02 -31.51 -23.18
N VAL I 97 1.83 -30.20 -23.35
CA VAL I 97 2.93 -29.26 -23.21
C VAL I 97 3.32 -29.09 -21.75
N ASN I 98 4.53 -28.56 -21.54
CA ASN I 98 5.00 -28.20 -20.21
C ASN I 98 4.46 -26.81 -19.84
N ALA I 99 4.88 -26.31 -18.68
CA ALA I 99 4.30 -25.08 -18.14
C ALA I 99 4.51 -23.90 -19.06
N GLY I 100 5.56 -23.92 -19.89
CA GLY I 100 5.80 -22.83 -20.83
C GLY I 100 4.84 -22.78 -22.00
N GLY I 101 4.04 -23.83 -22.20
CA GLY I 101 3.17 -23.89 -23.35
C GLY I 101 1.88 -23.13 -23.17
N THR I 102 1.25 -22.81 -24.29
CA THR I 102 0.03 -22.01 -24.27
C THR I 102 -1.19 -22.83 -23.87
N SER I 103 -1.22 -24.12 -24.19
CA SER I 103 -2.37 -24.98 -23.94
C SER I 103 -2.20 -25.86 -22.70
N TYR I 104 -1.44 -25.38 -21.72
CA TYR I 104 -1.33 -26.06 -20.43
C TYR I 104 -2.70 -26.04 -19.71
N GLY I 105 -3.25 -27.16 -19.25
CA GLY I 105 -2.76 -28.51 -19.44
C GLY I 105 -3.77 -29.31 -20.26
N LYS I 106 -3.88 -28.94 -21.53
CA LYS I 106 -4.68 -29.66 -22.49
C LYS I 106 -3.96 -30.93 -22.90
N LEU I 107 -4.72 -32.02 -23.03
CA LEU I 107 -4.17 -33.32 -23.38
C LEU I 107 -4.59 -33.69 -24.79
N THR I 108 -3.63 -34.17 -25.57
CA THR I 108 -3.87 -34.69 -26.91
C THR I 108 -3.77 -36.21 -26.84
N PHE I 109 -4.82 -36.90 -27.25
CA PHE I 109 -4.97 -38.34 -27.05
C PHE I 109 -4.77 -39.09 -28.36
N GLY I 110 -4.13 -40.25 -28.27
CA GLY I 110 -4.10 -41.17 -29.38
C GLY I 110 -5.45 -41.85 -29.54
N GLN I 111 -5.56 -42.67 -30.59
CA GLN I 111 -6.84 -43.32 -30.84
C GLN I 111 -7.12 -44.48 -29.91
N GLY I 112 -6.13 -44.95 -29.16
CA GLY I 112 -6.35 -45.96 -28.15
C GLY I 112 -6.19 -47.37 -28.67
N THR I 113 -5.98 -48.29 -27.73
CA THR I 113 -5.78 -49.71 -28.01
C THR I 113 -6.64 -50.53 -27.08
N ILE I 114 -7.50 -51.38 -27.65
CA ILE I 114 -8.33 -52.28 -26.86
C ILE I 114 -7.50 -53.54 -26.57
N LEU I 115 -7.32 -53.83 -25.28
CA LEU I 115 -6.56 -55.00 -24.86
C LEU I 115 -7.53 -56.08 -24.39
N THR I 116 -7.53 -57.20 -25.08
CA THR I 116 -8.32 -58.36 -24.70
C THR I 116 -7.41 -59.37 -24.01
N VAL I 117 -7.85 -59.85 -22.85
CA VAL I 117 -7.08 -60.80 -22.04
C VAL I 117 -7.76 -62.15 -22.12
N HIS I 118 -7.04 -63.14 -22.63
CA HIS I 118 -7.56 -64.50 -22.73
C HIS I 118 -7.32 -65.23 -21.42
N PRO I 119 -8.34 -65.67 -20.71
CA PRO I 119 -8.12 -66.33 -19.42
C PRO I 119 -7.46 -67.69 -19.59
N ASN I 120 -6.75 -68.13 -18.55
CA ASN I 120 -6.15 -69.46 -18.51
C ASN I 120 -7.09 -70.36 -17.72
N ILE I 121 -7.78 -71.26 -18.42
CA ILE I 121 -8.70 -72.20 -17.79
C ILE I 121 -7.99 -73.54 -17.66
N GLN I 122 -7.99 -74.07 -16.44
CA GLN I 122 -7.13 -75.21 -16.13
C GLN I 122 -7.72 -76.52 -16.63
N ASN I 123 -9.04 -76.68 -16.55
CA ASN I 123 -9.72 -77.93 -16.90
C ASN I 123 -10.90 -77.62 -17.81
N PRO I 124 -10.66 -77.45 -19.11
CA PRO I 124 -11.78 -77.22 -20.03
C PRO I 124 -12.75 -78.39 -20.02
N ASP I 125 -14.04 -78.06 -20.09
CA ASP I 125 -15.12 -79.05 -20.12
C ASP I 125 -16.21 -78.56 -21.06
N PRO I 126 -15.87 -78.32 -22.34
CA PRO I 126 -16.82 -77.67 -23.24
C PRO I 126 -18.14 -78.42 -23.33
N ALA I 127 -19.23 -77.68 -23.16
CA ALA I 127 -20.56 -78.26 -23.19
C ALA I 127 -21.55 -77.22 -23.69
N VAL I 128 -22.69 -77.69 -24.17
CA VAL I 128 -23.80 -76.83 -24.58
C VAL I 128 -25.03 -77.32 -23.85
N TYR I 129 -25.61 -76.47 -23.01
CA TYR I 129 -26.75 -76.83 -22.19
C TYR I 129 -27.98 -76.02 -22.58
N GLN I 130 -29.15 -76.59 -22.32
CA GLN I 130 -30.42 -75.92 -22.55
C GLN I 130 -31.08 -75.67 -21.20
N LEU I 131 -31.53 -74.45 -20.98
CA LEU I 131 -32.10 -74.02 -19.72
C LEU I 131 -33.56 -73.61 -19.91
N ARG I 132 -34.37 -73.81 -18.88
CA ARG I 132 -35.75 -73.38 -18.90
C ARG I 132 -36.08 -72.60 -17.63
N ASP I 133 -37.17 -71.85 -17.69
CA ASP I 133 -37.61 -71.04 -16.57
C ASP I 133 -38.14 -71.91 -15.44
N ASP I 138 -40.21 -72.84 -24.97
CA ASP I 138 -40.87 -72.52 -23.72
C ASP I 138 -39.93 -71.77 -22.79
N LYS I 139 -39.55 -70.55 -23.18
CA LYS I 139 -38.63 -69.72 -22.41
C LYS I 139 -37.32 -70.46 -22.13
N SER I 140 -36.60 -70.78 -23.20
CA SER I 140 -35.36 -71.54 -23.09
C SER I 140 -34.27 -70.90 -23.93
N VAL I 141 -33.02 -71.06 -23.46
CA VAL I 141 -31.83 -70.57 -24.15
C VAL I 141 -30.78 -71.67 -24.11
N CYS I 142 -29.85 -71.60 -25.07
CA CYS I 142 -28.73 -72.55 -25.13
C CYS I 142 -27.47 -71.86 -24.64
N LEU I 143 -26.74 -72.55 -23.76
CA LEU I 143 -25.54 -72.00 -23.11
C LEU I 143 -24.34 -72.81 -23.52
N PHE I 144 -23.41 -72.18 -24.26
CA PHE I 144 -22.13 -72.78 -24.59
C PHE I 144 -21.11 -72.29 -23.58
N THR I 145 -20.51 -73.22 -22.83
CA THR I 145 -19.67 -72.84 -21.70
C THR I 145 -18.53 -73.84 -21.54
N ASP I 146 -17.54 -73.43 -20.76
CA ASP I 146 -16.40 -74.24 -20.33
C ASP I 146 -15.39 -74.50 -21.45
N PHE I 147 -15.52 -73.83 -22.59
CA PHE I 147 -14.53 -73.94 -23.66
C PHE I 147 -13.32 -73.06 -23.36
N ASP I 148 -12.18 -73.42 -23.95
CA ASP I 148 -10.94 -72.71 -23.68
C ASP I 148 -10.87 -71.41 -24.47
N SER I 149 -10.01 -70.51 -24.00
CA SER I 149 -9.91 -69.17 -24.58
C SER I 149 -9.54 -69.22 -26.05
N GLN I 150 -8.94 -70.32 -26.52
CA GLN I 150 -8.61 -70.44 -27.92
C GLN I 150 -9.86 -70.49 -28.79
N THR I 151 -10.97 -70.99 -28.24
CA THR I 151 -12.21 -71.05 -28.99
C THR I 151 -12.82 -69.66 -29.12
N ASN I 152 -13.38 -69.40 -30.30
CA ASN I 152 -14.06 -68.14 -30.59
C ASN I 152 -15.51 -68.43 -30.97
N VAL I 153 -16.42 -67.58 -30.50
CA VAL I 153 -17.85 -67.69 -30.81
C VAL I 153 -18.19 -66.65 -31.85
N SER I 154 -19.00 -67.05 -32.84
CA SER I 154 -19.31 -66.23 -34.00
C SER I 154 -20.81 -65.99 -34.07
N GLN I 155 -21.20 -64.76 -34.34
CA GLN I 155 -22.59 -64.46 -34.65
C GLN I 155 -23.00 -65.20 -35.92
N SER I 156 -24.25 -65.66 -35.95
CA SER I 156 -24.71 -66.59 -36.97
C SER I 156 -25.99 -66.10 -37.63
N LYS I 157 -26.01 -66.15 -38.96
CA LYS I 157 -27.27 -66.10 -39.71
C LYS I 157 -27.94 -67.45 -39.51
N ASP I 158 -29.26 -67.53 -39.55
CA ASP I 158 -30.15 -66.44 -39.94
C ASP I 158 -30.30 -65.35 -38.88
N SER I 159 -30.98 -64.27 -39.25
CA SER I 159 -31.10 -63.09 -38.40
C SER I 159 -31.95 -63.32 -37.17
N ASP I 160 -32.78 -64.35 -37.15
CA ASP I 160 -33.72 -64.57 -36.06
C ASP I 160 -33.11 -65.39 -34.92
N VAL I 161 -31.82 -65.69 -34.98
CA VAL I 161 -31.10 -66.38 -33.91
C VAL I 161 -30.08 -65.41 -33.34
N TYR I 162 -30.03 -65.32 -32.02
CA TYR I 162 -29.16 -64.37 -31.34
C TYR I 162 -28.06 -65.14 -30.61
N ILE I 163 -26.83 -64.69 -30.80
CA ILE I 163 -25.66 -65.31 -30.18
C ILE I 163 -24.76 -64.20 -29.63
N THR I 164 -24.29 -64.37 -28.41
CA THR I 164 -23.43 -63.40 -27.76
C THR I 164 -21.98 -63.86 -27.81
N ASP I 165 -21.07 -62.91 -27.76
CA ASP I 165 -19.65 -63.26 -27.75
C ASP I 165 -19.29 -63.93 -26.44
N LYS I 166 -18.15 -64.61 -26.45
CA LYS I 166 -17.70 -65.31 -25.25
C LYS I 166 -17.47 -64.32 -24.12
N CYS I 167 -17.61 -64.82 -22.89
CA CYS I 167 -17.58 -63.98 -21.70
C CYS I 167 -17.07 -64.80 -20.52
N VAL I 168 -16.19 -64.20 -19.73
CA VAL I 168 -15.49 -64.88 -18.66
C VAL I 168 -16.04 -64.40 -17.32
N LEU I 169 -16.44 -65.34 -16.47
CA LEU I 169 -16.79 -65.08 -15.08
C LEU I 169 -15.76 -65.73 -14.16
N ASP I 170 -15.60 -65.15 -12.97
CA ASP I 170 -14.61 -65.63 -12.00
C ASP I 170 -15.32 -65.91 -10.69
N MET I 171 -15.38 -67.18 -10.31
CA MET I 171 -15.87 -67.60 -9.00
C MET I 171 -14.67 -67.59 -8.05
N ARG I 172 -14.47 -66.47 -7.37
CA ARG I 172 -13.29 -66.29 -6.53
C ARG I 172 -13.30 -67.18 -5.29
N SER I 173 -14.48 -67.63 -4.86
CA SER I 173 -14.52 -68.53 -3.72
C SER I 173 -13.82 -69.85 -4.03
N MET I 174 -13.95 -70.32 -5.27
CA MET I 174 -13.38 -71.61 -5.66
C MET I 174 -12.16 -71.43 -6.58
N ASP I 175 -11.65 -70.20 -6.73
CA ASP I 175 -10.52 -69.92 -7.59
C ASP I 175 -10.72 -70.53 -8.97
N PHE I 176 -11.94 -70.42 -9.49
CA PHE I 176 -12.31 -71.00 -10.76
C PHE I 176 -12.78 -69.93 -11.73
N LYS I 177 -12.35 -70.04 -12.98
CA LYS I 177 -12.72 -69.13 -14.05
C LYS I 177 -13.31 -69.93 -15.20
N SER I 178 -14.40 -69.43 -15.77
CA SER I 178 -15.12 -70.13 -16.82
C SER I 178 -15.46 -69.19 -17.95
N ASN I 179 -15.56 -69.75 -19.15
CA ASN I 179 -16.00 -69.04 -20.34
C ASN I 179 -17.43 -69.44 -20.67
N SER I 180 -18.14 -68.54 -21.37
CA SER I 180 -19.54 -68.78 -21.64
C SER I 180 -20.01 -67.90 -22.79
N ALA I 181 -20.92 -68.45 -23.60
CA ALA I 181 -21.63 -67.69 -24.61
C ALA I 181 -23.08 -68.14 -24.59
N VAL I 182 -23.98 -67.24 -24.97
CA VAL I 182 -25.41 -67.48 -24.87
C VAL I 182 -26.03 -67.36 -26.25
N ALA I 183 -26.98 -68.23 -26.54
CA ALA I 183 -27.71 -68.21 -27.80
C ALA I 183 -29.19 -68.40 -27.51
N TRP I 184 -30.03 -67.69 -28.26
CA TRP I 184 -31.47 -67.77 -28.06
C TRP I 184 -32.18 -67.35 -29.34
N SER I 185 -33.41 -67.82 -29.50
CA SER I 185 -34.24 -67.42 -30.62
C SER I 185 -35.68 -67.81 -30.34
N ASN I 186 -36.58 -67.29 -31.17
CA ASN I 186 -38.01 -67.57 -31.08
C ASN I 186 -38.48 -68.55 -32.14
N LYS I 187 -37.60 -68.97 -33.05
CA LYS I 187 -38.01 -69.84 -34.14
C LYS I 187 -38.33 -71.24 -33.61
N SER I 188 -38.92 -72.06 -34.49
CA SER I 188 -39.37 -73.39 -34.11
C SER I 188 -38.22 -74.39 -34.16
N ASP I 189 -37.50 -74.44 -35.29
CA ASP I 189 -36.45 -75.43 -35.49
C ASP I 189 -35.22 -75.20 -34.62
N PHE I 190 -35.11 -74.05 -33.96
CA PHE I 190 -33.92 -73.76 -33.17
C PHE I 190 -33.71 -74.83 -32.09
N ALA I 191 -32.49 -75.35 -32.03
CA ALA I 191 -32.11 -76.32 -31.02
C ALA I 191 -30.65 -76.11 -30.67
N CYS I 192 -30.24 -76.66 -29.52
CA CYS I 192 -28.88 -76.46 -29.06
C CYS I 192 -27.87 -77.18 -29.94
N ALA I 193 -28.25 -78.33 -30.50
CA ALA I 193 -27.33 -79.09 -31.35
C ALA I 193 -26.82 -78.25 -32.51
N ASN I 194 -27.67 -77.41 -33.08
CA ASN I 194 -27.32 -76.59 -34.24
C ASN I 194 -27.22 -75.11 -33.92
N ALA I 195 -27.29 -74.73 -32.63
CA ALA I 195 -27.32 -73.31 -32.28
C ALA I 195 -26.01 -72.62 -32.64
N PHE I 196 -24.87 -73.29 -32.43
CA PHE I 196 -23.55 -72.71 -32.64
C PHE I 196 -22.85 -73.29 -33.86
N ASN I 197 -23.62 -73.67 -34.89
CA ASN I 197 -23.01 -74.28 -36.07
C ASN I 197 -22.00 -73.36 -36.73
N ASN I 198 -22.27 -72.05 -36.70
CA ASN I 198 -21.41 -71.10 -37.41
C ASN I 198 -20.06 -70.94 -36.72
N SER I 199 -19.89 -71.47 -35.52
CA SER I 199 -18.67 -71.32 -34.74
C SER I 199 -17.90 -72.63 -34.69
N ILE I 200 -16.57 -72.52 -34.72
CA ILE I 200 -15.70 -73.69 -34.55
C ILE I 200 -15.74 -74.12 -33.09
N ILE I 201 -16.18 -75.35 -32.85
CA ILE I 201 -16.43 -75.86 -31.50
C ILE I 201 -15.46 -77.00 -31.23
N PRO I 202 -14.96 -77.15 -30.00
CA PRO I 202 -14.18 -78.35 -29.66
C PRO I 202 -14.92 -79.62 -30.06
N GLU I 203 -14.21 -80.52 -30.73
CA GLU I 203 -14.81 -81.80 -31.11
C GLU I 203 -15.30 -82.56 -29.88
N ASP I 204 -14.64 -82.38 -28.75
CA ASP I 204 -15.04 -83.07 -27.54
C ASP I 204 -16.14 -82.36 -26.77
N THR I 205 -16.89 -81.51 -27.45
CA THR I 205 -17.96 -80.77 -26.79
C THR I 205 -19.03 -81.74 -26.28
N PHE I 206 -19.62 -81.38 -25.15
CA PHE I 206 -20.64 -82.20 -24.51
C PHE I 206 -22.03 -81.74 -24.95
N PHE I 207 -22.88 -82.70 -25.30
CA PHE I 207 -24.26 -82.42 -25.67
C PHE I 207 -25.15 -83.37 -24.88
N PRO I 208 -26.05 -82.89 -24.03
CA PRO I 208 -26.94 -83.78 -23.30
C PRO I 208 -28.25 -84.03 -24.02
N SER I 209 -28.84 -85.19 -23.74
CA SER I 209 -30.11 -85.58 -24.33
C SER I 209 -31.23 -85.51 -23.28
N GLY J 3 -12.43 -35.65 -1.22
CA GLY J 3 -12.90 -34.88 -2.36
C GLY J 3 -12.87 -35.65 -3.66
N GLY J 4 -13.58 -35.14 -4.66
CA GLY J 4 -13.65 -35.82 -5.94
C GLY J 4 -14.32 -34.94 -6.96
N ILE J 5 -14.62 -35.55 -8.11
CA ILE J 5 -15.32 -34.89 -9.20
C ILE J 5 -16.54 -35.74 -9.54
N THR J 6 -17.71 -35.09 -9.59
CA THR J 6 -18.97 -35.77 -9.85
C THR J 6 -19.56 -35.22 -11.14
N GLN J 7 -19.88 -36.13 -12.06
CA GLN J 7 -20.45 -35.79 -13.35
C GLN J 7 -21.88 -36.30 -13.42
N SER J 8 -22.71 -35.60 -14.17
CA SER J 8 -24.12 -35.99 -14.25
C SER J 8 -24.85 -35.34 -15.43
N PRO J 9 -25.87 -36.02 -15.97
CA PRO J 9 -26.29 -37.38 -15.58
C PRO J 9 -25.42 -38.44 -16.23
N LYS J 10 -25.57 -39.69 -15.79
CA LYS J 10 -24.78 -40.77 -16.38
C LYS J 10 -25.26 -41.08 -17.79
N TYR J 11 -26.57 -41.16 -17.99
CA TYR J 11 -27.17 -41.39 -19.28
C TYR J 11 -28.16 -40.28 -19.59
N LEU J 12 -28.37 -40.02 -20.87
CA LEU J 12 -29.13 -38.85 -21.27
C LEU J 12 -29.35 -38.89 -22.78
N PHE J 13 -30.48 -38.35 -23.21
CA PHE J 13 -30.79 -38.25 -24.62
C PHE J 13 -31.34 -36.85 -24.89
N ARG J 14 -31.25 -36.43 -26.15
CA ARG J 14 -31.72 -35.12 -26.57
C ARG J 14 -32.63 -35.26 -27.78
N LYS J 15 -33.79 -34.62 -27.71
CA LYS J 15 -34.65 -34.46 -28.87
C LYS J 15 -33.99 -33.49 -29.85
N GLU J 16 -34.25 -33.68 -31.14
CA GLU J 16 -33.71 -32.77 -32.13
C GLU J 16 -34.28 -31.37 -31.93
N GLY J 17 -33.41 -30.36 -32.06
CA GLY J 17 -33.81 -29.00 -31.78
C GLY J 17 -33.87 -28.66 -30.31
N GLN J 18 -33.28 -29.48 -29.45
CA GLN J 18 -33.32 -29.31 -28.01
C GLN J 18 -31.91 -29.06 -27.48
N ASN J 19 -31.80 -28.16 -26.52
CA ASN J 19 -30.54 -27.92 -25.83
C ASN J 19 -30.51 -28.74 -24.55
N VAL J 20 -29.31 -29.18 -24.17
CA VAL J 20 -29.14 -30.01 -22.99
C VAL J 20 -27.84 -29.60 -22.31
N THR J 21 -27.79 -29.76 -21.00
CA THR J 21 -26.66 -29.31 -20.19
C THR J 21 -26.18 -30.46 -19.31
N LEU J 22 -24.88 -30.66 -19.27
CA LEU J 22 -24.25 -31.67 -18.42
C LEU J 22 -23.58 -30.98 -17.24
N SER J 23 -23.74 -31.56 -16.06
CA SER J 23 -23.23 -30.96 -14.84
C SER J 23 -21.90 -31.60 -14.47
N CYS J 24 -20.98 -30.77 -13.97
CA CYS J 24 -19.68 -31.25 -13.50
C CYS J 24 -19.30 -30.43 -12.29
N GLU J 25 -19.08 -31.10 -11.16
CA GLU J 25 -18.76 -30.45 -9.91
C GLU J 25 -17.55 -31.13 -9.29
N GLN J 26 -16.66 -30.35 -8.70
CA GLN J 26 -15.45 -30.91 -8.10
C GLN J 26 -15.11 -30.15 -6.83
N ASN J 27 -14.90 -30.89 -5.74
CA ASN J 27 -14.44 -30.35 -4.47
C ASN J 27 -12.98 -30.75 -4.20
N LEU J 28 -12.18 -30.84 -5.26
CA LEU J 28 -10.76 -31.10 -5.14
C LEU J 28 -9.95 -29.81 -5.03
N ASN J 29 -10.60 -28.65 -5.05
CA ASN J 29 -9.93 -27.36 -4.98
C ASN J 29 -9.02 -27.15 -6.18
N HIS J 30 -9.42 -27.70 -7.33
CA HIS J 30 -8.64 -27.57 -8.56
C HIS J 30 -9.08 -26.32 -9.31
N ASP J 31 -8.10 -25.67 -9.96
CA ASP J 31 -8.37 -24.44 -10.69
C ASP J 31 -8.94 -24.73 -12.07
N ALA J 32 -8.34 -25.69 -12.78
CA ALA J 32 -8.71 -25.95 -14.16
C ALA J 32 -9.74 -27.07 -14.23
N MET J 33 -10.67 -26.92 -15.18
CA MET J 33 -11.66 -27.96 -15.45
C MET J 33 -11.83 -28.08 -16.97
N TYR J 34 -12.08 -29.30 -17.42
CA TYR J 34 -12.08 -29.61 -18.85
C TYR J 34 -13.30 -30.45 -19.19
N TRP J 35 -13.68 -30.39 -20.47
CA TRP J 35 -14.70 -31.25 -21.05
C TRP J 35 -14.13 -31.92 -22.28
N TYR J 36 -14.17 -33.25 -22.30
CA TYR J 36 -13.66 -34.04 -23.40
C TYR J 36 -14.80 -34.81 -24.05
N ARG J 37 -14.59 -35.15 -25.32
CA ARG J 37 -15.52 -35.94 -26.11
C ARG J 37 -14.82 -37.20 -26.60
N GLN J 38 -15.47 -38.36 -26.39
CA GLN J 38 -14.90 -39.63 -26.82
C GLN J 38 -15.76 -40.21 -27.94
N ASP J 39 -15.11 -40.61 -29.03
CA ASP J 39 -15.78 -41.19 -30.17
C ASP J 39 -15.04 -42.45 -30.63
N PRO J 40 -15.75 -43.52 -30.99
CA PRO J 40 -15.06 -44.68 -31.57
C PRO J 40 -14.24 -44.28 -32.78
N GLY J 41 -13.09 -44.92 -32.94
CA GLY J 41 -12.13 -44.54 -33.96
C GLY J 41 -11.38 -43.28 -33.66
N GLN J 42 -11.65 -42.63 -32.53
CA GLN J 42 -10.95 -41.44 -32.11
C GLN J 42 -10.69 -41.54 -30.61
N GLY J 43 -9.71 -40.80 -30.13
CA GLY J 43 -9.44 -40.78 -28.72
C GLY J 43 -10.38 -39.84 -28.01
N LEU J 44 -9.85 -39.08 -27.06
CA LEU J 44 -10.58 -37.99 -26.44
C LEU J 44 -10.19 -36.69 -27.12
N ARG J 45 -11.19 -35.88 -27.43
CA ARG J 45 -10.98 -34.59 -28.07
C ARG J 45 -11.51 -33.49 -27.16
N LEU J 46 -10.66 -32.53 -26.84
CA LEU J 46 -11.04 -31.45 -25.95
C LEU J 46 -12.11 -30.58 -26.60
N ILE J 47 -13.13 -30.25 -25.81
CA ILE J 47 -14.20 -29.35 -26.23
C ILE J 47 -13.89 -27.96 -25.70
N TYR J 48 -13.88 -27.84 -24.37
CA TYR J 48 -13.68 -26.58 -23.67
C TYR J 48 -12.83 -26.83 -22.43
N TYR J 49 -12.17 -25.79 -21.95
CA TYR J 49 -11.60 -25.87 -20.62
C TYR J 49 -11.43 -24.47 -20.04
N SER J 50 -11.41 -24.40 -18.72
CA SER J 50 -11.32 -23.16 -17.97
C SER J 50 -10.21 -23.33 -16.94
N GLN J 51 -9.11 -22.61 -17.12
CA GLN J 51 -8.01 -22.69 -16.16
C GLN J 51 -8.37 -22.05 -14.84
N ILE J 52 -9.27 -21.09 -14.85
CA ILE J 52 -9.68 -20.40 -13.63
C ILE J 52 -11.06 -19.82 -13.86
N VAL J 53 -11.72 -19.39 -12.78
CA VAL J 53 -13.05 -18.82 -12.91
C VAL J 53 -13.02 -17.70 -13.94
N ASN J 54 -14.07 -17.64 -14.77
CA ASN J 54 -14.22 -16.59 -15.79
C ASN J 54 -13.10 -16.64 -16.82
N ASP J 55 -12.55 -17.82 -17.05
CA ASP J 55 -11.60 -18.05 -18.13
C ASP J 55 -12.10 -19.22 -18.96
N PHE J 56 -12.15 -19.05 -20.27
CA PHE J 56 -12.68 -20.07 -21.16
C PHE J 56 -11.77 -20.21 -22.37
N GLN J 57 -11.35 -21.43 -22.67
CA GLN J 57 -10.51 -21.71 -23.81
C GLN J 57 -11.19 -22.77 -24.66
N LYS J 58 -11.40 -22.47 -25.94
CA LYS J 58 -12.08 -23.40 -26.83
C LYS J 58 -11.13 -24.51 -27.28
N GLY J 59 -11.69 -25.71 -27.43
CA GLY J 59 -11.02 -26.77 -28.15
C GLY J 59 -11.32 -26.69 -29.63
N ASP J 60 -10.67 -27.57 -30.39
CA ASP J 60 -10.87 -27.57 -31.84
C ASP J 60 -12.30 -27.93 -32.23
N ILE J 61 -13.07 -28.52 -31.32
CA ILE J 61 -14.42 -28.96 -31.63
C ILE J 61 -15.42 -28.20 -30.75
N ALA J 62 -15.10 -26.95 -30.41
CA ALA J 62 -15.93 -26.22 -29.47
C ALA J 62 -17.28 -25.81 -30.08
N GLU J 63 -17.33 -25.56 -31.39
CA GLU J 63 -18.56 -25.06 -31.99
C GLU J 63 -19.72 -26.02 -31.74
N GLY J 64 -20.88 -25.43 -31.45
CA GLY J 64 -22.04 -26.19 -31.03
C GLY J 64 -22.13 -26.41 -29.54
N TYR J 65 -21.05 -26.16 -28.80
CA TYR J 65 -21.02 -26.30 -27.35
C TYR J 65 -20.82 -24.93 -26.71
N SER J 66 -21.15 -24.86 -25.42
CA SER J 66 -20.90 -23.67 -24.62
C SER J 66 -20.75 -24.10 -23.18
N VAL J 67 -20.02 -23.29 -22.40
CA VAL J 67 -19.72 -23.59 -21.00
C VAL J 67 -19.84 -22.31 -20.18
N SER J 68 -19.87 -22.49 -18.86
CA SER J 68 -19.85 -21.38 -17.93
C SER J 68 -19.02 -21.78 -16.72
N ARG J 69 -18.33 -20.79 -16.15
CA ARG J 69 -17.47 -21.00 -14.99
C ARG J 69 -17.67 -19.82 -14.04
N GLU J 70 -18.87 -19.72 -13.47
CA GLU J 70 -19.15 -18.70 -12.46
C GLU J 70 -18.52 -19.05 -11.12
N LYS J 71 -18.24 -20.31 -10.88
CA LYS J 71 -17.74 -20.79 -9.59
C LYS J 71 -16.61 -21.77 -9.82
N LYS J 72 -15.70 -21.83 -8.86
CA LYS J 72 -14.53 -22.68 -8.96
C LYS J 72 -14.93 -24.15 -9.09
N GLU J 73 -15.98 -24.56 -8.40
CA GLU J 73 -16.31 -25.98 -8.29
C GLU J 73 -17.10 -26.52 -9.47
N SER J 74 -17.73 -25.66 -10.27
CA SER J 74 -18.70 -26.10 -11.26
C SER J 74 -18.25 -25.67 -12.66
N PHE J 75 -18.52 -26.53 -13.65
CA PHE J 75 -18.16 -26.27 -15.04
C PHE J 75 -19.16 -26.99 -15.93
N PRO J 76 -20.41 -26.52 -15.97
CA PRO J 76 -21.41 -27.18 -16.79
C PRO J 76 -21.15 -27.00 -18.27
N LEU J 77 -21.48 -28.05 -19.03
CA LEU J 77 -21.37 -28.06 -20.48
C LEU J 77 -22.75 -28.12 -21.09
N THR J 78 -23.00 -27.29 -22.09
CA THR J 78 -24.25 -27.26 -22.81
C THR J 78 -24.02 -27.75 -24.23
N VAL J 79 -24.82 -28.73 -24.64
CA VAL J 79 -24.81 -29.23 -26.01
C VAL J 79 -25.99 -28.57 -26.70
N THR J 80 -25.71 -27.57 -27.53
CA THR J 80 -26.77 -26.84 -28.19
C THR J 80 -27.32 -27.68 -29.34
N SER J 81 -28.52 -27.30 -29.79
CA SER J 81 -29.09 -27.95 -30.96
C SER J 81 -28.25 -27.72 -32.20
N ALA J 82 -27.37 -26.71 -32.20
CA ALA J 82 -26.52 -26.43 -33.35
C ALA J 82 -25.45 -27.50 -33.55
N GLN J 83 -25.16 -28.29 -32.52
CA GLN J 83 -24.17 -29.35 -32.62
C GLN J 83 -24.73 -30.48 -33.49
N LYS J 84 -24.13 -30.68 -34.67
CA LYS J 84 -24.78 -31.51 -35.68
C LYS J 84 -24.81 -32.98 -35.28
N ASN J 85 -23.70 -33.50 -34.74
CA ASN J 85 -23.57 -34.92 -34.44
C ASN J 85 -23.04 -35.09 -33.01
N PRO J 86 -23.90 -34.90 -32.01
CA PRO J 86 -23.42 -34.91 -30.62
C PRO J 86 -23.43 -36.27 -29.93
N THR J 87 -23.96 -37.32 -30.56
CA THR J 87 -23.98 -38.63 -29.93
C THR J 87 -22.56 -39.06 -29.62
N ALA J 88 -22.20 -39.13 -28.34
CA ALA J 88 -20.84 -39.47 -27.95
C ALA J 88 -20.81 -39.66 -26.44
N PHE J 89 -19.61 -39.91 -25.93
CA PHE J 89 -19.36 -40.06 -24.50
C PHE J 89 -18.57 -38.85 -24.02
N TYR J 90 -19.11 -38.15 -23.04
CA TYR J 90 -18.55 -36.89 -22.56
C TYR J 90 -17.93 -37.09 -21.19
N LEU J 91 -16.70 -36.61 -21.03
CA LEU J 91 -15.93 -36.80 -19.80
C LEU J 91 -15.50 -35.44 -19.27
N CYS J 92 -15.87 -35.15 -18.04
CA CYS J 92 -15.35 -33.98 -17.36
C CYS J 92 -14.01 -34.32 -16.72
N ALA J 93 -13.18 -33.29 -16.57
CA ALA J 93 -11.87 -33.47 -15.96
C ALA J 93 -11.50 -32.21 -15.20
N SER J 94 -10.60 -32.38 -14.25
CA SER J 94 -10.18 -31.29 -13.38
C SER J 94 -8.72 -31.50 -13.01
N SER J 95 -8.00 -30.40 -12.82
CA SER J 95 -6.58 -30.51 -12.52
C SER J 95 -6.05 -29.17 -12.03
N ILE J 96 -4.80 -29.19 -11.59
CA ILE J 96 -4.01 -27.99 -11.36
C ILE J 96 -2.74 -28.17 -12.19
N GLY J 97 -2.76 -27.66 -13.42
CA GLY J 97 -1.70 -27.98 -14.36
C GLY J 97 -1.87 -29.40 -14.86
N VAL J 98 -0.81 -30.20 -14.77
CA VAL J 98 -0.86 -31.61 -15.16
C VAL J 98 -0.97 -32.52 -13.95
N TYR J 99 -1.11 -31.96 -12.75
CA TYR J 99 -1.19 -32.76 -11.54
C TYR J 99 -2.62 -32.86 -11.03
N GLY J 100 -2.89 -33.95 -10.32
CA GLY J 100 -4.24 -34.23 -9.84
C GLY J 100 -5.25 -34.42 -10.95
N TYR J 101 -4.79 -34.73 -12.16
CA TYR J 101 -5.71 -34.91 -13.27
C TYR J 101 -6.66 -36.05 -12.95
N THR J 102 -7.96 -35.72 -12.84
CA THR J 102 -8.98 -36.70 -12.56
C THR J 102 -10.15 -36.49 -13.51
N PHE J 103 -10.74 -37.60 -13.95
CA PHE J 103 -11.91 -37.56 -14.83
C PHE J 103 -13.16 -37.96 -14.05
N GLY J 104 -14.30 -37.44 -14.50
CA GLY J 104 -15.57 -37.81 -13.93
C GLY J 104 -16.06 -39.15 -14.45
N SER J 105 -17.20 -39.59 -13.90
CA SER J 105 -17.79 -40.86 -14.30
C SER J 105 -18.06 -40.91 -15.80
N GLY J 106 -18.43 -39.79 -16.40
CA GLY J 106 -18.73 -39.75 -17.81
C GLY J 106 -20.22 -39.69 -18.09
N THR J 107 -20.56 -39.21 -19.27
CA THR J 107 -21.95 -39.05 -19.69
C THR J 107 -22.09 -39.59 -21.11
N ARG J 108 -23.17 -40.31 -21.33
CA ARG J 108 -23.50 -40.84 -22.65
C ARG J 108 -24.74 -40.13 -23.16
N LEU J 109 -24.63 -39.47 -24.30
CA LEU J 109 -25.71 -38.68 -24.86
C LEU J 109 -26.09 -39.29 -26.21
N THR J 110 -27.39 -39.45 -26.43
CA THR J 110 -27.92 -40.02 -27.66
C THR J 110 -28.93 -39.06 -28.27
N VAL J 111 -28.96 -39.01 -29.60
CA VAL J 111 -29.93 -38.21 -30.33
C VAL J 111 -31.07 -39.13 -30.76
N VAL J 112 -32.27 -38.85 -30.25
CA VAL J 112 -33.47 -39.62 -30.59
C VAL J 112 -34.32 -38.73 -31.48
N GLU J 113 -34.39 -39.05 -32.77
CA GLU J 113 -35.17 -38.24 -33.69
C GLU J 113 -36.66 -38.43 -33.48
N ASP J 114 -37.08 -39.61 -33.05
CA ASP J 114 -38.47 -39.91 -32.75
C ASP J 114 -38.54 -40.66 -31.43
N LEU J 115 -39.42 -40.21 -30.53
CA LEU J 115 -39.51 -40.80 -29.20
C LEU J 115 -40.31 -42.09 -29.17
N LYS J 116 -41.16 -42.33 -30.18
CA LYS J 116 -41.91 -43.57 -30.21
C LYS J 116 -41.00 -44.80 -30.22
N ASN J 117 -39.75 -44.62 -30.65
CA ASN J 117 -38.79 -45.73 -30.73
C ASN J 117 -38.33 -46.20 -29.36
N VAL J 118 -38.55 -45.42 -28.30
CA VAL J 118 -38.06 -45.78 -26.98
C VAL J 118 -38.86 -46.94 -26.43
N PHE J 119 -38.16 -47.89 -25.80
CA PHE J 119 -38.79 -49.05 -25.18
C PHE J 119 -37.95 -49.47 -23.99
N PRO J 120 -38.56 -49.87 -22.88
CA PRO J 120 -37.80 -50.40 -21.76
C PRO J 120 -37.47 -51.87 -21.96
N PRO J 121 -36.58 -52.44 -21.15
CA PRO J 121 -36.21 -53.84 -21.33
C PRO J 121 -37.17 -54.80 -20.64
N GLU J 122 -37.47 -55.89 -21.33
CA GLU J 122 -38.13 -57.03 -20.71
C GLU J 122 -37.05 -57.96 -20.19
N VAL J 123 -37.13 -58.30 -18.90
CA VAL J 123 -36.11 -59.08 -18.22
C VAL J 123 -36.66 -60.46 -17.90
N ALA J 124 -35.82 -61.49 -18.08
CA ALA J 124 -36.19 -62.85 -17.81
C ALA J 124 -34.98 -63.61 -17.30
N VAL J 125 -35.19 -64.43 -16.28
CA VAL J 125 -34.15 -65.32 -15.75
C VAL J 125 -34.43 -66.73 -16.25
N PHE J 126 -33.37 -67.51 -16.42
CA PHE J 126 -33.46 -68.89 -16.87
C PHE J 126 -32.72 -69.76 -15.88
N GLU J 127 -33.42 -70.73 -15.30
CA GLU J 127 -32.83 -71.54 -14.25
C GLU J 127 -31.78 -72.48 -14.83
N PRO J 128 -30.75 -72.83 -14.06
CA PRO J 128 -29.67 -73.67 -14.60
C PRO J 128 -30.18 -75.06 -14.96
N SER J 129 -29.57 -75.63 -15.99
CA SER J 129 -29.93 -76.98 -16.40
C SER J 129 -29.40 -77.99 -15.40
N GLU J 130 -30.24 -78.98 -15.05
CA GLU J 130 -29.80 -80.05 -14.16
C GLU J 130 -28.74 -80.92 -14.82
N ALA J 131 -28.62 -80.88 -16.14
CA ALA J 131 -27.55 -81.60 -16.82
C ALA J 131 -26.18 -81.02 -16.44
N GLU J 132 -26.05 -79.70 -16.47
CA GLU J 132 -24.81 -79.07 -16.03
C GLU J 132 -24.52 -79.39 -14.58
N ILE J 133 -25.54 -79.30 -13.71
CA ILE J 133 -25.32 -79.49 -12.28
C ILE J 133 -24.74 -80.87 -12.00
N SER J 134 -25.25 -81.90 -12.68
CA SER J 134 -24.72 -83.25 -12.45
C SER J 134 -23.33 -83.41 -13.05
N HIS J 135 -23.04 -82.70 -14.13
CA HIS J 135 -21.76 -82.87 -14.82
C HIS J 135 -20.64 -82.07 -14.14
N THR J 136 -20.92 -80.81 -13.80
CA THR J 136 -19.89 -79.92 -13.27
C THR J 136 -20.09 -79.56 -11.80
N GLN J 137 -21.22 -79.92 -11.20
CA GLN J 137 -21.56 -79.49 -9.85
C GLN J 137 -21.53 -77.96 -9.73
N LYS J 138 -21.85 -77.27 -10.82
CA LYS J 138 -21.96 -75.82 -10.83
C LYS J 138 -23.23 -75.43 -11.58
N ALA J 139 -23.81 -74.30 -11.17
CA ALA J 139 -25.10 -73.86 -11.69
C ALA J 139 -24.98 -72.42 -12.17
N THR J 140 -25.27 -72.20 -13.45
CA THR J 140 -25.25 -70.86 -14.02
C THR J 140 -26.68 -70.43 -14.34
N LEU J 141 -27.05 -69.25 -13.86
CA LEU J 141 -28.31 -68.61 -14.21
C LEU J 141 -28.05 -67.62 -15.34
N VAL J 142 -29.00 -67.52 -16.27
CA VAL J 142 -28.90 -66.62 -17.41
C VAL J 142 -30.05 -65.62 -17.35
N CYS J 143 -29.71 -64.35 -17.48
CA CYS J 143 -30.69 -63.26 -17.50
C CYS J 143 -30.67 -62.61 -18.87
N LEU J 144 -31.85 -62.37 -19.43
CA LEU J 144 -31.99 -61.76 -20.75
C LEU J 144 -32.82 -60.49 -20.64
N ALA J 145 -32.20 -59.36 -21.01
CA ALA J 145 -32.90 -58.10 -21.19
C ALA J 145 -33.02 -57.85 -22.69
N THR J 146 -34.25 -57.77 -23.20
CA THR J 146 -34.48 -57.75 -24.64
C THR J 146 -35.41 -56.60 -25.00
N GLY J 147 -35.23 -56.10 -26.23
CA GLY J 147 -36.12 -55.12 -26.81
C GLY J 147 -36.19 -53.79 -26.08
N PHE J 148 -35.05 -53.21 -25.74
CA PHE J 148 -34.99 -51.91 -25.09
C PHE J 148 -34.28 -50.92 -26.02
N TYR J 149 -34.75 -49.68 -25.99
CA TYR J 149 -34.14 -48.59 -26.74
C TYR J 149 -34.32 -47.30 -25.96
N PRO J 150 -33.27 -46.47 -25.87
CA PRO J 150 -31.93 -46.65 -26.43
C PRO J 150 -31.07 -47.60 -25.61
N ASP J 151 -29.78 -47.67 -25.93
CA ASP J 151 -28.85 -48.58 -25.26
C ASP J 151 -28.32 -47.95 -23.96
N HIS J 152 -29.25 -47.68 -23.04
CA HIS J 152 -28.94 -47.08 -21.75
C HIS J 152 -29.46 -48.02 -20.66
N VAL J 153 -28.63 -48.97 -20.25
CA VAL J 153 -29.03 -49.97 -19.27
C VAL J 153 -27.86 -50.27 -18.34
N GLU J 154 -28.20 -50.71 -17.12
CA GLU J 154 -27.23 -51.21 -16.15
C GLU J 154 -27.80 -52.46 -15.50
N LEU J 155 -27.09 -53.57 -15.65
CA LEU J 155 -27.55 -54.87 -15.15
C LEU J 155 -26.74 -55.27 -13.93
N SER J 156 -27.42 -55.74 -12.90
CA SER J 156 -26.76 -56.21 -11.68
C SER J 156 -27.42 -57.50 -11.21
N TRP J 157 -26.66 -58.27 -10.45
CA TRP J 157 -27.16 -59.49 -9.82
C TRP J 157 -27.27 -59.28 -8.32
N TRP J 158 -28.39 -59.70 -7.76
CA TRP J 158 -28.63 -59.62 -6.32
C TRP J 158 -28.99 -61.00 -5.80
N VAL J 159 -28.23 -61.47 -4.82
CA VAL J 159 -28.43 -62.79 -4.21
C VAL J 159 -28.78 -62.56 -2.75
N ASN J 160 -29.96 -63.04 -2.34
CA ASN J 160 -30.43 -62.90 -0.97
C ASN J 160 -30.50 -61.44 -0.53
N GLY J 161 -30.78 -60.55 -1.49
CA GLY J 161 -30.96 -59.14 -1.18
C GLY J 161 -29.70 -58.30 -1.21
N LYS J 162 -28.55 -58.89 -1.49
CA LYS J 162 -27.28 -58.17 -1.51
C LYS J 162 -26.63 -58.33 -2.88
N GLU J 163 -26.05 -57.25 -3.38
CA GLU J 163 -25.45 -57.27 -4.71
C GLU J 163 -24.22 -58.15 -4.73
N VAL J 164 -24.03 -58.87 -5.84
CA VAL J 164 -22.92 -59.81 -6.00
C VAL J 164 -22.19 -59.50 -7.30
N HIS J 165 -20.88 -59.69 -7.28
CA HIS J 165 -20.03 -59.55 -8.46
C HIS J 165 -19.17 -60.76 -8.76
N SER J 166 -18.96 -61.67 -7.81
CA SER J 166 -18.21 -62.88 -8.07
C SER J 166 -19.07 -63.87 -8.83
N GLY J 167 -18.45 -64.56 -9.79
CA GLY J 167 -19.17 -65.51 -10.61
C GLY J 167 -20.13 -64.88 -11.58
N VAL J 168 -19.96 -63.61 -11.90
CA VAL J 168 -20.87 -62.88 -12.78
C VAL J 168 -20.12 -62.49 -14.04
N CYS J 169 -20.85 -62.51 -15.16
CA CYS J 169 -20.34 -62.00 -16.43
C CYS J 169 -21.50 -61.42 -17.21
N THR J 170 -21.36 -60.17 -17.65
CA THR J 170 -22.35 -59.52 -18.50
C THR J 170 -21.68 -59.15 -19.82
N ASP J 171 -22.44 -59.26 -20.91
CA ASP J 171 -21.89 -58.97 -22.22
C ASP J 171 -21.25 -57.58 -22.24
N PRO J 172 -20.03 -57.44 -22.78
CA PRO J 172 -19.42 -56.11 -22.83
C PRO J 172 -20.25 -55.09 -23.59
N GLN J 173 -21.00 -55.54 -24.60
CA GLN J 173 -21.80 -54.65 -25.41
C GLN J 173 -23.10 -55.36 -25.78
N PRO J 174 -24.22 -54.63 -25.87
CA PRO J 174 -25.49 -55.29 -26.19
C PRO J 174 -25.55 -55.78 -27.62
N LEU J 175 -26.66 -56.41 -27.98
CA LEU J 175 -26.85 -57.02 -29.28
C LEU J 175 -28.05 -56.35 -29.95
N LYS J 176 -27.92 -56.04 -31.24
CA LYS J 176 -29.00 -55.41 -32.00
C LYS J 176 -29.93 -56.49 -32.54
N GLU J 177 -31.19 -56.45 -32.10
CA GLU J 177 -32.14 -57.46 -32.54
C GLU J 177 -32.40 -57.37 -34.04
N GLN J 178 -32.46 -56.15 -34.58
CA GLN J 178 -32.67 -55.92 -36.01
C GLN J 178 -31.61 -54.95 -36.51
N PRO J 179 -30.47 -55.46 -36.98
CA PRO J 179 -29.40 -54.55 -37.42
C PRO J 179 -29.78 -53.73 -38.64
N ALA J 180 -30.57 -54.29 -39.56
CA ALA J 180 -30.89 -53.59 -40.79
C ALA J 180 -31.53 -52.22 -40.51
N LEU J 181 -32.39 -52.16 -39.50
CA LEU J 181 -33.12 -50.93 -39.22
C LEU J 181 -32.19 -49.84 -38.69
N ASN J 182 -32.39 -48.62 -39.19
CA ASN J 182 -31.66 -47.47 -38.66
C ASN J 182 -31.74 -47.43 -37.13
N ASP J 183 -32.96 -47.45 -36.60
CA ASP J 183 -33.20 -47.54 -35.16
C ASP J 183 -33.54 -48.99 -34.83
N SER J 184 -32.73 -49.61 -33.98
CA SER J 184 -32.92 -51.01 -33.62
C SER J 184 -32.92 -51.16 -32.11
N ARG J 185 -33.82 -52.00 -31.62
CA ARG J 185 -33.89 -52.32 -30.20
C ARG J 185 -32.79 -53.32 -29.83
N TYR J 186 -32.35 -53.25 -28.57
CA TYR J 186 -31.16 -53.96 -28.13
C TYR J 186 -31.52 -55.10 -27.18
N ALA J 187 -30.58 -56.03 -27.05
CA ALA J 187 -30.72 -57.16 -26.13
C ALA J 187 -29.38 -57.38 -25.41
N LEU J 188 -29.47 -57.79 -24.16
CA LEU J 188 -28.29 -58.02 -23.32
C LEU J 188 -28.48 -59.28 -22.50
N SER J 189 -27.39 -60.01 -22.29
CA SER J 189 -27.41 -61.22 -21.48
C SER J 189 -26.36 -61.13 -20.39
N SER J 190 -26.64 -61.79 -19.27
CA SER J 190 -25.70 -61.90 -18.15
C SER J 190 -25.83 -63.28 -17.53
N ARG J 191 -24.76 -63.71 -16.86
CA ARG J 191 -24.70 -65.03 -16.27
C ARG J 191 -24.19 -64.95 -14.84
N LEU J 192 -24.77 -65.77 -13.97
CA LEU J 192 -24.36 -65.87 -12.57
C LEU J 192 -24.14 -67.35 -12.25
N ARG J 193 -22.94 -67.70 -11.82
CA ARG J 193 -22.59 -69.08 -11.51
C ARG J 193 -22.25 -69.23 -10.04
N VAL J 194 -22.85 -70.23 -9.40
CA VAL J 194 -22.57 -70.57 -8.01
C VAL J 194 -22.39 -72.08 -7.92
N SER J 195 -21.86 -72.54 -6.78
CA SER J 195 -21.73 -73.96 -6.56
C SER J 195 -23.10 -74.62 -6.55
N ALA J 196 -23.12 -75.91 -6.92
CA ALA J 196 -24.38 -76.64 -6.95
C ALA J 196 -25.09 -76.55 -5.59
N THR J 197 -24.35 -76.82 -4.52
CA THR J 197 -24.95 -76.80 -3.18
C THR J 197 -25.61 -75.46 -2.89
N PHE J 198 -25.08 -74.37 -3.47
CA PHE J 198 -25.68 -73.06 -3.24
C PHE J 198 -27.04 -72.95 -3.92
N TRP J 199 -27.16 -73.48 -5.14
CA TRP J 199 -28.44 -73.42 -5.85
C TRP J 199 -29.44 -74.42 -5.28
N GLN J 200 -28.97 -75.59 -4.84
CA GLN J 200 -29.87 -76.60 -4.32
C GLN J 200 -30.60 -76.11 -3.08
N ASN J 201 -29.99 -75.19 -2.33
CA ASN J 201 -30.66 -74.61 -1.17
C ASN J 201 -31.80 -73.71 -1.62
N PRO J 202 -33.03 -73.91 -1.15
CA PRO J 202 -34.14 -73.05 -1.56
C PRO J 202 -34.28 -71.77 -0.76
N ARG J 203 -33.57 -71.64 0.37
CA ARG J 203 -33.52 -70.36 1.08
C ARG J 203 -32.83 -69.28 0.27
N ASN J 204 -32.00 -69.66 -0.70
CA ASN J 204 -31.26 -68.69 -1.50
C ASN J 204 -32.17 -68.09 -2.57
N HIS J 205 -32.16 -66.76 -2.65
CA HIS J 205 -32.99 -66.02 -3.59
C HIS J 205 -32.10 -65.27 -4.57
N PHE J 206 -32.42 -65.37 -5.86
CA PHE J 206 -31.64 -64.76 -6.92
C PHE J 206 -32.50 -63.77 -7.70
N ARG J 207 -31.93 -62.60 -7.99
CA ARG J 207 -32.64 -61.52 -8.65
C ARG J 207 -31.74 -60.87 -9.67
N CYS J 208 -32.27 -60.64 -10.88
CA CYS J 208 -31.55 -59.96 -11.95
C CYS J 208 -32.20 -58.60 -12.18
N GLN J 209 -31.45 -57.54 -11.91
CA GLN J 209 -31.94 -56.17 -11.99
C GLN J 209 -31.37 -55.46 -13.21
N VAL J 210 -32.24 -54.79 -13.95
CA VAL J 210 -31.82 -53.97 -15.10
C VAL J 210 -32.39 -52.56 -14.88
N GLN J 211 -31.50 -51.58 -14.78
CA GLN J 211 -31.87 -50.18 -14.65
C GLN J 211 -31.94 -49.56 -16.04
N PHE J 212 -33.13 -49.11 -16.43
CA PHE J 212 -33.35 -48.49 -17.73
C PHE J 212 -33.45 -46.98 -17.58
N TYR J 213 -32.83 -46.25 -18.50
CA TYR J 213 -32.86 -44.79 -18.53
C TYR J 213 -33.61 -44.35 -19.78
N GLY J 214 -34.83 -43.85 -19.61
CA GLY J 214 -35.67 -43.49 -20.74
C GLY J 214 -36.29 -42.11 -20.57
N LEU J 215 -37.58 -42.03 -20.92
CA LEU J 215 -38.28 -40.76 -20.98
C LEU J 215 -38.45 -40.14 -19.58
N SER J 216 -38.73 -38.85 -19.57
CA SER J 216 -38.96 -38.11 -18.33
C SER J 216 -40.30 -37.42 -18.39
N GLU J 217 -40.68 -36.81 -17.26
CA GLU J 217 -41.95 -36.09 -17.19
C GLU J 217 -41.99 -34.90 -18.16
N ASN J 218 -40.84 -34.30 -18.43
CA ASN J 218 -40.79 -33.18 -19.38
C ASN J 218 -41.23 -33.61 -20.77
N ASP J 219 -40.93 -34.84 -21.17
CA ASP J 219 -41.28 -35.32 -22.49
C ASP J 219 -42.77 -35.64 -22.56
N GLU J 220 -43.30 -35.68 -23.79
CA GLU J 220 -44.71 -35.90 -24.04
C GLU J 220 -44.89 -37.26 -24.71
N TRP J 221 -45.83 -38.05 -24.19
CA TRP J 221 -46.11 -39.38 -24.70
C TRP J 221 -47.50 -39.36 -25.33
N THR J 222 -47.55 -39.55 -26.65
CA THR J 222 -48.78 -39.52 -27.42
C THR J 222 -49.36 -40.90 -27.68
N GLN J 223 -48.63 -41.96 -27.35
CA GLN J 223 -49.02 -43.31 -27.75
C GLN J 223 -49.85 -43.97 -26.64
N ASP J 224 -50.60 -44.99 -27.06
CA ASP J 224 -51.44 -45.74 -26.13
C ASP J 224 -50.59 -46.52 -25.14
N ARG J 225 -49.51 -47.13 -25.63
CA ARG J 225 -48.67 -47.98 -24.78
C ARG J 225 -48.06 -47.17 -23.64
N ALA J 226 -47.79 -47.86 -22.53
CA ALA J 226 -47.31 -47.22 -21.32
C ALA J 226 -46.04 -46.43 -21.57
N LYS J 227 -45.85 -45.37 -20.78
CA LYS J 227 -44.74 -44.46 -20.95
C LYS J 227 -43.42 -45.18 -20.74
N PRO J 228 -42.33 -45.01 -21.73
CA PRO J 228 -41.00 -45.61 -21.50
C PRO J 228 -40.16 -44.77 -20.54
N VAL J 229 -40.51 -44.83 -19.26
CA VAL J 229 -39.88 -43.97 -18.26
C VAL J 229 -38.62 -44.67 -17.75
N THR J 230 -37.77 -43.93 -17.05
CA THR J 230 -36.66 -44.52 -16.34
C THR J 230 -37.19 -45.41 -15.21
N GLN J 231 -36.90 -46.70 -15.30
CA GLN J 231 -37.44 -47.67 -14.36
C GLN J 231 -36.48 -48.84 -14.22
N ILE J 232 -36.77 -49.70 -13.26
CA ILE J 232 -36.02 -50.94 -13.04
C ILE J 232 -36.94 -52.10 -13.34
N VAL J 233 -36.55 -52.92 -14.32
CA VAL J 233 -37.26 -54.15 -14.64
C VAL J 233 -36.44 -55.31 -14.09
N SER J 234 -37.10 -56.18 -13.33
CA SER J 234 -36.41 -57.23 -12.60
C SER J 234 -37.04 -58.58 -12.87
N ALA J 235 -36.23 -59.63 -12.79
CA ALA J 235 -36.68 -61.01 -12.83
C ALA J 235 -35.90 -61.81 -11.81
N GLU J 236 -36.56 -62.74 -11.14
CA GLU J 236 -35.98 -63.46 -10.02
C GLU J 236 -36.20 -64.96 -10.20
N ALA J 237 -35.45 -65.74 -9.40
CA ALA J 237 -35.56 -67.18 -9.42
C ALA J 237 -35.30 -67.70 -8.00
N TRP J 238 -35.81 -68.90 -7.75
CA TRP J 238 -35.73 -69.52 -6.44
C TRP J 238 -35.01 -70.86 -6.50
N GLY J 239 -34.26 -71.16 -5.44
CA GLY J 239 -33.57 -72.43 -5.37
C GLY J 239 -34.53 -73.60 -5.42
N ARG J 240 -34.01 -74.74 -5.89
CA ARG J 240 -34.81 -75.95 -6.03
C ARG J 240 -33.97 -77.17 -5.67
N ALA J 241 -34.63 -78.17 -5.11
CA ALA J 241 -33.96 -79.40 -4.68
C ALA J 241 -33.83 -80.38 -5.84
O20 EDT K . -1.90 26.25 -5.36
C5 EDT K . -1.18 26.90 -4.57
O19 EDT K . -1.14 28.17 -4.62
C4 EDT K . -0.32 26.15 -3.54
N3 EDT K . -0.17 24.74 -3.96
C2 EDT K . -0.62 23.85 -2.91
C1 EDT K . -2.15 23.89 -2.84
O18 EDT K . -2.79 24.76 -3.49
O17 EDT K . -2.75 23.05 -2.13
C6 EDT K . 1.25 24.47 -4.27
C7 EDT K . 1.66 25.26 -5.53
N8 EDT K . 2.85 24.60 -6.10
C9 EDT K . 2.49 23.86 -7.32
C10 EDT K . 1.52 22.73 -6.91
O16 EDT K . 1.89 21.88 -6.06
O15 EDT K . 0.36 22.68 -7.38
C11 EDT K . 4.11 25.34 -6.17
C12 EDT K . 3.95 26.87 -6.27
O13 EDT K . 4.24 27.59 -5.27
O14 EDT K . 3.53 27.40 -7.33
H041 EDT K . 0.56 26.56 -3.49
H042 EDT K . -0.76 26.18 -2.67
H021 EDT K . -0.25 24.13 -2.05
H022 EDT K . -0.32 22.94 -3.10
H061 EDT K . 1.35 23.51 -4.43
H062 EDT K . 1.80 24.74 -3.52
H071 EDT K . 1.88 26.17 -5.28
H072 EDT K . 0.94 25.25 -6.17
H091 EDT K . 3.28 23.48 -7.72
H092 EDT K . 2.05 24.46 -7.94
H111 EDT K . 4.64 25.14 -5.39
H112 EDT K . 4.60 25.04 -6.96
O20 EDT L . -21.58 -22.85 -29.51
C5 EDT L . -21.57 -21.61 -29.27
O19 EDT L . -22.32 -20.83 -29.91
C4 EDT L . -20.66 -21.05 -28.16
N3 EDT L . -20.55 -19.58 -28.28
C2 EDT L . -19.28 -19.16 -28.87
C1 EDT L . -19.47 -18.99 -30.39
O18 EDT L . -18.66 -18.27 -31.03
O17 EDT L . -20.42 -19.58 -30.98
C6 EDT L . -20.67 -18.97 -26.94
C7 EDT L . -22.11 -19.16 -26.44
N8 EDT L . -22.33 -18.24 -25.31
C9 EDT L . -23.77 -18.06 -25.16
C10 EDT L . -24.30 -17.29 -26.38
O16 EDT L . -25.50 -17.44 -26.75
O15 EDT L . -23.50 -16.56 -27.00
C11 EDT L . -21.79 -18.90 -24.12
C12 EDT L . -21.64 -17.95 -22.93
O13 EDT L . -21.57 -16.70 -23.06
O14 EDT L . -21.58 -18.48 -21.79
H041 EDT L . -19.78 -21.44 -28.26
H042 EDT L . -21.02 -21.28 -27.30
H021 EDT L . -18.60 -19.83 -28.70
H022 EDT L . -19.00 -18.31 -28.48
H061 EDT L . -20.46 -18.02 -27.00
H062 EDT L . -20.05 -19.40 -26.33
H071 EDT L . -22.73 -18.95 -27.16
H072 EDT L . -22.23 -20.08 -26.14
H091 EDT L . -23.95 -17.54 -24.35
H092 EDT L . -24.20 -18.92 -25.10
H111 EDT L . -20.92 -19.28 -24.34
H112 EDT L . -22.39 -19.62 -23.88
#